data_3GG2
#
_entry.id   3GG2
#
_cell.length_a   82.365
_cell.length_b   143.489
_cell.length_c   85.501
_cell.angle_alpha   90.000
_cell.angle_beta   112.460
_cell.angle_gamma   90.000
#
_symmetry.space_group_name_H-M   'P 1 21 1'
#
loop_
_entity.id
_entity.type
_entity.pdbx_description
1 polymer 'Sugar dehydrogenase, UDP-glucose/GDP-mannose dehydrogenase family'
2 non-polymer "URIDINE-5'-DIPHOSPHATE-GLUCURONIC ACID"
3 water water
#
_entity_poly.entity_id   1
_entity_poly.type   'polypeptide(L)'
_entity_poly.pdbx_seq_one_letter_code
;MSLDIAVVGIGYVGLVSATCFAELGANVRCIDTDRNKIEQLNSGTIPIYEPGLEKMIARNVKAGRLRFGTEIEQAVPEAD
IIFIAVGTPAGEDGSADMSYVLDAARSIGRAMSRYILIVTKSTVPVGSYRLIRKAIQEELDKREVLIDFDIASNPEFLKE
GNAIDDFMKPDRVVVGVDSDRARELITSLYKPMLLNNFRVLFMDIASAEMTKYAANAMLATRISFMNDVANLCERVGADV
SMVRLGIGSDSRIGSKFLYPGCGYGGSCFPKDVKALIRTAEDNGYRMEVLEAVERVNEKQKSILFDKFSTYYKGNVQGRC
VAIWGLSFKPGTDDMREAPSLVLIEKLLEVGCRVRVYDPVAMKEAQKRLGDKVEYTTDMYDAVRGAEALFHVTEWKEFRM
PDWSALSQAMAASLVIDGRNVYELPADSDFTLLNIGNSAIESEGHHHHHH
;
_entity_poly.pdbx_strand_id   A,B,C,D
#
# COMPACT_ATOMS: atom_id res chain seq x y z
N SER A 2 34.82 8.38 0.04
CA SER A 2 33.78 8.04 -0.98
C SER A 2 33.85 6.54 -1.33
N LEU A 3 33.54 6.18 -2.58
CA LEU A 3 33.85 4.85 -3.09
C LEU A 3 34.33 5.03 -4.50
N ASP A 4 35.21 4.15 -4.92
CA ASP A 4 35.57 4.07 -6.30
C ASP A 4 34.89 2.82 -6.81
N ILE A 5 34.09 2.97 -7.85
CA ILE A 5 33.29 1.86 -8.32
C ILE A 5 33.57 1.68 -9.81
N ALA A 6 33.63 0.43 -10.24
CA ALA A 6 33.72 0.11 -11.68
C ALA A 6 32.44 -0.62 -12.03
N VAL A 7 31.93 -0.39 -13.25
CA VAL A 7 30.76 -1.13 -13.74
C VAL A 7 31.14 -1.64 -15.13
N VAL A 8 30.98 -2.92 -15.34
CA VAL A 8 31.19 -3.50 -16.64
C VAL A 8 29.85 -3.71 -17.34
N GLY A 9 29.69 -3.05 -18.48
CA GLY A 9 28.51 -3.21 -19.33
C GLY A 9 27.86 -1.87 -19.58
N ILE A 10 27.45 -1.64 -20.83
CA ILE A 10 26.69 -0.41 -21.17
C ILE A 10 25.27 -0.67 -21.69
N GLY A 11 24.73 -1.85 -21.39
CA GLY A 11 23.28 -2.07 -21.49
C GLY A 11 22.57 -1.12 -20.53
N TYR A 12 21.25 -1.19 -20.44
CA TYR A 12 20.47 -0.35 -19.55
CA TYR A 12 20.55 -0.26 -19.59
C TYR A 12 20.97 -0.46 -18.12
N VAL A 13 21.13 -1.72 -17.70
CA VAL A 13 21.52 -2.02 -16.34
C VAL A 13 22.86 -1.39 -15.97
N GLY A 14 23.91 -1.66 -16.76
CA GLY A 14 25.25 -1.09 -16.44
C GLY A 14 25.29 0.41 -16.55
N LEU A 15 24.67 0.93 -17.60
CA LEU A 15 24.75 2.36 -17.86
C LEU A 15 23.99 3.17 -16.80
N VAL A 16 22.78 2.71 -16.48
CA VAL A 16 21.94 3.36 -15.49
C VAL A 16 22.60 3.25 -14.11
N SER A 17 23.06 2.04 -13.75
CA SER A 17 23.68 1.88 -12.43
CA SER A 17 23.73 1.84 -12.44
C SER A 17 24.95 2.73 -12.28
N ALA A 18 25.82 2.71 -13.29
CA ALA A 18 27.06 3.52 -13.23
C ALA A 18 26.73 5.00 -13.11
N THR A 19 25.73 5.43 -13.89
CA THR A 19 25.38 6.86 -13.88
C THR A 19 24.78 7.31 -12.55
N CYS A 20 23.94 6.48 -11.98
CA CYS A 20 23.28 6.81 -10.71
C CYS A 20 24.25 6.83 -9.54
N PHE A 21 25.20 5.88 -9.51
CA PHE A 21 26.24 5.90 -8.49
C PHE A 21 27.08 7.17 -8.58
N ALA A 22 27.39 7.60 -9.80
CA ALA A 22 28.12 8.87 -9.98
C ALA A 22 27.32 10.06 -9.47
N GLU A 23 26.02 10.08 -9.77
CA GLU A 23 25.08 11.13 -9.37
C GLU A 23 25.05 11.21 -7.84
N LEU A 24 25.26 10.06 -7.19
CA LEU A 24 25.28 9.97 -5.71
C LEU A 24 26.60 10.35 -5.05
N GLY A 25 27.60 10.69 -5.86
CA GLY A 25 28.87 11.17 -5.30
C GLY A 25 30.03 10.23 -5.47
N ALA A 26 29.80 9.04 -6.04
CA ALA A 26 30.91 8.07 -6.16
C ALA A 26 31.72 8.46 -7.38
N ASN A 27 32.99 8.04 -7.36
CA ASN A 27 33.83 8.08 -8.54
CA ASN A 27 33.82 8.07 -8.56
C ASN A 27 33.61 6.76 -9.29
N VAL A 28 33.16 6.85 -10.53
CA VAL A 28 32.77 5.64 -11.26
C VAL A 28 33.46 5.55 -12.62
N ARG A 29 33.91 4.33 -12.94
CA ARG A 29 34.36 4.00 -14.27
C ARG A 29 33.44 2.93 -14.87
N CYS A 30 32.88 3.22 -16.04
CA CYS A 30 31.98 2.30 -16.71
C CYS A 30 32.69 1.79 -17.97
N ILE A 31 32.82 0.46 -18.08
CA ILE A 31 33.66 -0.20 -19.10
C ILE A 31 32.85 -1.06 -20.02
N ASP A 32 33.20 -1.02 -21.32
CA ASP A 32 32.62 -1.95 -22.29
C ASP A 32 33.60 -2.21 -23.42
N THR A 33 33.41 -3.33 -24.11
CA THR A 33 34.29 -3.71 -25.23
C THR A 33 34.06 -2.85 -26.49
N ASP A 34 32.89 -2.22 -26.59
CA ASP A 34 32.49 -1.45 -27.78
C ASP A 34 33.10 -0.04 -27.74
N ARG A 35 34.24 0.11 -28.41
CA ARG A 35 35.03 1.34 -28.36
C ARG A 35 34.28 2.54 -28.96
N ASN A 36 33.53 2.28 -30.03
CA ASN A 36 32.74 3.29 -30.71
C ASN A 36 31.70 3.90 -29.75
N LYS A 37 30.92 3.04 -29.11
CA LYS A 37 29.89 3.49 -28.18
C LYS A 37 30.49 4.16 -26.95
N ILE A 38 31.57 3.59 -26.44
CA ILE A 38 32.30 4.19 -25.31
C ILE A 38 32.70 5.64 -25.62
N GLU A 39 33.27 5.88 -26.81
CA GLU A 39 33.71 7.24 -27.18
C GLU A 39 32.50 8.17 -27.29
N GLN A 40 31.41 7.66 -27.88
CA GLN A 40 30.16 8.41 -28.03
C GLN A 40 29.49 8.75 -26.71
N LEU A 41 29.60 7.85 -25.74
CA LEU A 41 29.02 8.08 -24.42
C LEU A 41 29.81 9.19 -23.75
N ASN A 42 31.13 9.09 -23.82
CA ASN A 42 32.05 10.11 -23.34
C ASN A 42 31.72 11.46 -24.00
N SER A 43 31.44 11.46 -25.31
CA SER A 43 31.26 12.71 -26.05
C SER A 43 29.86 13.27 -25.97
N GLY A 44 28.87 12.42 -25.70
CA GLY A 44 27.48 12.88 -25.67
C GLY A 44 26.89 12.94 -27.08
N THR A 45 27.40 12.07 -27.95
CA THR A 45 26.96 12.01 -29.34
C THR A 45 26.10 10.76 -29.70
N ILE A 46 25.53 10.12 -28.68
CA ILE A 46 24.66 8.97 -28.94
C ILE A 46 23.22 9.29 -28.48
N PRO A 47 22.21 9.05 -29.36
CA PRO A 47 20.83 9.27 -28.95
C PRO A 47 20.45 8.29 -27.86
N ILE A 48 19.86 8.83 -26.80
CA ILE A 48 19.48 8.07 -25.62
C ILE A 48 18.04 8.43 -25.27
N TYR A 49 17.16 7.43 -25.27
CA TYR A 49 15.72 7.65 -25.07
C TYR A 49 15.23 7.32 -23.66
N GLU A 50 16.10 6.69 -22.87
CA GLU A 50 15.79 6.47 -21.44
C GLU A 50 15.60 7.84 -20.76
N PRO A 51 14.38 8.12 -20.25
CA PRO A 51 14.11 9.46 -19.67
C PRO A 51 15.15 9.90 -18.62
N GLY A 52 15.67 11.09 -18.83
CA GLY A 52 16.67 11.69 -17.94
C GLY A 52 18.10 11.19 -18.08
N LEU A 53 18.34 10.10 -18.82
CA LEU A 53 19.69 9.49 -18.77
C LEU A 53 20.78 10.31 -19.47
N GLU A 54 20.47 10.82 -20.65
CA GLU A 54 21.46 11.63 -21.38
C GLU A 54 22.01 12.80 -20.54
N LYS A 55 21.11 13.59 -19.94
CA LYS A 55 21.58 14.75 -19.14
C LYS A 55 22.33 14.29 -17.87
N MET A 56 21.90 13.18 -17.28
CA MET A 56 22.54 12.71 -16.03
C MET A 56 23.95 12.22 -16.36
N ILE A 57 24.12 11.52 -17.49
CA ILE A 57 25.48 11.14 -17.95
C ILE A 57 26.32 12.40 -18.16
N ALA A 58 25.77 13.37 -18.89
CA ALA A 58 26.52 14.54 -19.32
C ALA A 58 27.00 15.31 -18.09
N ARG A 59 26.12 15.51 -17.12
CA ARG A 59 26.53 16.26 -15.92
C ARG A 59 27.58 15.53 -15.08
N ASN A 60 27.52 14.21 -15.03
CA ASN A 60 28.46 13.50 -14.22
C ASN A 60 29.78 13.28 -14.92
N VAL A 61 29.77 13.23 -16.25
CA VAL A 61 31.03 13.28 -16.99
C VAL A 61 31.73 14.65 -16.81
N LYS A 62 30.97 15.73 -16.94
CA LYS A 62 31.49 17.11 -16.79
C LYS A 62 32.09 17.29 -15.41
N ALA A 63 31.39 16.76 -14.39
CA ALA A 63 31.82 16.88 -13.02
C ALA A 63 33.04 16.03 -12.68
N GLY A 64 33.39 15.10 -13.57
CA GLY A 64 34.51 14.21 -13.36
C GLY A 64 34.25 13.04 -12.42
N ARG A 65 32.99 12.72 -12.17
CA ARG A 65 32.65 11.55 -11.36
C ARG A 65 32.33 10.32 -12.22
N LEU A 66 32.02 10.53 -13.49
CA LEU A 66 31.75 9.40 -14.39
C LEU A 66 32.72 9.40 -15.56
N ARG A 67 33.42 8.28 -15.76
CA ARG A 67 34.32 8.17 -16.90
C ARG A 67 33.98 6.83 -17.56
N PHE A 68 34.13 6.77 -18.89
CA PHE A 68 33.91 5.55 -19.69
C PHE A 68 35.22 5.06 -20.23
N GLY A 69 35.41 3.74 -20.29
CA GLY A 69 36.65 3.16 -20.85
C GLY A 69 36.39 1.81 -21.51
N THR A 70 37.40 1.26 -22.17
CA THR A 70 37.30 -0.04 -22.83
C THR A 70 38.13 -1.14 -22.14
N GLU A 71 38.93 -0.79 -21.12
CA GLU A 71 39.86 -1.76 -20.49
C GLU A 71 39.53 -2.06 -19.04
N ILE A 72 38.88 -3.20 -18.84
CA ILE A 72 38.64 -3.71 -17.49
C ILE A 72 39.94 -3.73 -16.69
N GLU A 73 41.02 -4.21 -17.32
CA GLU A 73 42.31 -4.31 -16.63
C GLU A 73 42.83 -2.98 -16.09
N GLN A 74 42.46 -1.87 -16.72
CA GLN A 74 42.78 -0.54 -16.21
C GLN A 74 41.87 -0.13 -15.03
N ALA A 75 40.59 -0.50 -15.09
CA ALA A 75 39.63 -0.11 -14.05
C ALA A 75 39.77 -0.91 -12.75
N VAL A 76 40.17 -2.17 -12.85
CA VAL A 76 40.16 -3.04 -11.64
C VAL A 76 41.03 -2.51 -10.49
N PRO A 77 42.29 -2.14 -10.76
CA PRO A 77 43.14 -1.67 -9.65
C PRO A 77 42.69 -0.34 -9.04
N GLU A 78 41.77 0.35 -9.72
CA GLU A 78 41.30 1.66 -9.27
C GLU A 78 40.06 1.53 -8.37
N ALA A 79 39.36 0.41 -8.52
CA ALA A 79 38.06 0.25 -7.86
C ALA A 79 38.05 -0.45 -6.47
N ASP A 80 37.15 0.00 -5.58
CA ASP A 80 36.84 -0.70 -4.32
C ASP A 80 35.80 -1.79 -4.53
N ILE A 81 34.89 -1.56 -5.50
CA ILE A 81 33.82 -2.51 -5.85
C ILE A 81 33.69 -2.51 -7.36
N ILE A 82 33.51 -3.69 -7.93
CA ILE A 82 33.26 -3.77 -9.35
C ILE A 82 31.96 -4.57 -9.59
N PHE A 83 31.05 -3.98 -10.36
CA PHE A 83 29.80 -4.65 -10.76
C PHE A 83 29.92 -5.24 -12.15
N ILE A 84 29.62 -6.54 -12.25
CA ILE A 84 29.50 -7.19 -13.57
C ILE A 84 28.05 -6.98 -13.96
N ALA A 85 27.83 -6.19 -15.02
CA ALA A 85 26.45 -5.90 -15.49
C ALA A 85 26.31 -6.16 -16.98
N VAL A 86 27.07 -7.14 -17.45
CA VAL A 86 27.08 -7.52 -18.88
C VAL A 86 25.82 -8.31 -19.28
N GLY A 87 25.59 -8.43 -20.59
CA GLY A 87 24.40 -9.16 -21.08
C GLY A 87 24.44 -10.66 -20.78
N THR A 88 23.26 -11.26 -20.61
CA THR A 88 23.11 -12.71 -20.52
C THR A 88 22.01 -13.15 -21.52
N PRO A 89 22.30 -13.00 -22.82
CA PRO A 89 21.26 -13.31 -23.80
C PRO A 89 20.95 -14.82 -23.83
N ALA A 90 19.86 -15.21 -24.49
CA ALA A 90 19.60 -16.64 -24.67
C ALA A 90 20.70 -17.32 -25.52
N GLY A 91 21.19 -18.47 -25.02
CA GLY A 91 22.05 -19.32 -25.82
C GLY A 91 21.23 -20.09 -26.86
N GLU A 92 21.91 -20.81 -27.77
CA GLU A 92 21.22 -21.61 -28.80
C GLU A 92 20.18 -22.58 -28.25
N ASP A 93 20.39 -23.17 -27.06
CA ASP A 93 19.44 -24.16 -26.52
C ASP A 93 18.46 -23.57 -25.50
N GLY A 94 18.44 -22.25 -25.41
CA GLY A 94 17.54 -21.60 -24.46
C GLY A 94 18.10 -21.27 -23.07
N SER A 95 19.22 -21.89 -22.70
CA SER A 95 19.85 -21.58 -21.41
C SER A 95 20.48 -20.20 -21.48
N ALA A 96 20.70 -19.57 -20.33
CA ALA A 96 21.41 -18.31 -20.26
C ALA A 96 22.86 -18.45 -20.77
N ASP A 97 23.24 -17.57 -21.71
CA ASP A 97 24.59 -17.56 -22.23
C ASP A 97 25.48 -16.81 -21.22
N MET A 98 26.36 -17.55 -20.57
CA MET A 98 27.24 -17.00 -19.52
C MET A 98 28.59 -16.50 -20.02
N SER A 99 28.78 -16.49 -21.34
CA SER A 99 30.11 -16.21 -21.91
C SER A 99 30.64 -14.80 -21.59
N TYR A 100 29.78 -13.80 -21.62
CA TYR A 100 30.20 -12.41 -21.38
C TYR A 100 30.51 -12.22 -19.90
N VAL A 101 29.68 -12.83 -19.06
CA VAL A 101 29.86 -12.76 -17.60
C VAL A 101 31.21 -13.37 -17.19
N LEU A 102 31.48 -14.57 -17.69
CA LEU A 102 32.75 -15.24 -17.35
C LEU A 102 33.97 -14.56 -18.00
N ASP A 103 33.81 -13.97 -19.19
CA ASP A 103 34.88 -13.13 -19.78
C ASP A 103 35.26 -11.97 -18.86
N ALA A 104 34.26 -11.27 -18.31
CA ALA A 104 34.50 -10.20 -17.35
C ALA A 104 35.21 -10.71 -16.12
N ALA A 105 34.74 -11.84 -15.60
CA ALA A 105 35.28 -12.44 -14.36
C ALA A 105 36.77 -12.78 -14.55
N ARG A 106 37.10 -13.43 -15.68
CA ARG A 106 38.52 -13.67 -16.00
C ARG A 106 39.37 -12.40 -16.11
N SER A 107 38.84 -11.34 -16.75
CA SER A 107 39.57 -10.08 -16.84
C SER A 107 39.85 -9.48 -15.46
N ILE A 108 38.87 -9.60 -14.55
CA ILE A 108 39.01 -9.09 -13.18
C ILE A 108 40.14 -9.83 -12.47
N GLY A 109 40.13 -11.16 -12.54
CA GLY A 109 41.18 -12.01 -11.96
C GLY A 109 42.55 -11.72 -12.55
N ARG A 110 42.59 -11.36 -13.84
CA ARG A 110 43.88 -11.04 -14.48
C ARG A 110 44.49 -9.73 -13.99
N ALA A 111 43.63 -8.78 -13.59
CA ALA A 111 44.06 -7.42 -13.25
C ALA A 111 44.09 -7.09 -11.76
N MET A 112 43.52 -7.96 -10.94
CA MET A 112 43.36 -7.66 -9.52
C MET A 112 44.72 -7.36 -8.89
N SER A 113 44.75 -6.35 -8.04
CA SER A 113 45.98 -5.92 -7.38
C SER A 113 45.92 -5.95 -5.84
N ARG A 114 44.71 -6.01 -5.29
CA ARG A 114 44.39 -5.88 -3.87
C ARG A 114 42.93 -6.36 -3.68
N TYR A 115 42.49 -6.46 -2.42
CA TYR A 115 41.11 -6.83 -2.13
C TYR A 115 40.12 -6.01 -2.96
N ILE A 116 39.12 -6.69 -3.52
CA ILE A 116 38.03 -6.00 -4.20
C ILE A 116 36.76 -6.85 -3.99
N LEU A 117 35.60 -6.20 -3.98
CA LEU A 117 34.33 -6.90 -3.93
C LEU A 117 33.79 -6.95 -5.36
N ILE A 118 33.50 -8.16 -5.84
CA ILE A 118 32.89 -8.35 -7.18
C ILE A 118 31.41 -8.63 -6.99
N VAL A 119 30.58 -7.75 -7.54
CA VAL A 119 29.13 -7.90 -7.39
C VAL A 119 28.54 -8.23 -8.76
N THR A 120 27.82 -9.33 -8.85
CA THR A 120 27.19 -9.69 -10.13
C THR A 120 25.75 -9.16 -10.15
N LYS A 121 25.53 -8.16 -11.00
CA LYS A 121 24.22 -7.55 -11.19
C LYS A 121 23.52 -8.15 -12.43
N SER A 122 24.30 -8.73 -13.37
CA SER A 122 23.74 -9.47 -14.50
C SER A 122 22.78 -10.58 -14.00
N THR A 123 21.81 -10.91 -14.83
CA THR A 123 20.86 -11.99 -14.52
C THR A 123 21.50 -13.30 -14.84
N VAL A 124 21.81 -14.05 -13.79
CA VAL A 124 22.57 -15.28 -13.95
C VAL A 124 21.91 -16.46 -13.22
N PRO A 125 21.95 -17.65 -13.83
CA PRO A 125 21.31 -18.81 -13.19
C PRO A 125 21.85 -19.15 -11.81
N VAL A 126 20.99 -19.79 -11.00
CA VAL A 126 21.38 -20.19 -9.65
C VAL A 126 22.65 -21.03 -9.76
N GLY A 127 23.64 -20.71 -8.93
CA GLY A 127 24.93 -21.43 -8.90
C GLY A 127 26.04 -20.70 -9.65
N SER A 128 25.65 -19.68 -10.40
CA SER A 128 26.60 -18.93 -11.22
C SER A 128 27.75 -18.31 -10.43
N TYR A 129 27.48 -17.91 -9.20
CA TYR A 129 28.49 -17.28 -8.37
C TYR A 129 29.67 -18.26 -8.17
N ARG A 130 29.39 -19.57 -8.18
CA ARG A 130 30.49 -20.57 -8.01
C ARG A 130 31.42 -20.58 -9.22
N LEU A 131 30.85 -20.52 -10.43
CA LEU A 131 31.61 -20.41 -11.68
C LEU A 131 32.39 -19.10 -11.78
N ILE A 132 31.78 -18.01 -11.34
CA ILE A 132 32.44 -16.71 -11.33
C ILE A 132 33.63 -16.71 -10.37
N ARG A 133 33.41 -17.19 -9.14
CA ARG A 133 34.49 -17.26 -8.16
CA ARG A 133 34.49 -17.24 -8.18
C ARG A 133 35.65 -18.10 -8.71
N LYS A 134 35.32 -19.24 -9.28
CA LYS A 134 36.33 -20.16 -9.79
C LYS A 134 37.13 -19.51 -10.92
N ALA A 135 36.46 -18.76 -11.79
CA ALA A 135 37.15 -18.16 -12.95
C ALA A 135 38.15 -17.11 -12.48
N ILE A 136 37.74 -16.34 -11.48
CA ILE A 136 38.58 -15.27 -10.93
C ILE A 136 39.78 -15.93 -10.27
N GLN A 137 39.50 -16.92 -9.43
CA GLN A 137 40.56 -17.59 -8.67
C GLN A 137 41.57 -18.30 -9.57
N GLU A 138 41.10 -18.91 -10.65
CA GLU A 138 42.02 -19.53 -11.60
C GLU A 138 43.03 -18.56 -12.21
N GLU A 139 42.56 -17.34 -12.51
CA GLU A 139 43.45 -16.31 -13.02
C GLU A 139 44.47 -15.85 -11.99
N LEU A 140 44.06 -15.78 -10.71
CA LEU A 140 44.97 -15.37 -9.64
C LEU A 140 46.05 -16.45 -9.52
N ASP A 141 45.62 -17.72 -9.59
CA ASP A 141 46.52 -18.89 -9.50
C ASP A 141 47.54 -18.87 -10.64
N LYS A 142 47.09 -18.63 -11.88
CA LYS A 142 47.98 -18.57 -13.05
C LYS A 142 49.05 -17.55 -12.82
N ARG A 143 48.66 -16.46 -12.14
CA ARG A 143 49.57 -15.38 -11.86
C ARG A 143 50.46 -15.69 -10.67
N GLU A 144 50.13 -16.74 -9.91
CA GLU A 144 50.78 -17.02 -8.63
C GLU A 144 50.72 -15.86 -7.64
N VAL A 145 49.55 -15.22 -7.54
CA VAL A 145 49.39 -14.11 -6.58
C VAL A 145 48.39 -14.59 -5.52
N LEU A 146 48.46 -13.97 -4.34
CA LEU A 146 47.62 -14.33 -3.20
C LEU A 146 46.86 -13.08 -2.81
N ILE A 147 45.69 -12.92 -3.41
CA ILE A 147 44.92 -11.68 -3.25
C ILE A 147 43.53 -12.05 -2.78
N ASP A 148 43.08 -11.42 -1.71
CA ASP A 148 41.76 -11.69 -1.18
C ASP A 148 40.68 -10.97 -2.00
N PHE A 149 39.48 -11.54 -1.99
CA PHE A 149 38.30 -10.92 -2.66
C PHE A 149 37.03 -11.54 -2.15
N ASP A 150 35.90 -10.84 -2.35
CA ASP A 150 34.58 -11.41 -2.04
C ASP A 150 33.71 -11.30 -3.28
N ILE A 151 32.73 -12.20 -3.38
CA ILE A 151 31.74 -12.14 -4.46
C ILE A 151 30.38 -11.92 -3.83
N ALA A 152 29.50 -11.26 -4.57
CA ALA A 152 28.14 -11.06 -4.08
C ALA A 152 27.21 -11.06 -5.27
N SER A 153 25.91 -11.21 -5.00
CA SER A 153 24.91 -11.09 -6.06
C SER A 153 24.02 -9.92 -5.72
N ASN A 154 23.72 -9.10 -6.71
CA ASN A 154 22.83 -7.92 -6.51
C ASN A 154 22.05 -7.72 -7.79
N PRO A 155 21.03 -8.57 -7.97
CA PRO A 155 20.30 -8.49 -9.25
C PRO A 155 19.60 -7.16 -9.39
N GLU A 156 19.26 -6.83 -10.63
CA GLU A 156 18.65 -5.54 -10.88
C GLU A 156 17.19 -5.73 -11.23
N PHE A 157 16.34 -4.80 -10.79
CA PHE A 157 14.89 -4.94 -11.08
C PHE A 157 14.28 -3.77 -11.85
N LEU A 158 15.12 -2.86 -12.34
CA LEU A 158 14.57 -1.69 -13.08
C LEU A 158 13.98 -2.12 -14.42
N LYS A 159 12.99 -1.35 -14.89
CA LYS A 159 12.40 -1.64 -16.24
C LYS A 159 12.89 -0.57 -17.20
N GLU A 160 12.99 -0.92 -18.48
CA GLU A 160 13.30 0.08 -19.49
C GLU A 160 12.21 1.15 -19.51
N GLY A 161 12.61 2.41 -19.67
CA GLY A 161 11.60 3.48 -19.75
C GLY A 161 11.37 4.15 -18.40
N ASN A 162 11.65 3.45 -17.31
CA ASN A 162 11.61 4.08 -16.01
C ASN A 162 12.86 3.76 -15.17
N ALA A 163 14.03 3.72 -15.80
CA ALA A 163 15.17 3.03 -15.22
C ALA A 163 15.79 3.81 -14.06
N ILE A 164 15.94 5.11 -14.25
CA ILE A 164 16.52 6.00 -13.23
C ILE A 164 15.64 6.04 -11.99
N ASP A 165 14.34 6.27 -12.15
CA ASP A 165 13.44 6.24 -10.98
C ASP A 165 13.45 4.89 -10.24
N ASP A 166 13.44 3.79 -11.02
CA ASP A 166 13.48 2.44 -10.45
C ASP A 166 14.78 2.19 -9.69
N PHE A 167 15.89 2.72 -10.21
CA PHE A 167 17.19 2.53 -9.55
C PHE A 167 17.29 3.38 -8.30
N MET A 168 16.80 4.62 -8.38
CA MET A 168 17.08 5.60 -7.30
C MET A 168 16.09 5.39 -6.15
N LYS A 169 14.91 4.87 -6.47
CA LYS A 169 13.88 4.64 -5.47
C LYS A 169 13.25 3.27 -5.62
N PRO A 170 14.01 2.23 -5.38
CA PRO A 170 13.60 0.87 -5.64
C PRO A 170 12.65 0.38 -4.56
N ASP A 171 11.70 -0.46 -4.92
CA ASP A 171 10.89 -1.07 -3.87
C ASP A 171 11.72 -1.81 -2.83
N ARG A 172 12.77 -2.46 -3.29
CA ARG A 172 13.75 -3.11 -2.42
C ARG A 172 15.05 -3.30 -3.19
N VAL A 173 16.10 -3.64 -2.46
CA VAL A 173 17.36 -4.02 -3.08
CA VAL A 173 17.38 -4.00 -3.05
C VAL A 173 17.70 -5.41 -2.55
N VAL A 174 17.93 -6.35 -3.46
CA VAL A 174 18.22 -7.72 -3.06
C VAL A 174 19.70 -8.00 -3.18
N VAL A 175 20.29 -8.56 -2.10
CA VAL A 175 21.73 -8.79 -2.06
C VAL A 175 22.05 -10.17 -1.51
N GLY A 176 22.76 -10.96 -2.30
CA GLY A 176 23.21 -12.29 -1.87
C GLY A 176 24.67 -12.15 -1.43
N VAL A 177 24.97 -12.57 -0.22
CA VAL A 177 26.36 -12.52 0.29
C VAL A 177 26.72 -13.82 1.01
N ASP A 178 28.01 -14.13 1.09
CA ASP A 178 28.47 -15.25 1.89
C ASP A 178 29.58 -14.79 2.86
N SER A 179 29.69 -13.48 3.09
CA SER A 179 30.71 -12.95 3.99
C SER A 179 30.18 -11.74 4.74
N ASP A 180 30.67 -11.55 5.97
CA ASP A 180 30.44 -10.30 6.71
C ASP A 180 31.02 -9.09 5.97
N ARG A 181 32.22 -9.22 5.40
CA ARG A 181 32.83 -8.07 4.70
C ARG A 181 31.96 -7.58 3.53
N ALA A 182 31.42 -8.51 2.74
CA ALA A 182 30.61 -8.08 1.63
C ALA A 182 29.34 -7.39 2.14
N ARG A 183 28.73 -7.93 3.20
CA ARG A 183 27.51 -7.34 3.76
C ARG A 183 27.78 -5.90 4.22
N GLU A 184 28.85 -5.70 4.98
CA GLU A 184 29.23 -4.33 5.43
C GLU A 184 29.48 -3.36 4.29
N LEU A 185 30.30 -3.75 3.31
CA LEU A 185 30.59 -2.88 2.17
C LEU A 185 29.32 -2.49 1.40
N ILE A 186 28.46 -3.47 1.19
CA ILE A 186 27.21 -3.22 0.45
C ILE A 186 26.25 -2.37 1.26
N THR A 187 26.24 -2.58 2.58
CA THR A 187 25.41 -1.76 3.44
C THR A 187 25.86 -0.31 3.32
N SER A 188 27.18 -0.09 3.42
CA SER A 188 27.69 1.26 3.37
C SER A 188 27.46 1.92 2.00
N LEU A 189 27.40 1.14 0.92
CA LEU A 189 27.10 1.67 -0.39
C LEU A 189 25.65 2.16 -0.49
N TYR A 190 24.68 1.35 -0.06
CA TYR A 190 23.28 1.70 -0.27
C TYR A 190 22.61 2.49 0.85
N LYS A 191 23.18 2.45 2.06
CA LYS A 191 22.58 3.18 3.19
C LYS A 191 22.32 4.68 2.86
N PRO A 192 23.30 5.41 2.27
CA PRO A 192 23.03 6.81 1.95
C PRO A 192 21.95 7.05 0.90
N MET A 193 21.67 6.05 0.07
CA MET A 193 20.71 6.19 -1.03
C MET A 193 19.28 5.99 -0.48
N LEU A 194 19.15 5.05 0.45
CA LEU A 194 17.81 4.55 0.84
C LEU A 194 17.26 5.31 2.05
N LEU A 195 17.08 6.60 1.84
CA LEU A 195 16.70 7.49 2.94
C LEU A 195 15.37 7.14 3.61
N ASN A 196 14.40 6.59 2.86
CA ASN A 196 13.07 6.32 3.43
C ASN A 196 13.12 5.17 4.44
N ASN A 197 13.89 4.17 4.08
CA ASN A 197 14.03 2.96 4.86
C ASN A 197 15.09 2.12 4.19
N PHE A 198 15.99 1.59 5.02
CA PHE A 198 17.00 0.64 4.60
C PHE A 198 16.29 -0.65 4.25
N ARG A 199 15.92 -0.78 2.99
CA ARG A 199 15.19 -1.96 2.52
C ARG A 199 16.08 -2.81 1.62
N VAL A 200 17.27 -3.09 2.14
CA VAL A 200 18.17 -4.08 1.58
C VAL A 200 17.82 -5.42 2.21
N LEU A 201 17.48 -6.37 1.36
CA LEU A 201 17.19 -7.71 1.81
C LEU A 201 18.45 -8.53 1.59
N PHE A 202 19.15 -8.86 2.68
CA PHE A 202 20.30 -9.78 2.56
C PHE A 202 19.92 -11.27 2.67
N MET A 203 20.54 -12.10 1.85
CA MET A 203 20.26 -13.53 1.77
C MET A 203 21.48 -14.26 1.25
N ASP A 204 21.41 -15.58 1.11
CA ASP A 204 22.51 -16.34 0.54
C ASP A 204 22.57 -16.05 -0.97
N ILE A 205 23.71 -16.32 -1.57
CA ILE A 205 23.94 -15.97 -2.96
C ILE A 205 22.98 -16.71 -3.91
N ALA A 206 22.83 -18.02 -3.74
CA ALA A 206 21.94 -18.82 -4.61
C ALA A 206 20.52 -18.27 -4.59
N SER A 207 20.05 -17.89 -3.40
CA SER A 207 18.69 -17.38 -3.26
C SER A 207 18.54 -16.02 -3.96
N ALA A 208 19.57 -15.17 -3.92
CA ALA A 208 19.51 -13.90 -4.61
C ALA A 208 19.43 -14.10 -6.13
N GLU A 209 20.21 -15.05 -6.64
CA GLU A 209 20.18 -15.37 -8.06
C GLU A 209 18.79 -15.87 -8.51
N MET A 210 18.19 -16.77 -7.72
CA MET A 210 16.86 -17.33 -8.04
C MET A 210 15.79 -16.25 -7.91
N THR A 211 15.98 -15.33 -6.97
CA THR A 211 14.98 -14.27 -6.75
C THR A 211 14.72 -13.51 -8.05
N LYS A 212 15.78 -13.16 -8.78
CA LYS A 212 15.64 -12.41 -10.04
C LYS A 212 14.78 -13.22 -11.06
N TYR A 213 15.07 -14.51 -11.18
CA TYR A 213 14.30 -15.36 -12.11
C TYR A 213 12.86 -15.47 -11.66
N ALA A 214 12.62 -15.70 -10.38
CA ALA A 214 11.25 -15.90 -9.91
C ALA A 214 10.45 -14.60 -10.08
N ALA A 215 11.12 -13.46 -9.90
CA ALA A 215 10.40 -12.15 -10.03
C ALA A 215 9.92 -11.92 -11.47
N ASN A 216 10.84 -12.09 -12.42
CA ASN A 216 10.49 -11.88 -13.80
C ASN A 216 9.49 -12.93 -14.26
N ALA A 217 9.69 -14.19 -13.84
CA ALA A 217 8.72 -15.23 -14.11
C ALA A 217 7.34 -14.94 -13.57
N MET A 218 7.24 -14.36 -12.36
CA MET A 218 5.91 -14.09 -11.80
C MET A 218 5.19 -12.96 -12.55
N LEU A 219 5.94 -11.98 -12.99
CA LEU A 219 5.41 -10.85 -13.76
C LEU A 219 4.87 -11.32 -15.10
N ALA A 220 5.65 -12.16 -15.75
CA ALA A 220 5.24 -12.78 -17.01
C ALA A 220 3.97 -13.61 -16.78
N THR A 221 3.92 -14.37 -15.69
CA THR A 221 2.73 -15.16 -15.34
C THR A 221 1.48 -14.30 -15.11
N ARG A 222 1.62 -13.17 -14.40
CA ARG A 222 0.44 -12.24 -14.25
C ARG A 222 -0.12 -11.85 -15.62
N ILE A 223 0.79 -11.59 -16.55
CA ILE A 223 0.39 -11.05 -17.86
C ILE A 223 -0.29 -12.19 -18.65
N SER A 224 0.33 -13.36 -18.69
CA SER A 224 -0.30 -14.49 -19.45
C SER A 224 -1.60 -14.93 -18.80
N PHE A 225 -1.66 -14.87 -17.46
CA PHE A 225 -2.91 -15.19 -16.77
C PHE A 225 -4.00 -14.24 -17.26
N MET A 226 -3.69 -12.94 -17.26
CA MET A 226 -4.73 -11.93 -17.62
C MET A 226 -5.08 -12.02 -19.10
N ASN A 227 -4.10 -12.37 -19.93
CA ASN A 227 -4.40 -12.65 -21.36
C ASN A 227 -5.41 -13.78 -21.63
N ASP A 228 -5.26 -14.91 -20.96
CA ASP A 228 -6.21 -16.00 -21.00
C ASP A 228 -7.57 -15.52 -20.52
N VAL A 229 -7.62 -14.81 -19.40
CA VAL A 229 -8.90 -14.25 -18.94
C VAL A 229 -9.54 -13.28 -19.94
N ALA A 230 -8.76 -12.37 -20.53
CA ALA A 230 -9.27 -11.42 -21.55
C ALA A 230 -9.87 -12.20 -22.74
N ASN A 231 -9.15 -13.20 -23.19
CA ASN A 231 -9.58 -13.93 -24.37
C ASN A 231 -10.91 -14.65 -24.09
N LEU A 232 -11.04 -15.22 -22.89
CA LEU A 232 -12.30 -15.79 -22.44
C LEU A 232 -13.40 -14.76 -22.29
N CYS A 233 -13.09 -13.59 -21.72
CA CYS A 233 -14.08 -12.52 -21.59
C CYS A 233 -14.76 -12.24 -22.93
N GLU A 234 -13.98 -12.25 -24.01
CA GLU A 234 -14.50 -11.99 -25.37
C GLU A 234 -15.60 -12.96 -25.80
N ARG A 235 -15.52 -14.19 -25.34
CA ARG A 235 -16.46 -15.23 -25.75
C ARG A 235 -17.74 -15.23 -24.92
N VAL A 236 -17.64 -14.76 -23.67
CA VAL A 236 -18.74 -14.83 -22.70
C VAL A 236 -19.44 -13.50 -22.39
N GLY A 237 -18.96 -12.38 -22.97
CA GLY A 237 -19.63 -11.09 -22.88
C GLY A 237 -19.24 -10.30 -21.62
N ALA A 238 -18.10 -10.62 -21.06
CA ALA A 238 -17.53 -9.84 -19.94
C ALA A 238 -16.52 -8.79 -20.41
N ASP A 239 -16.26 -7.80 -19.55
CA ASP A 239 -15.33 -6.69 -19.81
C ASP A 239 -14.04 -6.86 -18.97
N VAL A 240 -12.96 -7.22 -19.62
CA VAL A 240 -11.71 -7.52 -18.89
C VAL A 240 -11.14 -6.34 -18.10
N SER A 241 -11.40 -5.10 -18.53
CA SER A 241 -10.94 -3.96 -17.74
CA SER A 241 -10.96 -3.94 -17.74
C SER A 241 -11.71 -3.86 -16.42
N MET A 242 -13.00 -4.20 -16.45
CA MET A 242 -13.78 -4.31 -15.20
C MET A 242 -13.28 -5.45 -14.33
N VAL A 243 -12.97 -6.58 -14.94
CA VAL A 243 -12.43 -7.76 -14.23
C VAL A 243 -11.08 -7.39 -13.58
N ARG A 244 -10.20 -6.72 -14.34
CA ARG A 244 -8.92 -6.25 -13.80
C ARG A 244 -9.09 -5.38 -12.56
N LEU A 245 -9.98 -4.40 -12.65
CA LEU A 245 -10.30 -3.56 -11.49
C LEU A 245 -10.82 -4.41 -10.31
N GLY A 246 -11.64 -5.40 -10.65
CA GLY A 246 -12.35 -6.26 -9.66
C GLY A 246 -11.39 -7.16 -8.94
N ILE A 247 -10.32 -7.60 -9.60
CA ILE A 247 -9.36 -8.50 -8.92
C ILE A 247 -8.12 -7.79 -8.37
N GLY A 248 -7.68 -6.74 -9.05
CA GLY A 248 -6.48 -5.99 -8.65
C GLY A 248 -6.70 -5.23 -7.35
N SER A 249 -8.00 -5.04 -7.04
CA SER A 249 -8.44 -4.36 -5.81
C SER A 249 -8.37 -5.28 -4.57
N ASP A 250 -8.13 -6.58 -4.78
CA ASP A 250 -7.78 -7.50 -3.69
C ASP A 250 -6.30 -7.24 -3.38
N SER A 251 -6.01 -6.82 -2.15
CA SER A 251 -4.65 -6.43 -1.75
C SER A 251 -3.68 -7.61 -1.76
N ARG A 252 -4.22 -8.82 -1.91
CA ARG A 252 -3.38 -10.02 -2.02
C ARG A 252 -2.90 -10.14 -3.47
N ILE A 253 -3.63 -9.52 -4.38
CA ILE A 253 -3.26 -9.56 -5.82
C ILE A 253 -2.51 -8.26 -6.25
N GLY A 254 -3.06 -7.11 -5.90
CA GLY A 254 -2.45 -5.83 -6.27
C GLY A 254 -2.85 -5.38 -7.69
N SER A 255 -2.78 -4.08 -7.95
CA SER A 255 -3.35 -3.52 -9.18
C SER A 255 -2.36 -3.34 -10.33
N LYS A 256 -1.09 -3.67 -10.10
CA LYS A 256 -0.05 -3.43 -11.12
C LYS A 256 0.21 -4.67 -11.97
N PHE A 257 0.65 -4.44 -13.21
CA PHE A 257 1.04 -5.55 -14.10
C PHE A 257 -0.08 -6.60 -14.24
N LEU A 258 -1.31 -6.12 -14.49
CA LEU A 258 -2.43 -6.98 -14.80
C LEU A 258 -3.05 -6.60 -16.15
N TYR A 259 -2.29 -5.90 -16.99
CA TYR A 259 -2.89 -5.41 -18.23
C TYR A 259 -2.84 -6.40 -19.36
N PRO A 260 -3.99 -6.95 -19.76
CA PRO A 260 -3.94 -7.78 -20.96
C PRO A 260 -3.71 -6.93 -22.21
N GLY A 261 -3.29 -7.58 -23.28
CA GLY A 261 -2.99 -6.86 -24.51
C GLY A 261 -2.48 -7.86 -25.53
N CYS A 262 -1.59 -7.39 -26.40
CA CYS A 262 -1.09 -8.18 -27.52
C CYS A 262 0.19 -8.90 -27.16
N GLY A 263 0.44 -9.02 -25.85
CA GLY A 263 1.55 -9.82 -25.31
C GLY A 263 2.63 -9.01 -24.63
N TYR A 264 3.52 -9.69 -23.93
CA TYR A 264 4.77 -9.07 -23.48
C TYR A 264 5.90 -9.34 -24.46
N GLY A 265 6.69 -8.31 -24.65
CA GLY A 265 7.94 -8.42 -25.38
C GLY A 265 9.09 -7.98 -24.51
N GLY A 266 10.15 -7.51 -25.16
CA GLY A 266 11.39 -7.19 -24.48
C GLY A 266 12.28 -8.40 -24.51
N SER A 267 13.56 -8.16 -24.28
CA SER A 267 14.48 -9.27 -24.28
C SER A 267 14.32 -10.11 -23.00
N CYS A 268 13.95 -9.47 -21.88
CA CYS A 268 14.04 -10.10 -20.58
C CYS A 268 13.04 -11.18 -20.18
N PHE A 269 11.74 -10.87 -20.21
CA PHE A 269 10.80 -11.90 -19.81
C PHE A 269 10.95 -13.17 -20.69
N PRO A 270 11.00 -13.03 -22.04
CA PRO A 270 11.13 -14.28 -22.82
C PRO A 270 12.42 -15.05 -22.52
N LYS A 271 13.55 -14.35 -22.41
CA LYS A 271 14.82 -15.07 -22.21
C LYS A 271 14.91 -15.65 -20.79
N ASP A 272 14.44 -14.89 -19.81
CA ASP A 272 14.57 -15.33 -18.41
C ASP A 272 13.63 -16.46 -18.04
N VAL A 273 12.39 -16.42 -18.57
CA VAL A 273 11.45 -17.52 -18.41
C VAL A 273 12.01 -18.80 -19.07
N LYS A 274 12.51 -18.66 -20.28
CA LYS A 274 13.11 -19.80 -20.97
C LYS A 274 14.33 -20.38 -20.23
N ALA A 275 15.20 -19.50 -19.74
CA ALA A 275 16.38 -19.95 -18.98
C ALA A 275 15.99 -20.66 -17.68
N LEU A 276 14.93 -20.22 -17.02
CA LEU A 276 14.52 -20.84 -15.77
C LEU A 276 13.93 -22.23 -16.06
N ILE A 277 13.14 -22.32 -17.13
CA ILE A 277 12.62 -23.60 -17.64
C ILE A 277 13.77 -24.59 -17.91
N ARG A 278 14.83 -24.07 -18.53
CA ARG A 278 15.99 -24.86 -18.89
C ARG A 278 16.80 -25.26 -17.64
N THR A 279 16.99 -24.34 -16.70
CA THR A 279 17.63 -24.71 -15.45
C THR A 279 16.86 -25.87 -14.77
N ALA A 280 15.53 -25.80 -14.79
CA ALA A 280 14.70 -26.83 -14.20
C ALA A 280 14.91 -28.17 -14.90
N GLU A 281 14.89 -28.15 -16.24
CA GLU A 281 15.11 -29.38 -17.04
C GLU A 281 16.45 -30.03 -16.71
N ASP A 282 17.50 -29.23 -16.60
CA ASP A 282 18.83 -29.75 -16.19
C ASP A 282 18.80 -30.49 -14.84
N ASN A 283 17.84 -30.11 -13.99
CA ASN A 283 17.66 -30.72 -12.67
C ASN A 283 16.52 -31.73 -12.59
N GLY A 284 16.03 -32.19 -13.74
CA GLY A 284 14.99 -33.22 -13.79
C GLY A 284 13.59 -32.73 -13.44
N TYR A 285 13.36 -31.42 -13.52
CA TYR A 285 12.06 -30.84 -13.10
C TYR A 285 11.39 -30.06 -14.22
N ARG A 286 10.09 -30.22 -14.34
CA ARG A 286 9.33 -29.54 -15.38
C ARG A 286 8.54 -28.42 -14.71
N MET A 287 8.69 -27.20 -15.23
CA MET A 287 7.99 -26.04 -14.68
C MET A 287 6.69 -25.80 -15.46
N GLU A 288 5.60 -26.49 -15.08
CA GLU A 288 4.41 -26.52 -15.96
C GLU A 288 3.73 -25.16 -16.01
N VAL A 289 3.72 -24.42 -14.89
CA VAL A 289 3.06 -23.11 -14.94
C VAL A 289 3.79 -22.20 -15.95
N LEU A 290 5.10 -22.13 -15.85
CA LEU A 290 5.90 -21.29 -16.77
C LEU A 290 5.82 -21.75 -18.21
N GLU A 291 5.73 -23.07 -18.45
CA GLU A 291 5.59 -23.55 -19.82
C GLU A 291 4.29 -23.06 -20.42
N ALA A 292 3.23 -23.07 -19.62
CA ALA A 292 1.94 -22.55 -20.07
C ALA A 292 1.96 -21.04 -20.33
N VAL A 293 2.63 -20.28 -19.46
CA VAL A 293 2.75 -18.83 -19.59
C VAL A 293 3.41 -18.51 -20.91
N GLU A 294 4.46 -19.27 -21.24
CA GLU A 294 5.14 -19.08 -22.53
C GLU A 294 4.23 -19.37 -23.71
N ARG A 295 3.48 -20.48 -23.66
CA ARG A 295 2.60 -20.84 -24.75
C ARG A 295 1.54 -19.78 -24.98
N VAL A 296 1.00 -19.26 -23.89
CA VAL A 296 -0.04 -18.21 -23.97
C VAL A 296 0.53 -16.97 -24.66
N ASN A 297 1.72 -16.54 -24.24
CA ASN A 297 2.28 -15.31 -24.79
C ASN A 297 2.56 -15.45 -26.29
N GLU A 298 3.01 -16.63 -26.69
CA GLU A 298 3.27 -16.89 -28.11
C GLU A 298 2.00 -16.75 -28.93
N LYS A 299 0.90 -17.33 -28.44
CA LYS A 299 -0.39 -17.19 -29.12
C LYS A 299 -0.91 -15.76 -29.08
N GLN A 300 -0.58 -15.02 -28.01
CA GLN A 300 -1.21 -13.70 -27.87
C GLN A 300 -0.66 -12.72 -28.91
N LYS A 301 0.58 -12.94 -29.35
CA LYS A 301 1.25 -12.04 -30.29
CA LYS A 301 1.22 -12.04 -30.30
C LYS A 301 0.67 -12.24 -31.69
N SER A 302 -0.13 -13.27 -31.85
CA SER A 302 -0.80 -13.54 -33.13
CA SER A 302 -0.83 -13.56 -33.11
C SER A 302 -2.19 -12.88 -33.26
N ILE A 303 -2.71 -12.35 -32.15
CA ILE A 303 -4.14 -11.96 -32.10
C ILE A 303 -4.50 -10.72 -32.93
N LEU A 304 -3.61 -9.73 -32.99
CA LEU A 304 -3.94 -8.50 -33.73
C LEU A 304 -4.18 -8.81 -35.19
N PHE A 305 -3.33 -9.65 -35.76
CA PHE A 305 -3.51 -9.97 -37.18
C PHE A 305 -4.83 -10.74 -37.32
N ASP A 306 -5.10 -11.66 -36.39
CA ASP A 306 -6.30 -12.52 -36.48
C ASP A 306 -7.56 -11.65 -36.38
N LYS A 307 -7.52 -10.61 -35.55
CA LYS A 307 -8.67 -9.69 -35.46
C LYS A 307 -8.98 -8.97 -36.78
N PHE A 308 -7.90 -8.50 -37.41
CA PHE A 308 -7.89 -7.79 -38.67
C PHE A 308 -8.42 -8.72 -39.76
N SER A 309 -7.81 -9.90 -39.89
CA SER A 309 -8.24 -10.85 -40.93
C SER A 309 -9.69 -11.31 -40.71
N THR A 310 -10.08 -11.55 -39.46
CA THR A 310 -11.44 -11.97 -39.15
C THR A 310 -12.46 -10.86 -39.48
N TYR A 311 -12.13 -9.60 -39.17
CA TYR A 311 -13.00 -8.49 -39.55
C TYR A 311 -13.27 -8.50 -41.06
N TYR A 312 -12.21 -8.72 -41.83
CA TYR A 312 -12.29 -8.75 -43.29
C TYR A 312 -12.64 -10.15 -43.87
N LYS A 313 -13.09 -11.08 -43.04
CA LYS A 313 -13.46 -12.48 -43.43
C LYS A 313 -12.38 -13.16 -44.27
N GLY A 314 -11.12 -12.97 -43.90
CA GLY A 314 -10.00 -13.61 -44.59
C GLY A 314 -9.51 -12.94 -45.85
N ASN A 315 -10.12 -11.81 -46.22
CA ASN A 315 -9.75 -11.07 -47.40
C ASN A 315 -8.92 -9.85 -47.02
N VAL A 316 -7.61 -10.06 -46.86
CA VAL A 316 -6.70 -8.99 -46.41
C VAL A 316 -5.48 -8.86 -47.29
N GLN A 317 -5.29 -9.82 -48.20
CA GLN A 317 -4.14 -9.80 -49.08
C GLN A 317 -4.01 -8.44 -49.75
N GLY A 318 -2.84 -7.83 -49.62
CA GLY A 318 -2.52 -6.59 -50.29
C GLY A 318 -3.10 -5.30 -49.72
N ARG A 319 -3.72 -5.35 -48.54
CA ARG A 319 -4.34 -4.12 -48.04
C ARG A 319 -3.28 -3.20 -47.48
N CYS A 320 -3.62 -1.93 -47.35
CA CYS A 320 -2.76 -0.97 -46.67
C CYS A 320 -3.22 -0.88 -45.22
N VAL A 321 -2.27 -0.96 -44.30
CA VAL A 321 -2.57 -0.79 -42.87
C VAL A 321 -1.55 0.16 -42.24
N ALA A 322 -1.91 0.70 -41.08
CA ALA A 322 -1.05 1.55 -40.30
C ALA A 322 -0.86 0.91 -38.93
N ILE A 323 0.33 1.14 -38.36
CA ILE A 323 0.69 0.71 -37.01
C ILE A 323 1.22 1.89 -36.21
N TRP A 324 0.59 2.12 -35.05
CA TRP A 324 1.06 3.06 -34.05
C TRP A 324 1.79 2.30 -32.97
N GLY A 325 3.11 2.46 -32.88
CA GLY A 325 3.89 1.81 -31.82
C GLY A 325 4.69 0.63 -32.35
N LEU A 326 6.00 0.73 -32.21
CA LEU A 326 6.91 -0.35 -32.69
C LEU A 326 7.78 -0.93 -31.58
N SER A 327 8.25 -0.06 -30.66
CA SER A 327 9.02 -0.53 -29.54
C SER A 327 8.25 -1.55 -28.67
N PHE A 328 8.94 -2.35 -27.88
CA PHE A 328 8.23 -3.40 -27.13
C PHE A 328 7.31 -2.83 -26.02
N LYS A 329 7.63 -1.62 -25.59
CA LYS A 329 6.83 -0.87 -24.60
C LYS A 329 7.14 0.61 -24.83
N PRO A 330 6.33 1.48 -24.22
CA PRO A 330 6.65 2.90 -24.44
C PRO A 330 7.91 3.34 -23.68
N GLY A 331 8.59 4.38 -24.16
CA GLY A 331 9.79 4.92 -23.49
C GLY A 331 11.14 4.32 -23.85
N THR A 332 11.22 3.68 -25.02
CA THR A 332 12.47 3.08 -25.49
C THR A 332 12.42 2.86 -27.00
N ASP A 333 13.59 2.78 -27.65
CA ASP A 333 13.70 2.32 -29.02
C ASP A 333 13.86 0.79 -29.18
N ASP A 334 13.93 0.08 -28.06
CA ASP A 334 14.21 -1.38 -28.03
C ASP A 334 13.00 -2.16 -28.62
N MET A 335 13.29 -2.99 -29.63
CA MET A 335 12.27 -3.77 -30.31
C MET A 335 12.47 -5.29 -30.09
N ARG A 336 13.37 -5.66 -29.18
CA ARG A 336 13.59 -7.11 -28.98
C ARG A 336 12.32 -7.86 -28.58
N GLU A 337 11.99 -8.92 -29.34
CA GLU A 337 10.78 -9.72 -29.07
C GLU A 337 9.48 -8.87 -29.12
N ALA A 338 9.49 -7.75 -29.83
CA ALA A 338 8.31 -6.87 -29.79
C ALA A 338 7.09 -7.52 -30.42
N PRO A 339 5.90 -7.33 -29.83
CA PRO A 339 4.74 -7.85 -30.56
C PRO A 339 4.51 -7.18 -31.93
N SER A 340 4.98 -5.95 -32.08
CA SER A 340 4.87 -5.27 -33.38
C SER A 340 5.50 -6.11 -34.49
N LEU A 341 6.63 -6.79 -34.20
CA LEU A 341 7.38 -7.52 -35.23
C LEU A 341 6.59 -8.75 -35.68
N VAL A 342 5.86 -9.35 -34.74
CA VAL A 342 5.04 -10.54 -35.07
C VAL A 342 3.89 -10.13 -35.99
N LEU A 343 3.25 -9.02 -35.67
CA LEU A 343 2.20 -8.45 -36.52
C LEU A 343 2.79 -8.10 -37.88
N ILE A 344 3.90 -7.37 -37.90
CA ILE A 344 4.49 -6.94 -39.17
C ILE A 344 4.84 -8.13 -40.06
N GLU A 345 5.52 -9.12 -39.49
CA GLU A 345 5.90 -10.29 -40.26
C GLU A 345 4.72 -10.98 -40.95
N LYS A 346 3.60 -11.13 -40.24
CA LYS A 346 2.42 -11.77 -40.86
C LYS A 346 1.82 -10.88 -41.93
N LEU A 347 1.77 -9.57 -41.67
CA LEU A 347 1.24 -8.61 -42.65
C LEU A 347 2.08 -8.65 -43.91
N LEU A 348 3.38 -8.79 -43.75
CA LEU A 348 4.25 -8.90 -44.97
C LEU A 348 4.08 -10.21 -45.72
N GLU A 349 3.73 -11.29 -45.02
CA GLU A 349 3.54 -12.59 -45.71
C GLU A 349 2.35 -12.56 -46.66
N VAL A 350 1.40 -11.67 -46.36
CA VAL A 350 0.18 -11.55 -47.15
C VAL A 350 0.20 -10.29 -48.00
N GLY A 351 1.41 -9.73 -48.15
CA GLY A 351 1.66 -8.62 -49.10
C GLY A 351 1.00 -7.30 -48.76
N CYS A 352 0.73 -7.08 -47.49
CA CYS A 352 0.22 -5.76 -47.09
C CYS A 352 1.26 -4.64 -47.19
N ARG A 353 0.75 -3.44 -47.47
CA ARG A 353 1.58 -2.24 -47.45
C ARG A 353 1.47 -1.70 -46.06
N VAL A 354 2.58 -1.72 -45.32
CA VAL A 354 2.49 -1.44 -43.88
C VAL A 354 3.08 -0.07 -43.61
N ARG A 355 2.27 0.85 -43.08
CA ARG A 355 2.79 2.20 -42.74
C ARG A 355 3.05 2.24 -41.25
N VAL A 356 4.28 2.52 -40.84
CA VAL A 356 4.60 2.54 -39.39
C VAL A 356 4.93 3.92 -38.83
N TYR A 357 4.64 4.10 -37.54
CA TYR A 357 5.06 5.29 -36.81
C TYR A 357 5.37 4.92 -35.36
N ASP A 358 6.52 5.40 -34.87
CA ASP A 358 6.86 5.32 -33.45
C ASP A 358 7.63 6.61 -33.16
N PRO A 359 7.36 7.21 -31.99
CA PRO A 359 8.04 8.49 -31.70
C PRO A 359 9.57 8.38 -31.55
N VAL A 360 10.07 7.18 -31.26
CA VAL A 360 11.50 6.97 -31.01
C VAL A 360 12.14 5.78 -31.77
N ALA A 361 11.38 4.74 -32.11
CA ALA A 361 11.99 3.48 -32.52
C ALA A 361 12.13 3.23 -34.03
N MET A 362 11.83 4.24 -34.84
CA MET A 362 11.85 4.07 -36.31
C MET A 362 13.22 3.81 -36.93
N LYS A 363 14.29 4.34 -36.33
CA LYS A 363 15.66 4.04 -36.80
C LYS A 363 16.00 2.57 -36.53
N GLU A 364 15.69 2.11 -35.31
CA GLU A 364 15.79 0.69 -34.98
C GLU A 364 14.90 -0.15 -35.93
N ALA A 365 13.69 0.33 -36.23
CA ALA A 365 12.80 -0.44 -37.11
C ALA A 365 13.42 -0.55 -38.49
N GLN A 366 14.00 0.55 -38.96
CA GLN A 366 14.62 0.55 -40.29
C GLN A 366 15.85 -0.36 -40.35
N LYS A 367 16.58 -0.45 -39.23
CA LYS A 367 17.68 -1.43 -39.11
C LYS A 367 17.19 -2.89 -39.27
N ARG A 368 16.00 -3.17 -38.75
CA ARG A 368 15.44 -4.52 -38.77
C ARG A 368 14.67 -4.86 -40.04
N LEU A 369 13.98 -3.86 -40.60
CA LEU A 369 13.00 -4.09 -41.68
C LEU A 369 13.39 -3.50 -43.03
N GLY A 370 14.35 -2.57 -43.04
CA GLY A 370 14.74 -1.92 -44.28
C GLY A 370 13.57 -1.27 -45.00
N ASP A 371 13.50 -1.52 -46.30
CA ASP A 371 12.50 -0.91 -47.16
C ASP A 371 11.18 -1.69 -47.20
N LYS A 372 11.02 -2.70 -46.34
CA LYS A 372 9.84 -3.60 -46.32
C LYS A 372 8.54 -2.94 -45.82
N VAL A 373 8.70 -1.87 -45.05
CA VAL A 373 7.59 -1.07 -44.57
C VAL A 373 7.82 0.40 -44.97
N GLU A 374 6.75 1.16 -44.91
CA GLU A 374 6.77 2.62 -45.13
C GLU A 374 6.88 3.37 -43.78
N TYR A 375 7.89 4.21 -43.66
CA TYR A 375 8.13 5.02 -42.45
C TYR A 375 7.46 6.36 -42.60
N THR A 376 6.80 6.80 -41.54
CA THR A 376 5.95 7.99 -41.68
C THR A 376 6.39 9.06 -40.65
N THR A 377 5.90 10.28 -40.81
CA THR A 377 6.42 11.40 -40.04
C THR A 377 5.78 11.60 -38.65
N ASP A 378 4.54 11.17 -38.51
CA ASP A 378 3.77 11.32 -37.27
C ASP A 378 2.58 10.37 -37.37
N MET A 379 1.78 10.29 -36.30
CA MET A 379 0.64 9.38 -36.22
C MET A 379 -0.44 9.57 -37.30
N TYR A 380 -0.70 10.83 -37.67
CA TYR A 380 -1.66 11.15 -38.70
C TYR A 380 -1.14 10.84 -40.10
N ASP A 381 0.14 11.09 -40.34
CA ASP A 381 0.74 10.70 -41.63
C ASP A 381 0.58 9.18 -41.82
N ALA A 382 0.80 8.45 -40.73
CA ALA A 382 0.75 6.97 -40.77
C ALA A 382 -0.54 6.42 -41.36
N VAL A 383 -1.68 7.03 -40.99
CA VAL A 383 -2.95 6.43 -41.27
C VAL A 383 -3.50 6.77 -42.65
N ARG A 384 -2.78 7.64 -43.39
CA ARG A 384 -3.26 8.04 -44.74
C ARG A 384 -3.44 6.80 -45.61
N GLY A 385 -4.68 6.55 -46.01
CA GLY A 385 -5.04 5.41 -46.90
C GLY A 385 -5.10 4.03 -46.25
N ALA A 386 -4.98 4.00 -44.92
CA ALA A 386 -4.98 2.74 -44.17
C ALA A 386 -6.40 2.12 -44.09
N GLU A 387 -6.48 0.79 -44.17
CA GLU A 387 -7.76 0.04 -44.07
C GLU A 387 -7.95 -0.58 -42.67
N ALA A 388 -6.92 -0.40 -41.84
CA ALA A 388 -6.94 -0.78 -40.42
C ALA A 388 -5.82 -0.02 -39.74
N LEU A 389 -6.06 0.37 -38.50
CA LEU A 389 -5.04 0.99 -37.65
C LEU A 389 -4.84 0.08 -36.44
N PHE A 390 -3.62 -0.38 -36.26
CA PHE A 390 -3.23 -1.14 -35.06
C PHE A 390 -2.51 -0.27 -34.05
N HIS A 391 -3.05 -0.22 -32.83
CA HIS A 391 -2.38 0.51 -31.72
C HIS A 391 -1.67 -0.55 -30.87
N VAL A 392 -0.36 -0.60 -31.00
CA VAL A 392 0.41 -1.74 -30.50
C VAL A 392 1.23 -1.38 -29.24
N THR A 393 1.72 -0.14 -29.17
CA THR A 393 2.51 0.30 -28.03
C THR A 393 1.98 1.64 -27.54
N GLU A 394 1.59 1.70 -26.26
CA GLU A 394 0.73 2.77 -25.78
C GLU A 394 1.49 4.07 -25.43
N TRP A 395 2.29 4.53 -26.38
CA TRP A 395 2.97 5.83 -26.22
C TRP A 395 1.91 6.93 -25.93
N LYS A 396 2.29 7.90 -25.11
CA LYS A 396 1.30 8.87 -24.64
C LYS A 396 0.72 9.72 -25.75
N GLU A 397 1.47 9.99 -26.82
CA GLU A 397 0.89 10.85 -27.88
C GLU A 397 -0.29 10.20 -28.62
N PHE A 398 -0.42 8.87 -28.55
CA PHE A 398 -1.56 8.16 -29.19
C PHE A 398 -2.85 8.23 -28.42
N ARG A 399 -2.77 8.75 -27.18
CA ARG A 399 -3.86 8.56 -26.22
C ARG A 399 -5.16 9.26 -26.55
N MET A 400 -5.06 10.44 -27.15
CA MET A 400 -6.23 11.31 -27.35
C MET A 400 -6.33 11.72 -28.82
N PRO A 401 -6.62 10.74 -29.71
CA PRO A 401 -6.57 11.11 -31.13
C PRO A 401 -7.78 11.93 -31.61
N ASP A 402 -7.55 12.66 -32.69
CA ASP A 402 -8.64 13.33 -33.39
C ASP A 402 -9.32 12.32 -34.31
N TRP A 403 -10.40 11.71 -33.83
CA TRP A 403 -11.10 10.63 -34.55
C TRP A 403 -11.67 11.10 -35.89
N SER A 404 -12.17 12.34 -35.91
CA SER A 404 -12.61 12.98 -37.17
C SER A 404 -11.51 13.00 -38.20
N ALA A 405 -10.35 13.52 -37.81
CA ALA A 405 -9.19 13.59 -38.70
C ALA A 405 -8.73 12.18 -39.13
N LEU A 406 -8.71 11.23 -38.20
CA LEU A 406 -8.37 9.85 -38.56
C LEU A 406 -9.34 9.28 -39.60
N SER A 407 -10.62 9.56 -39.40
CA SER A 407 -11.66 9.04 -40.30
C SER A 407 -11.55 9.63 -41.71
N GLN A 408 -11.18 10.91 -41.81
CA GLN A 408 -10.97 11.56 -43.12
C GLN A 408 -9.76 11.01 -43.86
N ALA A 409 -8.68 10.76 -43.12
CA ALA A 409 -7.41 10.28 -43.65
C ALA A 409 -7.44 8.78 -44.09
N MET A 410 -8.18 7.96 -43.35
CA MET A 410 -8.16 6.50 -43.54
C MET A 410 -9.05 6.05 -44.73
N ALA A 411 -8.76 4.89 -45.31
CA ALA A 411 -9.66 4.25 -46.29
C ALA A 411 -10.82 3.54 -45.61
N ALA A 412 -10.64 3.16 -44.36
CA ALA A 412 -11.70 2.50 -43.59
C ALA A 412 -11.46 2.80 -42.12
N SER A 413 -12.54 3.16 -41.44
CA SER A 413 -12.46 3.62 -40.04
C SER A 413 -12.46 2.43 -39.10
N LEU A 414 -11.34 1.74 -39.04
CA LEU A 414 -11.21 0.54 -38.23
C LEU A 414 -9.96 0.64 -37.36
N VAL A 415 -10.11 0.53 -36.04
CA VAL A 415 -8.95 0.60 -35.14
C VAL A 415 -8.95 -0.68 -34.32
N ILE A 416 -7.76 -1.30 -34.24
CA ILE A 416 -7.56 -2.54 -33.50
C ILE A 416 -6.57 -2.20 -32.39
N ASP A 417 -7.06 -2.18 -31.15
CA ASP A 417 -6.25 -1.68 -30.04
C ASP A 417 -5.70 -2.87 -29.26
N GLY A 418 -4.37 -3.04 -29.38
CA GLY A 418 -3.62 -4.10 -28.69
C GLY A 418 -3.33 -3.78 -27.24
N ARG A 419 -3.72 -2.59 -26.78
CA ARG A 419 -3.38 -2.22 -25.42
C ARG A 419 -4.57 -1.68 -24.59
N ASN A 420 -5.78 -1.75 -25.15
CA ASN A 420 -7.03 -1.39 -24.39
C ASN A 420 -6.98 0.00 -23.74
N VAL A 421 -6.63 1.00 -24.53
CA VAL A 421 -6.62 2.38 -24.06
C VAL A 421 -7.80 3.21 -24.55
N TYR A 422 -8.42 2.80 -25.67
CA TYR A 422 -9.47 3.60 -26.31
C TYR A 422 -10.90 3.25 -25.96
N GLU A 423 -11.71 4.30 -25.85
CA GLU A 423 -13.14 4.25 -25.89
C GLU A 423 -13.53 5.23 -26.95
N LEU A 424 -14.45 4.85 -27.82
CA LEU A 424 -14.86 5.76 -28.87
C LEU A 424 -15.87 6.78 -28.35
N PRO A 425 -15.80 8.04 -28.86
CA PRO A 425 -16.81 9.08 -28.62
C PRO A 425 -18.20 8.58 -28.99
N PHE A 430 -16.27 4.97 -36.39
CA PHE A 430 -15.25 3.94 -36.16
C PHE A 430 -15.79 2.60 -35.63
N THR A 431 -15.14 1.52 -36.07
CA THR A 431 -15.27 0.22 -35.42
C THR A 431 -13.98 0.04 -34.64
N LEU A 432 -14.14 -0.29 -33.36
CA LEU A 432 -13.03 -0.53 -32.43
C LEU A 432 -13.01 -1.98 -32.00
N LEU A 433 -11.90 -2.66 -32.29
CA LEU A 433 -11.71 -4.04 -31.83
C LEU A 433 -10.61 -3.98 -30.78
N ASN A 434 -10.75 -4.71 -29.67
CA ASN A 434 -9.66 -4.72 -28.69
C ASN A 434 -9.53 -6.07 -28.03
N ILE A 435 -8.69 -6.19 -27.00
CA ILE A 435 -8.45 -7.48 -26.42
C ILE A 435 -9.31 -7.66 -25.16
N GLY A 436 -10.41 -8.41 -25.24
CA GLY A 436 -11.21 -8.73 -24.02
C GLY A 436 -12.36 -7.77 -23.75
N LEU B 3 -33.94 -0.87 6.08
CA LEU B 3 -34.15 -1.87 4.98
C LEU B 3 -34.52 -3.24 5.53
N ASP B 4 -35.40 -3.92 4.81
CA ASP B 4 -35.76 -5.30 5.11
C ASP B 4 -35.04 -6.16 4.07
N ILE B 5 -34.25 -7.11 4.55
CA ILE B 5 -33.41 -7.95 3.71
C ILE B 5 -33.72 -9.42 3.99
N ALA B 6 -33.74 -10.23 2.94
CA ALA B 6 -33.70 -11.69 3.13
C ALA B 6 -32.39 -12.22 2.58
N VAL B 7 -31.83 -13.23 3.24
CA VAL B 7 -30.65 -13.95 2.74
C VAL B 7 -30.97 -15.45 2.70
N VAL B 8 -30.79 -16.06 1.53
CA VAL B 8 -31.03 -17.50 1.35
C VAL B 8 -29.71 -18.26 1.42
N GLY B 9 -29.60 -19.19 2.37
CA GLY B 9 -28.38 -19.98 2.58
C GLY B 9 -27.71 -19.70 3.93
N ILE B 10 -27.23 -20.76 4.57
CA ILE B 10 -26.61 -20.69 5.90
C ILE B 10 -25.23 -21.36 6.00
N GLY B 11 -24.52 -21.44 4.88
CA GLY B 11 -23.08 -21.63 4.89
C GLY B 11 -22.48 -20.31 5.35
N TYR B 12 -21.17 -20.21 5.40
CA TYR B 12 -20.55 -19.02 5.99
C TYR B 12 -20.98 -17.76 5.20
N VAL B 13 -21.16 -17.91 3.88
CA VAL B 13 -21.45 -16.74 3.05
C VAL B 13 -22.81 -16.16 3.42
N GLY B 14 -23.84 -17.00 3.45
CA GLY B 14 -25.20 -16.53 3.76
C GLY B 14 -25.32 -16.15 5.22
N LEU B 15 -24.77 -16.96 6.12
CA LEU B 15 -24.93 -16.71 7.54
C LEU B 15 -24.17 -15.46 7.99
N VAL B 16 -22.93 -15.28 7.52
CA VAL B 16 -22.13 -14.12 7.93
C VAL B 16 -22.72 -12.85 7.32
N SER B 17 -23.09 -12.88 6.03
CA SER B 17 -23.63 -11.66 5.44
CA SER B 17 -23.67 -11.69 5.40
C SER B 17 -24.95 -11.28 6.12
N ALA B 18 -25.80 -12.27 6.40
CA ALA B 18 -27.09 -12.00 7.03
C ALA B 18 -26.89 -11.35 8.39
N THR B 19 -25.97 -11.93 9.16
CA THR B 19 -25.71 -11.50 10.53
C THR B 19 -25.10 -10.10 10.57
N CYS B 20 -24.17 -9.84 9.66
CA CYS B 20 -23.51 -8.54 9.62
C CYS B 20 -24.48 -7.48 9.17
N PHE B 21 -25.38 -7.79 8.22
CA PHE B 21 -26.37 -6.81 7.79
C PHE B 21 -27.29 -6.43 8.97
N ALA B 22 -27.66 -7.42 9.77
CA ALA B 22 -28.43 -7.16 11.01
C ALA B 22 -27.67 -6.32 12.01
N GLU B 23 -26.38 -6.64 12.19
CA GLU B 23 -25.49 -5.87 13.08
C GLU B 23 -25.48 -4.40 12.72
N LEU B 24 -25.56 -4.11 11.41
CA LEU B 24 -25.55 -2.76 10.88
C LEU B 24 -26.91 -2.05 10.88
N GLY B 25 -27.92 -2.70 11.44
CA GLY B 25 -29.26 -2.10 11.63
C GLY B 25 -30.35 -2.61 10.69
N ALA B 26 -30.03 -3.49 9.76
CA ALA B 26 -31.10 -4.02 8.88
C ALA B 26 -31.99 -5.02 9.61
N ASN B 27 -33.23 -5.16 9.14
CA ASN B 27 -34.10 -6.25 9.56
C ASN B 27 -33.88 -7.40 8.59
N VAL B 28 -33.37 -8.52 9.10
CA VAL B 28 -32.91 -9.60 8.24
C VAL B 28 -33.63 -10.92 8.54
N ARG B 29 -34.04 -11.60 7.47
CA ARG B 29 -34.57 -12.95 7.57
C ARG B 29 -33.63 -13.87 6.81
N CYS B 30 -33.07 -14.84 7.53
CA CYS B 30 -32.11 -15.74 6.92
C CYS B 30 -32.76 -17.12 6.75
N ILE B 31 -32.70 -17.66 5.54
CA ILE B 31 -33.50 -18.85 5.19
C ILE B 31 -32.69 -20.03 4.67
N ASP B 32 -33.10 -21.24 5.03
CA ASP B 32 -32.49 -22.44 4.47
C ASP B 32 -33.48 -23.60 4.47
N THR B 33 -33.23 -24.59 3.62
CA THR B 33 -34.09 -25.77 3.59
C THR B 33 -33.81 -26.74 4.74
N ASP B 34 -32.61 -26.70 5.32
CA ASP B 34 -32.23 -27.64 6.38
C ASP B 34 -32.88 -27.28 7.71
N ARG B 35 -34.01 -27.92 8.00
CA ARG B 35 -34.77 -27.70 9.23
C ARG B 35 -33.95 -27.85 10.52
N ASN B 36 -33.05 -28.83 10.55
CA ASN B 36 -32.22 -29.12 11.72
C ASN B 36 -31.22 -28.01 12.04
N LYS B 37 -30.60 -27.46 11.00
CA LYS B 37 -29.62 -26.38 11.16
C LYS B 37 -30.30 -25.07 11.56
N ILE B 38 -31.47 -24.81 10.99
CA ILE B 38 -32.27 -23.63 11.34
C ILE B 38 -32.72 -23.79 12.79
N GLU B 39 -33.11 -25.03 13.13
CA GLU B 39 -33.57 -25.38 14.47
C GLU B 39 -32.48 -25.02 15.48
N GLN B 40 -31.25 -25.49 15.21
CA GLN B 40 -30.11 -25.17 16.03
C GLN B 40 -29.85 -23.66 16.11
N LEU B 41 -30.04 -22.95 15.00
CA LEU B 41 -29.87 -21.49 15.01
C LEU B 41 -30.92 -20.79 15.90
N ASN B 42 -32.16 -21.27 15.84
CA ASN B 42 -33.24 -20.75 16.71
C ASN B 42 -32.98 -21.01 18.19
N SER B 43 -32.18 -22.03 18.50
CA SER B 43 -31.84 -22.37 19.88
C SER B 43 -30.44 -21.85 20.25
N GLY B 44 -29.86 -21.05 19.36
CA GLY B 44 -28.61 -20.36 19.64
C GLY B 44 -27.33 -21.14 19.39
N THR B 45 -27.39 -22.17 18.54
CA THR B 45 -26.19 -22.92 18.14
C THR B 45 -25.94 -22.83 16.61
N ILE B 46 -24.75 -22.36 16.24
CA ILE B 46 -24.41 -22.20 14.82
C ILE B 46 -24.07 -23.55 14.15
N PRO B 47 -24.49 -23.72 12.88
CA PRO B 47 -24.18 -24.93 12.12
C PRO B 47 -22.76 -24.95 11.53
N ILE B 48 -21.97 -23.90 11.76
CA ILE B 48 -20.61 -23.78 11.18
C ILE B 48 -19.59 -23.37 12.23
N TYR B 49 -18.30 -23.51 11.89
CA TYR B 49 -17.22 -23.03 12.75
C TYR B 49 -16.78 -21.63 12.26
N GLU B 50 -17.27 -20.60 12.95
CA GLU B 50 -16.99 -19.20 12.58
C GLU B 50 -16.88 -18.32 13.84
N PRO B 51 -15.64 -17.94 14.19
CA PRO B 51 -15.27 -17.12 15.37
C PRO B 51 -16.05 -15.82 15.42
N GLY B 52 -16.62 -15.54 16.60
CA GLY B 52 -17.37 -14.32 16.85
C GLY B 52 -18.81 -14.37 16.37
N LEU B 53 -19.14 -15.35 15.53
CA LEU B 53 -20.45 -15.41 14.91
C LEU B 53 -21.63 -15.76 15.82
N GLU B 54 -21.48 -16.79 16.66
CA GLU B 54 -22.62 -17.24 17.48
C GLU B 54 -23.08 -16.08 18.37
N LYS B 55 -22.13 -15.34 18.92
CA LYS B 55 -22.42 -14.20 19.79
C LYS B 55 -23.08 -13.05 19.02
N MET B 56 -22.57 -12.79 17.81
CA MET B 56 -23.15 -11.72 16.96
C MET B 56 -24.59 -12.04 16.60
N ILE B 57 -24.86 -13.31 16.27
CA ILE B 57 -26.22 -13.80 16.05
C ILE B 57 -27.09 -13.60 17.29
N ALA B 58 -26.57 -14.01 18.43
CA ALA B 58 -27.33 -13.96 19.68
C ALA B 58 -27.85 -12.57 19.96
N ARG B 59 -26.98 -11.56 19.86
CA ARG B 59 -27.41 -10.20 20.17
C ARG B 59 -28.39 -9.65 19.16
N ASN B 60 -28.18 -9.99 17.89
CA ASN B 60 -29.03 -9.51 16.82
C ASN B 60 -30.42 -10.19 16.80
N VAL B 61 -30.48 -11.45 17.21
CA VAL B 61 -31.78 -12.11 17.42
C VAL B 61 -32.54 -11.45 18.59
N LYS B 62 -31.84 -11.24 19.69
CA LYS B 62 -32.41 -10.59 20.88
C LYS B 62 -32.94 -9.19 20.58
N ALA B 63 -32.21 -8.44 19.76
CA ALA B 63 -32.60 -7.08 19.39
C ALA B 63 -33.80 -7.09 18.47
N GLY B 64 -34.12 -8.27 17.91
CA GLY B 64 -35.18 -8.46 16.93
C GLY B 64 -34.82 -8.05 15.50
N ARG B 65 -33.53 -7.89 15.21
CA ARG B 65 -33.12 -7.54 13.84
C ARG B 65 -32.85 -8.77 12.96
N LEU B 66 -32.75 -9.94 13.57
CA LEU B 66 -32.36 -11.14 12.84
C LEU B 66 -33.28 -12.29 13.21
N ARG B 67 -33.82 -12.95 12.19
CA ARG B 67 -34.69 -14.11 12.38
C ARG B 67 -34.38 -15.14 11.32
N PHE B 68 -34.60 -16.42 11.64
CA PHE B 68 -34.30 -17.50 10.73
C PHE B 68 -35.58 -18.14 10.28
N GLY B 69 -35.54 -18.83 9.17
CA GLY B 69 -36.73 -19.49 8.62
C GLY B 69 -36.35 -20.58 7.65
N THR B 70 -37.34 -21.39 7.25
CA THR B 70 -37.11 -22.37 6.20
C THR B 70 -37.91 -22.10 4.93
N GLU B 71 -38.69 -21.02 4.94
CA GLU B 71 -39.65 -20.77 3.86
C GLU B 71 -39.40 -19.48 3.09
N ILE B 72 -38.83 -19.60 1.89
CA ILE B 72 -38.53 -18.41 1.07
C ILE B 72 -39.79 -17.60 0.85
N GLU B 73 -40.86 -18.32 0.52
CA GLU B 73 -42.12 -17.74 0.14
C GLU B 73 -42.76 -16.86 1.23
N GLN B 74 -42.42 -17.11 2.49
CA GLN B 74 -42.87 -16.23 3.56
C GLN B 74 -41.91 -15.03 3.77
N ALA B 75 -40.65 -15.18 3.37
CA ALA B 75 -39.68 -14.07 3.49
C ALA B 75 -39.83 -13.02 2.40
N VAL B 76 -40.11 -13.48 1.19
CA VAL B 76 -40.18 -12.62 -0.01
C VAL B 76 -41.10 -11.40 0.13
N PRO B 77 -42.36 -11.58 0.59
CA PRO B 77 -43.20 -10.37 0.57
C PRO B 77 -42.75 -9.24 1.52
N GLU B 78 -41.91 -9.55 2.51
CA GLU B 78 -41.41 -8.56 3.47
C GLU B 78 -40.14 -7.82 3.02
N ALA B 79 -39.36 -8.48 2.14
CA ALA B 79 -38.02 -8.04 1.78
C ALA B 79 -37.99 -6.99 0.66
N ASP B 80 -37.14 -5.99 0.84
CA ASP B 80 -36.80 -5.01 -0.21
C ASP B 80 -35.73 -5.59 -1.15
N ILE B 81 -34.85 -6.41 -0.58
CA ILE B 81 -33.74 -7.01 -1.32
C ILE B 81 -33.65 -8.45 -0.81
N ILE B 82 -33.53 -9.42 -1.72
CA ILE B 82 -33.22 -10.79 -1.32
C ILE B 82 -31.88 -11.26 -1.93
N PHE B 83 -31.02 -11.85 -1.10
CA PHE B 83 -29.71 -12.34 -1.57
C PHE B 83 -29.79 -13.86 -1.76
N ILE B 84 -29.37 -14.35 -2.91
CA ILE B 84 -29.15 -15.77 -3.09
C ILE B 84 -27.70 -16.07 -2.72
N ALA B 85 -27.50 -16.89 -1.68
CA ALA B 85 -26.15 -17.17 -1.16
C ALA B 85 -25.94 -18.66 -0.86
N VAL B 86 -26.62 -19.50 -1.64
CA VAL B 86 -26.54 -20.94 -1.50
C VAL B 86 -25.26 -21.47 -2.16
N GLY B 87 -24.85 -22.69 -1.82
CA GLY B 87 -23.68 -23.32 -2.44
C GLY B 87 -23.83 -23.56 -3.93
N THR B 88 -22.69 -23.55 -4.62
CA THR B 88 -22.61 -23.95 -6.03
C THR B 88 -21.46 -24.96 -6.12
N PRO B 89 -21.67 -26.18 -5.57
CA PRO B 89 -20.53 -27.11 -5.54
C PRO B 89 -20.19 -27.67 -6.92
N ALA B 90 -19.09 -28.42 -7.01
CA ALA B 90 -18.72 -29.05 -8.25
C ALA B 90 -19.82 -30.04 -8.68
N GLY B 91 -20.27 -29.93 -9.91
CA GLY B 91 -21.20 -30.90 -10.50
C GLY B 91 -20.41 -32.12 -10.92
N GLU B 92 -21.12 -33.17 -11.34
CA GLU B 92 -20.46 -34.40 -11.78
C GLU B 92 -19.36 -34.22 -12.84
N ASP B 93 -19.55 -33.32 -13.82
CA ASP B 93 -18.55 -33.10 -14.88
C ASP B 93 -17.62 -31.89 -14.64
N GLY B 94 -17.51 -31.47 -13.38
CA GLY B 94 -16.64 -30.33 -13.05
C GLY B 94 -17.28 -28.96 -13.18
N SER B 95 -18.39 -28.89 -13.94
CA SER B 95 -19.22 -27.68 -14.04
C SER B 95 -19.77 -27.24 -12.69
N ALA B 96 -20.04 -25.95 -12.55
CA ALA B 96 -20.72 -25.44 -11.34
C ALA B 96 -22.15 -25.99 -11.30
N ASP B 97 -22.50 -26.65 -10.19
CA ASP B 97 -23.86 -27.17 -9.95
C ASP B 97 -24.81 -26.03 -9.61
N MET B 98 -25.75 -25.74 -10.51
CA MET B 98 -26.61 -24.56 -10.36
C MET B 98 -28.02 -24.84 -9.80
N SER B 99 -28.26 -26.06 -9.33
CA SER B 99 -29.61 -26.51 -8.92
C SER B 99 -30.15 -25.75 -7.70
N TYR B 100 -29.30 -25.55 -6.70
CA TYR B 100 -29.66 -24.83 -5.48
C TYR B 100 -30.00 -23.38 -5.79
N VAL B 101 -29.21 -22.75 -6.66
CA VAL B 101 -29.44 -21.34 -7.03
C VAL B 101 -30.76 -21.14 -7.79
N LEU B 102 -31.00 -22.01 -8.77
CA LEU B 102 -32.21 -21.91 -9.59
C LEU B 102 -33.47 -22.30 -8.81
N ASP B 103 -33.35 -23.28 -7.90
CA ASP B 103 -34.37 -23.61 -6.91
C ASP B 103 -34.81 -22.37 -6.12
N ALA B 104 -33.83 -21.64 -5.56
CA ALA B 104 -34.11 -20.41 -4.85
C ALA B 104 -34.76 -19.37 -5.77
N ALA B 105 -34.29 -19.27 -7.02
CA ALA B 105 -34.81 -18.29 -7.96
C ALA B 105 -36.30 -18.55 -8.22
N ARG B 106 -36.62 -19.81 -8.40
CA ARG B 106 -37.98 -20.22 -8.69
C ARG B 106 -38.92 -19.96 -7.51
N SER B 107 -38.46 -20.25 -6.29
CA SER B 107 -39.24 -19.93 -5.08
C SER B 107 -39.54 -18.45 -4.96
N ILE B 108 -38.55 -17.61 -5.29
CA ILE B 108 -38.73 -16.16 -5.28
C ILE B 108 -39.84 -15.76 -6.26
N GLY B 109 -39.83 -16.32 -7.45
CA GLY B 109 -40.82 -15.99 -8.49
C GLY B 109 -42.23 -16.44 -8.11
N ARG B 110 -42.31 -17.56 -7.40
CA ARG B 110 -43.61 -18.04 -6.91
C ARG B 110 -44.23 -17.09 -5.87
N ALA B 111 -43.38 -16.39 -5.13
CA ALA B 111 -43.83 -15.70 -3.93
C ALA B 111 -43.87 -14.18 -4.12
N MET B 112 -43.25 -13.68 -5.18
CA MET B 112 -43.15 -12.24 -5.40
C MET B 112 -44.52 -11.58 -5.42
N SER B 113 -44.63 -10.44 -4.75
CA SER B 113 -45.90 -9.71 -4.70
C SER B 113 -45.76 -8.28 -5.17
N ARG B 114 -44.53 -7.81 -5.34
CA ARG B 114 -44.24 -6.42 -5.70
C ARG B 114 -42.77 -6.41 -6.13
N TYR B 115 -42.29 -5.25 -6.59
CA TYR B 115 -40.88 -5.09 -7.00
C TYR B 115 -39.94 -5.57 -5.88
N ILE B 116 -38.93 -6.34 -6.26
CA ILE B 116 -37.87 -6.77 -5.35
C ILE B 116 -36.59 -6.81 -6.18
N LEU B 117 -35.47 -6.52 -5.52
CA LEU B 117 -34.14 -6.72 -6.10
C LEU B 117 -33.60 -8.05 -5.59
N ILE B 118 -33.21 -8.93 -6.51
CA ILE B 118 -32.58 -10.22 -6.19
C ILE B 118 -31.09 -10.09 -6.50
N VAL B 119 -30.25 -10.38 -5.51
CA VAL B 119 -28.82 -10.17 -5.64
C VAL B 119 -28.16 -11.52 -5.46
N THR B 120 -27.44 -11.96 -6.47
CA THR B 120 -26.74 -13.23 -6.37
C THR B 120 -25.33 -13.07 -5.79
N LYS B 121 -25.14 -13.64 -4.61
CA LYS B 121 -23.85 -13.63 -3.92
C LYS B 121 -23.10 -14.95 -4.09
N SER B 122 -23.85 -16.02 -4.35
CA SER B 122 -23.30 -17.33 -4.74
C SER B 122 -22.31 -17.22 -5.91
N THR B 123 -21.32 -18.10 -5.91
CA THR B 123 -20.32 -18.10 -6.99
C THR B 123 -20.94 -18.84 -8.16
N VAL B 124 -21.34 -18.07 -9.18
CA VAL B 124 -22.05 -18.62 -10.34
C VAL B 124 -21.33 -18.26 -11.64
N PRO B 125 -21.33 -19.19 -12.63
CA PRO B 125 -20.70 -18.93 -13.94
C PRO B 125 -21.22 -17.69 -14.65
N VAL B 126 -20.36 -17.07 -15.46
CA VAL B 126 -20.73 -15.88 -16.22
C VAL B 126 -21.96 -16.15 -17.04
N GLY B 127 -22.92 -15.23 -16.92
CA GLY B 127 -24.17 -15.29 -17.68
C GLY B 127 -25.28 -15.95 -16.89
N SER B 128 -24.97 -16.49 -15.71
CA SER B 128 -25.97 -17.07 -14.80
C SER B 128 -27.12 -16.11 -14.47
N TYR B 129 -26.85 -14.81 -14.47
CA TYR B 129 -27.90 -13.83 -14.18
C TYR B 129 -29.07 -13.95 -15.19
N ARG B 130 -28.75 -14.30 -16.44
CA ARG B 130 -29.79 -14.49 -17.48
C ARG B 130 -30.69 -15.69 -17.18
N LEU B 131 -30.09 -16.80 -16.77
CA LEU B 131 -30.82 -18.01 -16.36
C LEU B 131 -31.71 -17.73 -15.14
N ILE B 132 -31.15 -17.00 -14.17
CA ILE B 132 -31.87 -16.65 -12.93
C ILE B 132 -33.11 -15.79 -13.21
N ARG B 133 -32.95 -14.72 -13.99
CA ARG B 133 -34.07 -13.85 -14.39
C ARG B 133 -35.14 -14.68 -15.09
N LYS B 134 -34.71 -15.52 -16.04
CA LYS B 134 -35.66 -16.37 -16.79
C LYS B 134 -36.47 -17.28 -15.86
N ALA B 135 -35.80 -17.97 -14.93
CA ALA B 135 -36.47 -18.81 -13.94
C ALA B 135 -37.50 -18.04 -13.09
N ILE B 136 -37.14 -16.83 -12.65
CA ILE B 136 -38.06 -15.96 -11.90
C ILE B 136 -39.23 -15.53 -12.80
N GLN B 137 -38.94 -15.06 -14.01
CA GLN B 137 -39.99 -14.62 -14.92
C GLN B 137 -40.99 -15.74 -15.22
N GLU B 138 -40.49 -16.95 -15.45
CA GLU B 138 -41.35 -18.11 -15.76
C GLU B 138 -42.40 -18.39 -14.68
N GLU B 139 -41.99 -18.30 -13.42
CA GLU B 139 -42.93 -18.43 -12.30
C GLU B 139 -43.92 -17.27 -12.23
N LEU B 140 -43.51 -16.06 -12.61
CA LEU B 140 -44.43 -14.94 -12.63
C LEU B 140 -45.44 -15.13 -13.76
N ASP B 141 -44.94 -15.60 -14.90
CA ASP B 141 -45.77 -15.94 -16.05
C ASP B 141 -46.80 -17.05 -15.77
N LYS B 142 -46.43 -18.06 -14.98
CA LYS B 142 -47.38 -19.11 -14.60
C LYS B 142 -48.55 -18.50 -13.81
N ARG B 143 -48.20 -17.62 -12.86
CA ARG B 143 -49.17 -17.04 -11.95
C ARG B 143 -49.99 -15.94 -12.62
N GLU B 144 -49.69 -15.69 -13.89
CA GLU B 144 -50.23 -14.58 -14.68
C GLU B 144 -50.22 -13.24 -13.94
N VAL B 145 -49.14 -12.94 -13.22
CA VAL B 145 -48.96 -11.62 -12.61
C VAL B 145 -47.95 -10.76 -13.38
N LEU B 146 -48.01 -9.46 -13.14
CA LEU B 146 -47.20 -8.48 -13.83
C LEU B 146 -46.44 -7.67 -12.79
N ILE B 147 -45.23 -8.11 -12.52
CA ILE B 147 -44.43 -7.50 -11.48
C ILE B 147 -43.01 -7.32 -12.01
N ASP B 148 -42.52 -6.09 -11.98
CA ASP B 148 -41.15 -5.78 -12.35
C ASP B 148 -40.23 -6.32 -11.26
N PHE B 149 -38.98 -6.60 -11.63
CA PHE B 149 -37.92 -6.86 -10.65
C PHE B 149 -36.57 -6.52 -11.25
N ASP B 150 -35.54 -6.45 -10.39
CA ASP B 150 -34.16 -6.37 -10.91
C ASP B 150 -33.30 -7.52 -10.34
N ILE B 151 -32.24 -7.83 -11.07
CA ILE B 151 -31.25 -8.85 -10.69
C ILE B 151 -29.87 -8.18 -10.65
N ALA B 152 -29.02 -8.62 -9.73
CA ALA B 152 -27.70 -8.03 -9.61
C ALA B 152 -26.76 -9.15 -9.19
N SER B 153 -25.47 -8.91 -9.37
CA SER B 153 -24.40 -9.79 -8.90
C SER B 153 -23.67 -9.02 -7.79
N ASN B 154 -23.43 -9.69 -6.67
CA ASN B 154 -22.61 -9.10 -5.61
C ASN B 154 -21.78 -10.25 -5.04
N PRO B 155 -20.70 -10.61 -5.76
CA PRO B 155 -19.91 -11.77 -5.32
C PRO B 155 -19.30 -11.60 -3.93
N GLU B 156 -19.05 -12.73 -3.27
CA GLU B 156 -18.47 -12.75 -1.94
C GLU B 156 -16.99 -13.05 -2.01
N PHE B 157 -16.25 -12.39 -1.12
CA PHE B 157 -14.79 -12.60 -1.00
C PHE B 157 -14.36 -12.95 0.43
N LEU B 158 -15.23 -13.68 1.13
CA LEU B 158 -15.02 -14.07 2.53
C LEU B 158 -14.17 -15.32 2.63
N LYS B 159 -13.36 -15.43 3.68
CA LYS B 159 -12.64 -16.68 3.96
C LYS B 159 -13.27 -17.33 5.17
N GLU B 160 -13.61 -18.62 5.05
CA GLU B 160 -14.12 -19.40 6.15
C GLU B 160 -13.20 -19.23 7.34
N GLY B 161 -13.77 -18.98 8.50
CA GLY B 161 -12.95 -18.85 9.71
C GLY B 161 -12.52 -17.44 10.02
N ASN B 162 -12.59 -16.54 9.03
CA ASN B 162 -12.33 -15.13 9.26
C ASN B 162 -13.35 -14.26 8.54
N ALA B 163 -14.56 -14.78 8.44
CA ALA B 163 -15.58 -14.21 7.59
C ALA B 163 -16.14 -12.87 8.06
N ILE B 164 -16.28 -12.69 9.39
CA ILE B 164 -16.79 -11.44 9.91
C ILE B 164 -15.86 -10.27 9.58
N ASP B 165 -14.58 -10.42 9.88
CA ASP B 165 -13.61 -9.38 9.54
C ASP B 165 -13.58 -9.11 8.03
N ASP B 166 -13.65 -10.16 7.21
CA ASP B 166 -13.60 -10.00 5.76
C ASP B 166 -14.85 -9.22 5.26
N PHE B 167 -15.99 -9.48 5.89
CA PHE B 167 -17.25 -8.81 5.49
C PHE B 167 -17.26 -7.35 5.93
N MET B 168 -16.89 -7.13 7.20
CA MET B 168 -16.93 -5.80 7.82
C MET B 168 -15.85 -4.80 7.36
N LYS B 169 -14.64 -5.30 7.09
CA LYS B 169 -13.56 -4.47 6.56
C LYS B 169 -13.06 -5.03 5.19
N PRO B 170 -13.91 -5.04 4.15
CA PRO B 170 -13.47 -5.62 2.88
C PRO B 170 -12.51 -4.71 2.10
N ASP B 171 -11.60 -5.33 1.36
CA ASP B 171 -10.73 -4.55 0.46
C ASP B 171 -11.56 -3.80 -0.56
N ARG B 172 -12.60 -4.45 -1.09
CA ARG B 172 -13.58 -3.80 -1.95
C ARG B 172 -14.89 -4.60 -1.96
N VAL B 173 -15.94 -3.94 -2.43
CA VAL B 173 -17.22 -4.56 -2.74
C VAL B 173 -17.43 -4.48 -4.24
N VAL B 174 -17.74 -5.62 -4.84
CA VAL B 174 -17.98 -5.70 -6.29
C VAL B 174 -19.45 -5.88 -6.55
N VAL B 175 -20.03 -5.01 -7.36
CA VAL B 175 -21.45 -5.12 -7.66
C VAL B 175 -21.71 -5.04 -9.19
N GLY B 176 -22.34 -6.06 -9.76
CA GLY B 176 -22.76 -6.07 -11.18
C GLY B 176 -24.25 -5.72 -11.25
N VAL B 177 -24.57 -4.65 -11.98
CA VAL B 177 -25.98 -4.21 -12.13
C VAL B 177 -26.26 -3.86 -13.58
N ASP B 178 -27.54 -3.86 -13.92
CA ASP B 178 -27.96 -3.42 -15.26
C ASP B 178 -29.11 -2.41 -15.21
N SER B 179 -29.33 -1.80 -14.05
CA SER B 179 -30.34 -0.75 -13.92
C SER B 179 -29.97 0.25 -12.84
N ASP B 180 -30.45 1.48 -13.04
CA ASP B 180 -30.25 2.53 -12.05
C ASP B 180 -30.93 2.19 -10.74
N ARG B 181 -32.14 1.62 -10.81
CA ARG B 181 -32.92 1.38 -9.60
C ARG B 181 -32.16 0.40 -8.70
N ALA B 182 -31.60 -0.67 -9.28
CA ALA B 182 -30.79 -1.64 -8.55
C ALA B 182 -29.53 -1.01 -7.96
N ARG B 183 -28.85 -0.19 -8.76
CA ARG B 183 -27.71 0.57 -8.28
C ARG B 183 -28.03 1.49 -7.08
N GLU B 184 -29.09 2.28 -7.17
CA GLU B 184 -29.50 3.15 -6.07
C GLU B 184 -29.80 2.32 -4.81
N LEU B 185 -30.46 1.18 -4.98
CA LEU B 185 -30.89 0.35 -3.85
C LEU B 185 -29.71 -0.33 -3.16
N ILE B 186 -28.74 -0.84 -3.93
CA ILE B 186 -27.53 -1.43 -3.32
C ILE B 186 -26.60 -0.40 -2.66
N THR B 187 -26.49 0.78 -3.29
CA THR B 187 -25.74 1.89 -2.73
C THR B 187 -26.27 2.23 -1.33
N SER B 188 -27.59 2.33 -1.22
CA SER B 188 -28.21 2.66 0.06
C SER B 188 -27.97 1.57 1.10
N LEU B 189 -27.78 0.32 0.67
CA LEU B 189 -27.45 -0.74 1.62
C LEU B 189 -25.99 -0.66 2.11
N TYR B 190 -25.06 -0.41 1.21
CA TYR B 190 -23.64 -0.43 1.61
C TYR B 190 -23.06 0.86 2.14
N LYS B 191 -23.63 2.00 1.76
CA LYS B 191 -23.07 3.31 2.17
C LYS B 191 -22.92 3.55 3.70
N PRO B 192 -23.88 3.09 4.52
CA PRO B 192 -23.71 3.15 5.99
C PRO B 192 -22.70 2.17 6.59
N MET B 193 -22.09 1.32 5.76
CA MET B 193 -20.99 0.46 6.18
C MET B 193 -19.65 1.15 5.84
N LEU B 194 -19.48 1.57 4.58
CA LEU B 194 -18.18 2.06 4.08
C LEU B 194 -17.84 3.52 4.39
N ARG B 199 -15.41 2.16 -1.27
CA ARG B 199 -14.61 1.18 -2.00
C ARG B 199 -15.53 0.23 -2.81
N VAL B 200 -16.50 0.82 -3.51
CA VAL B 200 -17.55 0.05 -4.18
C VAL B 200 -17.44 0.12 -5.68
N LEU B 201 -17.16 -1.03 -6.30
CA LEU B 201 -16.93 -1.15 -7.76
C LEU B 201 -18.20 -1.59 -8.49
N PHE B 202 -18.87 -0.66 -9.16
CA PHE B 202 -20.04 -1.01 -9.98
C PHE B 202 -19.62 -1.37 -11.39
N MET B 203 -20.20 -2.45 -11.91
CA MET B 203 -19.89 -2.97 -13.27
C MET B 203 -21.10 -3.66 -13.84
N ASP B 204 -21.02 -4.12 -15.08
CA ASP B 204 -22.09 -4.92 -15.63
C ASP B 204 -22.12 -6.27 -14.94
N ILE B 205 -23.24 -6.99 -15.07
CA ILE B 205 -23.44 -8.24 -14.34
C ILE B 205 -22.44 -9.33 -14.74
N ALA B 206 -22.27 -9.59 -16.05
CA ALA B 206 -21.29 -10.59 -16.51
C ALA B 206 -19.89 -10.36 -15.95
N SER B 207 -19.46 -9.10 -15.90
CA SER B 207 -18.10 -8.76 -15.44
C SER B 207 -17.92 -9.03 -13.92
N ALA B 208 -18.96 -8.77 -13.14
CA ALA B 208 -18.94 -9.12 -11.70
C ALA B 208 -18.86 -10.62 -11.52
N GLU B 209 -19.65 -11.37 -12.29
CA GLU B 209 -19.57 -12.83 -12.24
C GLU B 209 -18.17 -13.36 -12.56
N MET B 210 -17.59 -12.87 -13.67
CA MET B 210 -16.23 -13.24 -14.06
C MET B 210 -15.19 -12.84 -13.02
N THR B 211 -15.38 -11.68 -12.37
CA THR B 211 -14.41 -11.18 -11.39
C THR B 211 -14.19 -12.21 -10.27
N LYS B 212 -15.27 -12.82 -9.80
CA LYS B 212 -15.13 -13.77 -8.72
C LYS B 212 -14.27 -14.98 -9.11
N TYR B 213 -14.51 -15.52 -10.29
CA TYR B 213 -13.68 -16.65 -10.73
C TYR B 213 -12.24 -16.23 -10.99
N ALA B 214 -12.06 -15.08 -11.65
CA ALA B 214 -10.70 -14.60 -11.96
C ALA B 214 -9.83 -14.38 -10.69
N ALA B 215 -10.44 -13.83 -9.64
CA ALA B 215 -9.79 -13.58 -8.35
C ALA B 215 -9.34 -14.87 -7.75
N ASN B 216 -10.27 -15.84 -7.66
CA ASN B 216 -9.96 -17.11 -7.05
C ASN B 216 -8.89 -17.81 -7.88
N ALA B 217 -9.04 -17.74 -9.21
CA ALA B 217 -8.06 -18.34 -10.10
C ALA B 217 -6.65 -17.72 -9.99
N MET B 218 -6.56 -16.41 -9.78
CA MET B 218 -5.25 -15.78 -9.65
C MET B 218 -4.57 -16.18 -8.32
N LEU B 219 -5.36 -16.32 -7.27
CA LEU B 219 -4.78 -16.80 -6.02
C LEU B 219 -4.26 -18.24 -6.15
N ALA B 220 -5.04 -19.11 -6.75
CA ALA B 220 -4.55 -20.48 -6.97
C ALA B 220 -3.26 -20.42 -7.78
N THR B 221 -3.23 -19.51 -8.75
CA THR B 221 -2.07 -19.37 -9.64
C THR B 221 -0.81 -18.99 -8.88
N ARG B 222 -0.98 -18.09 -7.91
CA ARG B 222 0.16 -17.66 -7.12
C ARG B 222 0.74 -18.86 -6.37
N ILE B 223 -0.14 -19.68 -5.81
CA ILE B 223 0.28 -20.79 -5.01
C ILE B 223 1.00 -21.84 -5.85
N SER B 224 0.37 -22.28 -6.95
CA SER B 224 1.04 -23.26 -7.85
C SER B 224 2.34 -22.71 -8.45
N PHE B 225 2.35 -21.42 -8.83
CA PHE B 225 3.62 -20.80 -9.21
C PHE B 225 4.71 -20.97 -8.13
N MET B 226 4.37 -20.61 -6.89
CA MET B 226 5.34 -20.71 -5.81
C MET B 226 5.70 -22.15 -5.48
N ASN B 227 4.77 -23.07 -5.70
CA ASN B 227 5.08 -24.50 -5.49
C ASN B 227 6.10 -25.02 -6.51
N ASP B 228 5.95 -24.65 -7.77
CA ASP B 228 6.96 -25.00 -8.78
C ASP B 228 8.30 -24.37 -8.42
N VAL B 229 8.29 -23.11 -7.98
CA VAL B 229 9.53 -22.48 -7.58
C VAL B 229 10.16 -23.21 -6.38
N ALA B 230 9.37 -23.55 -5.34
CA ALA B 230 9.87 -24.29 -4.17
C ALA B 230 10.49 -25.63 -4.54
N ASN B 231 9.81 -26.39 -5.40
CA ASN B 231 10.37 -27.65 -5.84
C ASN B 231 11.66 -27.53 -6.63
N LEU B 232 11.75 -26.51 -7.48
CA LEU B 232 13.02 -26.22 -8.10
C LEU B 232 14.07 -25.80 -7.08
N CYS B 233 13.72 -24.92 -6.14
CA CYS B 233 14.67 -24.47 -5.10
C CYS B 233 15.38 -25.64 -4.42
N GLU B 234 14.61 -26.71 -4.18
CA GLU B 234 15.16 -27.87 -3.49
C GLU B 234 16.26 -28.53 -4.25
N ARG B 235 16.16 -28.53 -5.59
CA ARG B 235 17.12 -29.19 -6.44
C ARG B 235 18.35 -28.36 -6.69
N VAL B 236 18.22 -27.03 -6.56
CA VAL B 236 19.37 -26.14 -6.87
C VAL B 236 20.02 -25.44 -5.65
N GLY B 237 19.55 -25.77 -4.46
CA GLY B 237 20.12 -25.22 -3.24
C GLY B 237 19.80 -23.76 -2.98
N ALA B 238 18.62 -23.32 -3.43
CA ALA B 238 18.09 -22.01 -3.03
C ALA B 238 17.07 -22.19 -1.90
N ASP B 239 16.86 -21.12 -1.14
CA ASP B 239 15.95 -21.11 0.01
C ASP B 239 14.66 -20.42 -0.42
N VAL B 240 13.59 -21.18 -0.63
CA VAL B 240 12.32 -20.53 -1.10
C VAL B 240 11.75 -19.45 -0.15
N SER B 241 12.02 -19.54 1.16
CA SER B 241 11.61 -18.43 2.06
C SER B 241 12.27 -17.09 1.74
N MET B 242 13.56 -17.15 1.38
CA MET B 242 14.27 -15.96 0.96
C MET B 242 13.79 -15.45 -0.41
N VAL B 243 13.49 -16.39 -1.30
CA VAL B 243 12.96 -16.05 -2.64
C VAL B 243 11.57 -15.39 -2.51
N ARG B 244 10.68 -15.97 -1.67
CA ARG B 244 9.39 -15.32 -1.35
C ARG B 244 9.56 -13.86 -0.88
N LEU B 245 10.48 -13.64 0.06
CA LEU B 245 10.78 -12.29 0.55
C LEU B 245 11.29 -11.44 -0.62
N GLY B 246 12.20 -11.99 -1.40
CA GLY B 246 12.79 -11.28 -2.52
C GLY B 246 11.83 -10.86 -3.63
N ILE B 247 10.80 -11.66 -3.90
CA ILE B 247 9.88 -11.24 -4.97
C ILE B 247 8.64 -10.53 -4.42
N GLY B 248 8.19 -10.90 -3.22
CA GLY B 248 6.96 -10.31 -2.67
C GLY B 248 7.14 -8.85 -2.29
N SER B 249 8.41 -8.48 -2.10
CA SER B 249 8.80 -7.12 -1.77
C SER B 249 8.68 -6.18 -3.00
N ASP B 250 8.40 -6.74 -4.19
CA ASP B 250 8.18 -5.89 -5.35
C ASP B 250 6.70 -5.58 -5.22
N SER B 251 6.35 -4.28 -5.19
CA SER B 251 4.94 -3.85 -5.10
C SER B 251 4.03 -4.35 -6.24
N ARG B 252 4.62 -4.68 -7.40
CA ARG B 252 3.83 -5.31 -8.47
C ARG B 252 3.34 -6.70 -8.13
N ILE B 253 4.03 -7.37 -7.22
CA ILE B 253 3.68 -8.75 -6.89
C ILE B 253 2.97 -8.83 -5.54
N GLY B 254 3.48 -8.12 -4.52
CA GLY B 254 2.89 -8.18 -3.18
C GLY B 254 3.33 -9.41 -2.39
N SER B 255 3.28 -9.30 -1.06
CA SER B 255 3.90 -10.27 -0.19
C SER B 255 2.91 -11.29 0.39
N LYS B 256 1.64 -11.12 0.10
CA LYS B 256 0.60 -12.00 0.66
C LYS B 256 0.36 -13.15 -0.29
N PHE B 257 -0.07 -14.30 0.22
CA PHE B 257 -0.50 -15.38 -0.65
C PHE B 257 0.54 -15.87 -1.64
N LEU B 258 1.73 -16.10 -1.11
CA LEU B 258 2.89 -16.57 -1.84
C LEU B 258 3.48 -17.79 -1.16
N TYR B 259 2.77 -18.39 -0.22
CA TYR B 259 3.41 -19.44 0.58
C TYR B 259 3.36 -20.82 -0.06
N PRO B 260 4.55 -21.34 -0.46
CA PRO B 260 4.52 -22.72 -0.90
C PRO B 260 4.24 -23.69 0.24
N GLY B 261 3.84 -24.91 -0.12
CA GLY B 261 3.47 -25.88 0.90
C GLY B 261 3.01 -27.14 0.22
N CYS B 262 2.11 -27.86 0.88
CA CYS B 262 1.63 -29.17 0.37
C CYS B 262 0.38 -29.05 -0.51
N GLY B 263 0.11 -27.84 -0.99
CA GLY B 263 -0.98 -27.55 -1.90
C GLY B 263 -2.12 -26.75 -1.30
N TYR B 264 -2.98 -26.28 -2.18
CA TYR B 264 -4.28 -25.69 -1.79
C TYR B 264 -5.39 -26.72 -1.85
N GLY B 265 -6.33 -26.58 -0.93
CA GLY B 265 -7.56 -27.33 -0.95
C GLY B 265 -8.73 -26.43 -0.61
N GLY B 266 -9.75 -27.02 -0.01
CA GLY B 266 -10.98 -26.32 0.36
C GLY B 266 -12.11 -26.49 -0.64
N SER B 267 -13.23 -25.85 -0.32
CA SER B 267 -14.45 -25.88 -1.13
C SER B 267 -14.54 -24.78 -2.18
N CYS B 268 -13.46 -24.05 -2.40
CA CYS B 268 -13.51 -22.86 -3.25
C CYS B 268 -12.52 -22.94 -4.41
N PHE B 269 -11.22 -22.90 -4.13
CA PHE B 269 -10.27 -22.88 -5.25
C PHE B 269 -10.42 -24.11 -6.20
N PRO B 270 -10.40 -25.35 -5.65
CA PRO B 270 -10.45 -26.46 -6.61
C PRO B 270 -11.70 -26.40 -7.50
N LYS B 271 -12.85 -26.16 -6.91
CA LYS B 271 -14.09 -26.10 -7.70
C LYS B 271 -14.21 -24.89 -8.63
N ASP B 272 -13.77 -23.71 -8.19
CA ASP B 272 -13.88 -22.49 -9.01
C ASP B 272 -12.92 -22.54 -10.19
N VAL B 273 -11.72 -23.09 -9.96
CA VAL B 273 -10.71 -23.24 -11.03
C VAL B 273 -11.25 -24.24 -12.06
N LYS B 274 -11.75 -25.38 -11.57
CA LYS B 274 -12.40 -26.37 -12.43
C LYS B 274 -13.54 -25.74 -13.27
N ALA B 275 -14.45 -25.03 -12.60
CA ALA B 275 -15.62 -24.38 -13.22
C ALA B 275 -15.22 -23.40 -14.31
N LEU B 276 -14.18 -22.61 -14.05
CA LEU B 276 -13.69 -21.68 -15.04
C LEU B 276 -13.08 -22.38 -16.28
N ILE B 277 -12.29 -23.44 -16.04
CA ILE B 277 -11.70 -24.25 -17.13
C ILE B 277 -12.82 -24.84 -17.98
N ARG B 278 -13.88 -25.32 -17.32
CA ARG B 278 -15.05 -25.90 -18.04
C ARG B 278 -15.82 -24.83 -18.84
N THR B 279 -16.07 -23.67 -18.23
CA THR B 279 -16.62 -22.51 -18.95
C THR B 279 -15.85 -22.21 -20.25
N ALA B 280 -14.51 -22.20 -20.17
CA ALA B 280 -13.63 -22.03 -21.33
C ALA B 280 -13.90 -23.09 -22.42
N GLU B 281 -13.85 -24.36 -22.01
CA GLU B 281 -14.04 -25.48 -22.91
C GLU B 281 -15.38 -25.40 -23.63
N ASP B 282 -16.43 -25.04 -22.90
CA ASP B 282 -17.79 -24.81 -23.49
C ASP B 282 -17.77 -23.73 -24.56
N ASN B 283 -16.81 -22.81 -24.46
CA ASN B 283 -16.66 -21.74 -25.45
C ASN B 283 -15.52 -21.96 -26.44
N GLY B 284 -15.00 -23.17 -26.53
CA GLY B 284 -13.93 -23.51 -27.44
C GLY B 284 -12.60 -22.84 -27.11
N TYR B 285 -12.40 -22.52 -25.83
CA TYR B 285 -11.14 -21.91 -25.43
C TYR B 285 -10.44 -22.75 -24.39
N ARG B 286 -9.11 -22.87 -24.47
CA ARG B 286 -8.33 -23.63 -23.46
C ARG B 286 -7.62 -22.64 -22.52
N MET B 287 -7.91 -22.72 -21.23
CA MET B 287 -7.21 -21.89 -20.23
C MET B 287 -5.89 -22.55 -19.84
N GLU B 288 -4.84 -22.25 -20.59
CA GLU B 288 -3.57 -22.95 -20.42
C GLU B 288 -2.88 -22.76 -19.07
N VAL B 289 -2.81 -21.51 -18.63
CA VAL B 289 -2.23 -21.23 -17.33
C VAL B 289 -2.96 -21.98 -16.24
N LEU B 290 -4.29 -21.86 -16.23
CA LEU B 290 -5.10 -22.51 -15.18
C LEU B 290 -5.03 -24.06 -15.22
N GLU B 291 -5.00 -24.65 -16.39
CA GLU B 291 -4.86 -26.08 -16.43
C GLU B 291 -3.54 -26.55 -15.82
N ALA B 292 -2.48 -25.77 -16.06
CA ALA B 292 -1.18 -26.10 -15.50
C ALA B 292 -1.18 -25.85 -14.00
N VAL B 293 -1.85 -24.80 -13.56
CA VAL B 293 -2.00 -24.52 -12.12
C VAL B 293 -2.67 -25.70 -11.39
N GLU B 294 -3.70 -26.27 -12.02
CA GLU B 294 -4.44 -27.42 -11.50
C GLU B 294 -3.56 -28.66 -11.41
N ARG B 295 -2.81 -28.93 -12.49
CA ARG B 295 -1.93 -30.11 -12.53
C ARG B 295 -0.86 -30.04 -11.45
N VAL B 296 -0.25 -28.85 -11.29
CA VAL B 296 0.82 -28.64 -10.31
C VAL B 296 0.26 -28.88 -8.91
N ASN B 297 -0.94 -28.38 -8.66
CA ASN B 297 -1.53 -28.56 -7.33
C ASN B 297 -1.85 -30.03 -6.99
N GLU B 298 -2.36 -30.76 -7.97
CA GLU B 298 -2.63 -32.20 -7.77
C GLU B 298 -1.37 -32.99 -7.41
N LYS B 299 -0.28 -32.72 -8.13
CA LYS B 299 1.03 -33.34 -7.82
C LYS B 299 1.56 -32.87 -6.44
N GLN B 300 1.26 -31.63 -6.07
CA GLN B 300 1.85 -31.11 -4.82
C GLN B 300 1.25 -31.84 -3.61
N LYS B 301 0.03 -32.37 -3.75
CA LYS B 301 -0.59 -33.05 -2.61
C LYS B 301 0.05 -34.41 -2.32
N SER B 302 0.88 -34.90 -3.25
CA SER B 302 1.66 -36.14 -3.09
C SER B 302 3.03 -35.97 -2.46
N ILE B 303 3.48 -34.72 -2.30
CA ILE B 303 4.88 -34.45 -1.95
C ILE B 303 5.24 -34.95 -0.54
N LEU B 304 4.37 -34.74 0.44
CA LEU B 304 4.64 -35.15 1.81
C LEU B 304 4.90 -36.66 1.90
N PHE B 305 4.02 -37.44 1.28
CA PHE B 305 4.20 -38.88 1.33
C PHE B 305 5.51 -39.29 0.63
N ASP B 306 5.77 -38.66 -0.52
CA ASP B 306 6.95 -38.99 -1.29
C ASP B 306 8.23 -38.69 -0.52
N LYS B 307 8.25 -37.58 0.22
CA LYS B 307 9.39 -37.28 1.09
C LYS B 307 9.58 -38.36 2.13
N PHE B 308 8.49 -38.73 2.79
CA PHE B 308 8.48 -39.77 3.81
C PHE B 308 9.06 -41.09 3.29
N SER B 309 8.54 -41.53 2.14
CA SER B 309 8.94 -42.80 1.51
C SER B 309 10.41 -42.77 1.06
N THR B 310 10.83 -41.68 0.43
CA THR B 310 12.23 -41.49 0.07
C THR B 310 13.15 -41.50 1.29
N TYR B 311 12.69 -40.89 2.39
CA TYR B 311 13.47 -40.93 3.60
C TYR B 311 13.73 -42.35 4.10
N TYR B 312 12.68 -43.18 4.13
CA TYR B 312 12.80 -44.56 4.60
C TYR B 312 13.16 -45.52 3.44
N LYS B 313 13.67 -44.92 2.36
CA LYS B 313 14.10 -45.63 1.16
C LYS B 313 13.06 -46.62 0.61
N GLY B 314 11.80 -46.23 0.65
CA GLY B 314 10.71 -47.04 0.13
C GLY B 314 10.21 -48.11 1.10
N ASN B 315 10.82 -48.18 2.28
CA ASN B 315 10.43 -49.16 3.30
C ASN B 315 9.50 -48.60 4.40
N VAL B 316 8.19 -48.64 4.15
CA VAL B 316 7.23 -47.91 5.02
C VAL B 316 6.12 -48.76 5.67
N GLN B 317 5.87 -49.95 5.13
CA GLN B 317 4.82 -50.85 5.64
C GLN B 317 4.82 -50.99 7.14
N GLY B 318 3.64 -50.91 7.75
CA GLY B 318 3.52 -51.07 9.19
C GLY B 318 4.13 -49.98 10.09
N ARG B 319 4.67 -48.91 9.51
CA ARG B 319 5.19 -47.81 10.34
C ARG B 319 4.07 -46.97 10.95
N CYS B 320 4.24 -46.56 12.20
CA CYS B 320 3.35 -45.58 12.84
C CYS B 320 3.79 -44.17 12.48
N VAL B 321 2.85 -43.35 12.05
CA VAL B 321 3.10 -41.94 11.75
C VAL B 321 2.05 -41.09 12.42
N ALA B 322 2.34 -39.80 12.58
CA ALA B 322 1.41 -38.91 13.20
C ALA B 322 1.20 -37.71 12.28
N ILE B 323 -0.04 -37.22 12.23
CA ILE B 323 -0.41 -36.03 11.44
C ILE B 323 -0.93 -34.91 12.35
N TRP B 324 -0.27 -33.75 12.23
CA TRP B 324 -0.75 -32.50 12.81
C TRP B 324 -1.52 -31.70 11.76
N GLY B 325 -2.84 -31.65 11.90
CA GLY B 325 -3.63 -30.84 10.99
C GLY B 325 -4.36 -31.65 9.94
N LEU B 326 -5.68 -31.47 9.90
CA LEU B 326 -6.53 -32.24 9.05
C LEU B 326 -7.38 -31.34 8.14
N SER B 327 -7.88 -30.23 8.67
CA SER B 327 -8.64 -29.26 7.85
C SER B 327 -7.77 -28.75 6.67
N PHE B 328 -8.40 -28.18 5.66
CA PHE B 328 -7.65 -27.80 4.45
C PHE B 328 -6.79 -26.55 4.74
N LYS B 329 -7.17 -25.82 5.81
CA LYS B 329 -6.43 -24.63 6.28
CA LYS B 329 -6.42 -24.65 6.29
C LYS B 329 -6.73 -24.41 7.77
N PRO B 330 -5.96 -23.52 8.44
CA PRO B 330 -6.28 -23.29 9.85
C PRO B 330 -7.63 -22.56 10.03
N GLY B 331 -8.25 -22.69 11.20
CA GLY B 331 -9.47 -21.95 11.51
C GLY B 331 -10.81 -22.43 10.96
N THR B 332 -10.87 -23.71 10.59
CA THR B 332 -12.09 -24.32 10.05
C THR B 332 -12.16 -25.85 10.34
N ASP B 333 -13.37 -26.41 10.30
CA ASP B 333 -13.52 -27.91 10.30
C ASP B 333 -13.59 -28.47 8.90
N ASP B 334 -13.53 -27.59 7.91
CA ASP B 334 -13.74 -27.98 6.48
C ASP B 334 -12.58 -28.84 5.96
N MET B 335 -12.91 -30.02 5.39
CA MET B 335 -11.89 -30.94 4.89
C MET B 335 -12.00 -31.24 3.37
N ARG B 336 -12.87 -30.49 2.70
CA ARG B 336 -13.08 -30.63 1.26
C ARG B 336 -11.76 -30.42 0.51
N GLU B 337 -11.38 -31.40 -0.32
CA GLU B 337 -10.11 -31.36 -1.08
C GLU B 337 -8.87 -31.12 -0.23
N ALA B 338 -8.91 -31.52 1.05
CA ALA B 338 -7.78 -31.26 1.93
C ALA B 338 -6.56 -32.07 1.50
N PRO B 339 -5.37 -31.41 1.47
CA PRO B 339 -4.13 -32.16 1.28
C PRO B 339 -3.93 -33.32 2.31
N SER B 340 -4.48 -33.21 3.51
CA SER B 340 -4.35 -34.30 4.51
C SER B 340 -4.92 -35.62 4.00
N LEU B 341 -6.04 -35.53 3.28
CA LEU B 341 -6.74 -36.73 2.77
C LEU B 341 -5.93 -37.47 1.72
N VAL B 342 -5.16 -36.75 0.93
CA VAL B 342 -4.32 -37.38 -0.09
C VAL B 342 -3.17 -38.09 0.62
N LEU B 343 -2.59 -37.42 1.61
CA LEU B 343 -1.52 -38.04 2.42
C LEU B 343 -2.01 -39.30 3.16
N ILE B 344 -3.17 -39.20 3.81
CA ILE B 344 -3.73 -40.34 4.59
C ILE B 344 -4.05 -41.52 3.68
N GLU B 345 -4.64 -41.23 2.53
CA GLU B 345 -5.04 -42.27 1.55
C GLU B 345 -3.81 -43.09 1.19
N LYS B 346 -2.70 -42.41 0.91
CA LYS B 346 -1.49 -43.07 0.52
C LYS B 346 -0.82 -43.82 1.69
N LEU B 347 -0.73 -43.19 2.86
CA LEU B 347 -0.22 -43.90 4.05
C LEU B 347 -1.02 -45.18 4.35
N LEU B 348 -2.33 -45.13 4.16
CA LEU B 348 -3.19 -46.29 4.41
C LEU B 348 -2.93 -47.37 3.37
N GLU B 349 -2.78 -46.97 2.11
CA GLU B 349 -2.50 -47.89 1.01
C GLU B 349 -1.28 -48.78 1.25
N VAL B 350 -0.26 -48.22 1.89
CA VAL B 350 0.98 -48.93 2.16
C VAL B 350 1.03 -49.50 3.58
N GLY B 351 -0.10 -49.45 4.27
CA GLY B 351 -0.26 -50.12 5.55
C GLY B 351 0.49 -49.47 6.70
N CYS B 352 0.55 -48.14 6.69
CA CYS B 352 1.00 -47.39 7.87
C CYS B 352 -0.08 -47.31 8.93
N ARG B 353 0.35 -47.18 10.19
CA ARG B 353 -0.56 -46.92 11.30
C ARG B 353 -0.58 -45.42 11.50
N VAL B 354 -1.76 -44.82 11.32
CA VAL B 354 -1.88 -43.35 11.24
C VAL B 354 -2.60 -42.76 12.44
N ARG B 355 -1.90 -41.92 13.18
CA ARG B 355 -2.45 -41.20 14.33
C ARG B 355 -2.67 -39.75 13.89
N VAL B 356 -3.89 -39.24 14.10
CA VAL B 356 -4.21 -37.85 13.69
C VAL B 356 -4.61 -36.93 14.83
N TYR B 357 -4.20 -35.66 14.74
CA TYR B 357 -4.75 -34.62 15.60
C TYR B 357 -5.09 -33.34 14.84
N ASP B 358 -6.30 -32.83 15.06
CA ASP B 358 -6.68 -31.48 14.64
C ASP B 358 -7.51 -30.87 15.77
N PRO B 359 -7.31 -29.58 16.09
CA PRO B 359 -8.09 -29.04 17.25
C PRO B 359 -9.58 -28.87 16.98
N VAL B 360 -9.97 -28.91 15.70
CA VAL B 360 -11.34 -28.64 15.31
C VAL B 360 -11.97 -29.68 14.37
N ALA B 361 -11.16 -30.28 13.49
CA ALA B 361 -11.69 -31.07 12.40
C ALA B 361 -11.85 -32.57 12.64
N MET B 362 -11.55 -33.05 13.85
CA MET B 362 -11.58 -34.52 14.09
C MET B 362 -12.93 -35.20 13.88
N LYS B 363 -14.04 -34.52 14.19
CA LYS B 363 -15.37 -35.10 13.97
C LYS B 363 -15.63 -35.29 12.47
N GLU B 364 -15.27 -34.26 11.71
CA GLU B 364 -15.38 -34.28 10.25
C GLU B 364 -14.47 -35.36 9.62
N ALA B 365 -13.26 -35.50 10.17
CA ALA B 365 -12.36 -36.57 9.77
C ALA B 365 -13.00 -37.92 10.08
N GLN B 366 -13.56 -38.08 11.28
CA GLN B 366 -14.19 -39.34 11.68
C GLN B 366 -15.33 -39.72 10.74
N LYS B 367 -16.11 -38.72 10.33
CA LYS B 367 -17.18 -38.91 9.35
C LYS B 367 -16.60 -39.40 8.02
N ARG B 368 -15.36 -39.01 7.71
CA ARG B 368 -14.77 -39.33 6.43
C ARG B 368 -13.97 -40.63 6.41
N LEU B 369 -13.35 -40.95 7.54
CA LEU B 369 -12.33 -42.00 7.60
C LEU B 369 -12.75 -43.19 8.49
N GLY B 370 -13.76 -42.97 9.34
CA GLY B 370 -14.20 -43.97 10.33
C GLY B 370 -13.03 -44.52 11.15
N ASP B 371 -12.92 -45.85 11.20
CA ASP B 371 -11.93 -46.52 12.04
C ASP B 371 -10.54 -46.70 11.44
N LYS B 372 -10.26 -45.99 10.34
CA LYS B 372 -9.02 -46.22 9.62
C LYS B 372 -7.81 -45.52 10.22
N VAL B 373 -8.06 -44.49 11.01
CA VAL B 373 -6.98 -43.74 11.64
C VAL B 373 -7.25 -43.65 13.14
N GLU B 374 -6.21 -43.39 13.93
CA GLU B 374 -6.40 -43.21 15.36
C GLU B 374 -6.58 -41.72 15.73
N TYR B 375 -7.71 -41.40 16.34
CA TYR B 375 -8.00 -40.03 16.76
C TYR B 375 -7.47 -39.77 18.16
N THR B 376 -6.58 -38.78 18.27
CA THR B 376 -5.85 -38.53 19.50
C THR B 376 -6.30 -37.22 20.17
N THR B 377 -5.97 -37.05 21.44
CA THR B 377 -6.52 -35.99 22.30
C THR B 377 -5.86 -34.62 22.20
N ASP B 378 -4.58 -34.60 21.84
CA ASP B 378 -3.78 -33.40 21.71
C ASP B 378 -2.57 -33.68 20.80
N MET B 379 -1.79 -32.63 20.51
CA MET B 379 -0.64 -32.72 19.60
C MET B 379 0.41 -33.73 20.08
N TYR B 380 0.73 -33.67 21.38
CA TYR B 380 1.75 -34.55 21.95
C TYR B 380 1.26 -35.99 22.08
N ASP B 381 -0.03 -36.14 22.33
CA ASP B 381 -0.63 -37.47 22.30
C ASP B 381 -0.52 -38.12 20.90
N ALA B 382 -0.66 -37.31 19.85
CA ALA B 382 -0.55 -37.81 18.45
C ALA B 382 0.80 -38.47 18.10
N VAL B 383 1.88 -37.91 18.63
CA VAL B 383 3.24 -38.30 18.25
C VAL B 383 3.76 -39.55 18.99
N ARG B 384 3.03 -39.99 20.01
CA ARG B 384 3.51 -41.12 20.82
C ARG B 384 3.74 -42.36 19.94
N GLY B 385 5.00 -42.74 19.79
CA GLY B 385 5.34 -43.96 19.06
C GLY B 385 5.46 -43.77 17.56
N ALA B 386 5.44 -42.51 17.13
CA ALA B 386 5.46 -42.17 15.71
C ALA B 386 6.89 -42.16 15.17
N GLU B 387 7.04 -42.56 13.91
CA GLU B 387 8.35 -42.54 13.24
C GLU B 387 8.50 -41.41 12.20
N ALA B 388 7.46 -40.58 12.14
CA ALA B 388 7.33 -39.43 11.23
C ALA B 388 6.17 -38.63 11.75
N LEU B 389 6.36 -37.31 11.86
CA LEU B 389 5.27 -36.37 12.16
C LEU B 389 5.11 -35.52 10.93
N PHE B 390 3.88 -35.46 10.38
CA PHE B 390 3.60 -34.58 9.24
C PHE B 390 2.84 -33.37 9.75
N HIS B 391 3.38 -32.16 9.54
CA HIS B 391 2.65 -30.94 9.87
C HIS B 391 2.00 -30.42 8.60
N VAL B 392 0.68 -30.54 8.54
CA VAL B 392 -0.05 -30.41 7.28
C VAL B 392 -0.82 -29.10 7.27
N THR B 393 -1.27 -28.66 8.44
CA THR B 393 -2.15 -27.52 8.52
C THR B 393 -1.69 -26.67 9.69
N GLU B 394 -1.36 -25.41 9.39
CA GLU B 394 -0.58 -24.57 10.30
C GLU B 394 -1.38 -23.87 11.42
N TRP B 395 -2.17 -24.65 12.13
CA TRP B 395 -2.85 -24.18 13.33
C TRP B 395 -1.86 -23.60 14.35
N LYS B 396 -2.29 -22.54 14.99
CA LYS B 396 -1.39 -21.77 15.87
C LYS B 396 -0.77 -22.57 17.02
N GLU B 397 -1.53 -23.50 17.56
CA GLU B 397 -1.05 -24.27 18.72
C GLU B 397 0.14 -25.16 18.40
N PHE B 398 0.34 -25.45 17.11
CA PHE B 398 1.49 -26.23 16.63
C PHE B 398 2.77 -25.41 16.48
N ARG B 399 2.70 -24.09 16.70
CA ARG B 399 3.84 -23.18 16.36
C ARG B 399 5.11 -23.26 17.19
N MET B 400 4.99 -23.53 18.48
CA MET B 400 6.16 -23.53 19.36
C MET B 400 6.23 -24.86 20.10
N PRO B 401 6.45 -25.96 19.35
CA PRO B 401 6.42 -27.27 20.01
C PRO B 401 7.62 -27.52 20.93
N ASP B 402 7.43 -28.37 21.94
CA ASP B 402 8.50 -28.81 22.85
C ASP B 402 9.23 -29.97 22.17
N TRP B 403 10.41 -29.67 21.62
CA TRP B 403 11.16 -30.64 20.85
C TRP B 403 11.68 -31.79 21.68
N SER B 404 12.05 -31.52 22.93
CA SER B 404 12.40 -32.59 23.90
C SER B 404 11.20 -33.51 24.09
N ALA B 405 10.06 -32.93 24.48
CA ALA B 405 8.84 -33.68 24.74
C ALA B 405 8.42 -34.54 23.55
N LEU B 406 8.59 -34.02 22.33
CA LEU B 406 8.38 -34.77 21.10
C LEU B 406 9.35 -35.92 20.91
N SER B 407 10.65 -35.63 21.00
CA SER B 407 11.67 -36.63 20.70
C SER B 407 11.59 -37.82 21.64
N GLN B 408 11.28 -37.55 22.91
CA GLN B 408 11.23 -38.64 23.89
C GLN B 408 9.92 -39.43 23.83
N ALA B 409 8.94 -38.94 23.07
CA ALA B 409 7.66 -39.63 22.85
C ALA B 409 7.60 -40.38 21.50
N MET B 410 8.33 -39.88 20.52
CA MET B 410 8.30 -40.45 19.18
C MET B 410 9.30 -41.60 19.12
N ALA B 411 9.03 -42.56 18.25
CA ALA B 411 9.96 -43.65 17.96
C ALA B 411 11.17 -43.18 17.14
N ALA B 412 10.99 -42.11 16.36
CA ALA B 412 12.06 -41.55 15.54
C ALA B 412 11.82 -40.06 15.42
N SER B 413 12.88 -39.28 15.48
CA SER B 413 12.76 -37.83 15.45
C SER B 413 12.81 -37.26 14.02
N LEU B 414 11.73 -37.52 13.29
CA LEU B 414 11.55 -37.03 11.94
C LEU B 414 10.27 -36.14 11.91
N VAL B 415 10.39 -34.97 11.30
CA VAL B 415 9.26 -34.05 11.10
C VAL B 415 9.30 -33.61 9.63
N ILE B 416 8.15 -33.71 8.99
CA ILE B 416 8.01 -33.43 7.58
C ILE B 416 6.98 -32.30 7.53
N ASP B 417 7.48 -31.08 7.26
CA ASP B 417 6.65 -29.87 7.40
C ASP B 417 6.12 -29.41 6.06
N GLY B 418 4.79 -29.50 5.90
CA GLY B 418 4.11 -29.20 4.63
C GLY B 418 3.74 -27.73 4.55
N ARG B 419 4.10 -26.97 5.60
CA ARG B 419 3.78 -25.55 5.64
C ARG B 419 4.97 -24.58 5.98
N ASN B 420 6.21 -25.10 6.05
CA ASN B 420 7.41 -24.26 6.22
C ASN B 420 7.31 -23.28 7.41
N VAL B 421 6.89 -23.80 8.56
CA VAL B 421 6.79 -23.00 9.76
C VAL B 421 7.99 -23.18 10.68
N TYR B 422 8.63 -24.34 10.62
CA TYR B 422 9.65 -24.75 11.60
C TYR B 422 11.11 -24.50 11.23
N GLU B 423 11.87 -24.05 12.22
CA GLU B 423 13.34 -24.03 12.21
C GLU B 423 13.78 -24.77 13.48
N LEU B 424 14.71 -25.72 13.36
CA LEU B 424 15.13 -26.53 14.52
C LEU B 424 15.97 -25.77 15.54
N PHE B 430 16.63 -33.80 15.84
CA PHE B 430 15.58 -33.98 14.82
C PHE B 430 16.10 -33.88 13.38
N THR B 431 15.45 -34.58 12.48
CA THR B 431 15.59 -34.35 11.05
C THR B 431 14.32 -33.66 10.56
N LEU B 432 14.50 -32.54 9.86
CA LEU B 432 13.37 -31.74 9.36
C LEU B 432 13.37 -31.79 7.84
N LEU B 433 12.26 -32.25 7.27
CA LEU B 433 12.07 -32.15 5.84
C LEU B 433 10.99 -31.07 5.63
N ASN B 434 11.16 -30.26 4.61
CA ASN B 434 10.11 -29.27 4.27
C ASN B 434 10.04 -29.01 2.77
N ILE B 435 9.20 -28.04 2.39
CA ILE B 435 8.95 -27.73 0.99
C ILE B 435 9.88 -26.60 0.52
N GLY B 436 10.95 -26.90 -0.24
CA GLY B 436 11.82 -25.82 -0.79
C GLY B 436 12.97 -25.26 0.05
N LEU C 3 8.51 -22.09 24.91
CA LEU C 3 8.93 -21.07 25.93
C LEU C 3 7.97 -21.08 27.10
N ASP C 4 8.49 -20.75 28.27
CA ASP C 4 7.65 -20.50 29.42
C ASP C 4 7.66 -18.98 29.57
N ILE C 5 6.48 -18.40 29.47
CA ILE C 5 6.32 -16.96 29.48
C ILE C 5 5.44 -16.60 30.67
N ALA C 6 5.79 -15.54 31.38
CA ALA C 6 4.89 -14.94 32.35
C ALA C 6 4.48 -13.54 31.88
N VAL C 7 3.22 -13.19 32.13
CA VAL C 7 2.71 -11.85 31.81
C VAL C 7 2.10 -11.26 33.08
N VAL C 8 2.50 -10.06 33.46
CA VAL C 8 1.96 -9.40 34.65
C VAL C 8 0.97 -8.32 34.18
N GLY C 9 -0.30 -8.49 34.55
CA GLY C 9 -1.33 -7.51 34.19
C GLY C 9 -2.46 -8.19 33.46
N ILE C 10 -3.69 -7.83 33.80
CA ILE C 10 -4.85 -8.45 33.15
C ILE C 10 -5.87 -7.46 32.54
N GLY C 11 -5.43 -6.24 32.22
CA GLY C 11 -6.18 -5.40 31.29
C GLY C 11 -6.00 -6.02 29.91
N TYR C 12 -6.61 -5.42 28.89
CA TYR C 12 -6.59 -6.00 27.54
C TYR C 12 -5.16 -6.26 27.04
N VAL C 13 -4.21 -5.35 27.33
CA VAL C 13 -2.80 -5.54 26.92
C VAL C 13 -2.20 -6.83 27.48
N GLY C 14 -2.24 -7.02 28.79
CA GLY C 14 -1.64 -8.22 29.37
C GLY C 14 -2.46 -9.47 29.06
N LEU C 15 -3.78 -9.35 29.15
CA LEU C 15 -4.63 -10.52 28.98
C LEU C 15 -4.61 -11.01 27.52
N VAL C 16 -4.68 -10.07 26.58
CA VAL C 16 -4.60 -10.44 25.18
C VAL C 16 -3.22 -11.04 24.83
N SER C 17 -2.13 -10.36 25.23
CA SER C 17 -0.79 -10.86 24.97
CA SER C 17 -0.79 -10.86 24.97
C SER C 17 -0.59 -12.26 25.56
N ALA C 18 -0.93 -12.41 26.84
CA ALA C 18 -0.83 -13.73 27.49
C ALA C 18 -1.59 -14.81 26.73
N THR C 19 -2.83 -14.49 26.38
CA THR C 19 -3.71 -15.47 25.73
C THR C 19 -3.24 -15.80 24.31
N CYS C 20 -2.77 -14.79 23.60
CA CYS C 20 -2.28 -15.01 22.23
C CYS C 20 -0.96 -15.81 22.22
N PHE C 21 -0.07 -15.55 23.19
CA PHE C 21 1.12 -16.40 23.35
C PHE C 21 0.75 -17.87 23.61
N ALA C 22 -0.27 -18.12 24.43
CA ALA C 22 -0.68 -19.48 24.72
C ALA C 22 -1.27 -20.18 23.48
N GLU C 23 -2.14 -19.45 22.76
CA GLU C 23 -2.76 -19.89 21.51
C GLU C 23 -1.70 -20.30 20.49
N LEU C 24 -0.52 -19.67 20.57
CA LEU C 24 0.64 -19.95 19.68
C LEU C 24 1.56 -21.05 20.22
N GLY C 25 1.14 -21.72 21.30
CA GLY C 25 1.84 -22.89 21.81
C GLY C 25 2.73 -22.68 23.03
N ALA C 26 2.91 -21.42 23.46
CA ALA C 26 3.73 -21.14 24.64
C ALA C 26 3.01 -21.59 25.91
N ASN C 27 3.80 -21.91 26.93
CA ASN C 27 3.23 -22.14 28.25
C ASN C 27 3.25 -20.84 29.02
N VAL C 28 2.06 -20.35 29.38
CA VAL C 28 1.92 -18.99 29.88
C VAL C 28 1.31 -18.94 31.29
N ARG C 29 1.91 -18.14 32.15
CA ARG C 29 1.29 -17.83 33.43
C ARG C 29 1.00 -16.34 33.46
N CYS C 30 -0.27 -15.97 33.69
CA CYS C 30 -0.70 -14.58 33.68
C CYS C 30 -1.09 -14.19 35.10
N ILE C 31 -0.52 -13.09 35.60
CA ILE C 31 -0.54 -12.73 37.01
C ILE C 31 -1.20 -11.37 37.19
N ASP C 32 -2.00 -11.25 38.25
CA ASP C 32 -2.51 -9.96 38.68
C ASP C 32 -2.64 -9.93 40.19
N THR C 33 -2.74 -8.72 40.75
CA THR C 33 -2.88 -8.54 42.18
C THR C 33 -4.31 -8.79 42.67
N ASP C 34 -5.25 -8.95 41.75
CA ASP C 34 -6.68 -9.05 42.13
C ASP C 34 -7.23 -10.49 42.12
N ARG C 35 -7.30 -11.11 43.30
CA ARG C 35 -7.69 -12.52 43.41
C ARG C 35 -9.08 -12.83 42.85
N ASN C 36 -10.01 -11.88 42.89
CA ASN C 36 -11.33 -12.22 42.34
C ASN C 36 -11.41 -12.27 40.84
N LYS C 37 -10.72 -11.33 40.19
CA LYS C 37 -10.62 -11.33 38.74
C LYS C 37 -9.90 -12.59 38.24
N ILE C 38 -8.87 -13.02 38.97
CA ILE C 38 -8.11 -14.24 38.67
C ILE C 38 -8.93 -15.50 38.92
N GLU C 39 -9.66 -15.54 40.04
CA GLU C 39 -10.65 -16.59 40.26
C GLU C 39 -11.65 -16.67 39.08
N GLN C 40 -12.17 -15.51 38.61
CA GLN C 40 -13.14 -15.46 37.47
C GLN C 40 -12.54 -16.01 36.19
N LEU C 41 -11.31 -15.57 35.89
CA LEU C 41 -10.58 -16.04 34.72
C LEU C 41 -10.26 -17.54 34.76
N ASN C 42 -9.87 -18.06 35.91
CA ASN C 42 -9.69 -19.50 36.09
C ASN C 42 -11.04 -20.25 36.03
N SER C 43 -12.14 -19.51 35.92
CA SER C 43 -13.46 -20.12 35.90
C SER C 43 -14.29 -19.68 34.71
N ILE C 48 -13.21 -8.22 31.20
CA ILE C 48 -13.17 -7.12 30.21
C ILE C 48 -14.03 -7.44 28.97
N TYR C 49 -14.39 -6.41 28.20
CA TYR C 49 -15.15 -6.65 26.96
C TYR C 49 -14.19 -6.76 25.78
N GLU C 50 -14.21 -7.89 25.06
CA GLU C 50 -13.24 -8.14 23.97
C GLU C 50 -13.64 -9.29 23.01
N PRO C 51 -14.00 -8.98 21.75
CA PRO C 51 -14.36 -9.99 20.73
C PRO C 51 -13.40 -11.20 20.63
N GLY C 52 -13.90 -12.39 20.91
CA GLY C 52 -13.13 -13.62 20.73
C GLY C 52 -12.27 -14.05 21.90
N LEU C 53 -12.08 -13.15 22.88
CA LEU C 53 -11.12 -13.39 23.96
C LEU C 53 -11.56 -14.40 25.03
N GLU C 54 -12.85 -14.35 25.37
CA GLU C 54 -13.45 -15.31 26.28
C GLU C 54 -13.25 -16.75 25.82
N LYS C 55 -13.55 -17.03 24.55
CA LYS C 55 -13.44 -18.38 24.03
C LYS C 55 -11.98 -18.84 23.84
N MET C 56 -11.11 -17.90 23.44
CA MET C 56 -9.66 -18.17 23.31
C MET C 56 -9.04 -18.50 24.65
N ILE C 57 -9.41 -17.75 25.69
CA ILE C 57 -8.96 -18.05 27.06
C ILE C 57 -9.41 -19.46 27.45
N ALA C 58 -10.68 -19.77 27.20
CA ALA C 58 -11.24 -21.08 27.59
C ALA C 58 -10.51 -22.28 26.98
N ARG C 59 -10.24 -22.23 25.67
CA ARG C 59 -9.56 -23.36 25.07
C ARG C 59 -8.13 -23.49 25.56
N ASN C 60 -7.47 -22.36 25.82
CA ASN C 60 -6.08 -22.42 26.27
C ASN C 60 -5.91 -22.80 27.74
N VAL C 61 -6.86 -22.41 28.56
CA VAL C 61 -6.94 -22.92 29.95
C VAL C 61 -7.19 -24.45 29.97
N LYS C 62 -8.19 -24.90 29.21
CA LYS C 62 -8.48 -26.33 29.07
C LYS C 62 -7.28 -27.15 28.56
N ALA C 63 -6.59 -26.63 27.56
CA ALA C 63 -5.44 -27.32 26.97
C ALA C 63 -4.19 -27.24 27.85
N GLY C 64 -4.29 -26.51 28.96
CA GLY C 64 -3.21 -26.44 29.93
C GLY C 64 -2.01 -25.62 29.49
N ARG C 65 -2.20 -24.72 28.53
CA ARG C 65 -1.15 -23.79 28.12
C ARG C 65 -1.28 -22.44 28.84
N LEU C 66 -2.48 -22.11 29.34
CA LEU C 66 -2.68 -20.82 30.00
C LEU C 66 -3.20 -21.01 31.44
N ARG C 67 -2.47 -20.41 32.39
CA ARG C 67 -2.84 -20.44 33.81
C ARG C 67 -2.81 -19.02 34.39
N PHE C 68 -3.74 -18.73 35.31
CA PHE C 68 -3.80 -17.41 36.00
C PHE C 68 -3.40 -17.54 37.46
N GLY C 69 -2.66 -16.56 37.95
CA GLY C 69 -2.25 -16.58 39.35
C GLY C 69 -2.14 -15.20 39.93
N THR C 70 -1.98 -15.15 41.25
CA THR C 70 -1.79 -13.87 41.95
C THR C 70 -0.36 -13.61 42.41
N GLU C 71 0.50 -14.60 42.29
CA GLU C 71 1.85 -14.46 42.86
C GLU C 71 2.96 -14.41 41.81
N ILE C 72 3.52 -13.22 41.60
CA ILE C 72 4.66 -13.04 40.70
C ILE C 72 5.77 -13.95 41.18
N GLU C 73 6.00 -13.94 42.49
CA GLU C 73 7.00 -14.75 43.18
C GLU C 73 7.06 -16.20 42.69
N GLN C 74 5.90 -16.83 42.50
CA GLN C 74 5.78 -18.22 42.03
C GLN C 74 6.02 -18.33 40.51
N ALA C 75 5.61 -17.32 39.74
CA ALA C 75 5.76 -17.38 38.30
C ALA C 75 7.20 -17.14 37.82
N VAL C 76 7.94 -16.28 38.51
CA VAL C 76 9.29 -15.86 38.08
C VAL C 76 10.31 -16.98 37.91
N PRO C 77 10.49 -17.85 38.95
CA PRO C 77 11.49 -18.88 38.70
C PRO C 77 11.07 -19.90 37.63
N GLU C 78 9.79 -19.88 37.23
CA GLU C 78 9.31 -20.76 36.16
C GLU C 78 9.46 -20.18 34.74
N ALA C 79 9.65 -18.88 34.60
CA ALA C 79 9.62 -18.26 33.28
C ALA C 79 10.98 -18.07 32.60
N ASP C 80 11.00 -18.18 31.26
CA ASP C 80 12.14 -17.74 30.44
C ASP C 80 12.11 -16.21 30.19
N ILE C 81 10.90 -15.68 30.03
CA ILE C 81 10.66 -14.28 29.70
C ILE C 81 9.47 -13.82 30.53
N ILE C 82 9.58 -12.67 31.19
CA ILE C 82 8.45 -12.09 31.88
C ILE C 82 8.11 -10.74 31.25
N PHE C 83 6.81 -10.55 30.96
CA PHE C 83 6.31 -9.28 30.41
C PHE C 83 5.65 -8.45 31.47
N ILE C 84 6.06 -7.19 31.60
CA ILE C 84 5.33 -6.27 32.45
C ILE C 84 4.33 -5.54 31.56
N ALA C 85 3.06 -5.72 31.88
CA ALA C 85 1.98 -5.19 31.05
C ALA C 85 0.91 -4.55 31.93
N VAL C 86 1.31 -4.04 33.09
CA VAL C 86 0.42 -3.33 33.99
C VAL C 86 0.11 -1.89 33.51
N GLY C 87 -0.88 -1.24 34.12
CA GLY C 87 -1.28 0.09 33.64
C GLY C 87 -0.29 1.17 34.06
N THR C 88 -0.23 2.24 33.28
CA THR C 88 0.52 3.44 33.58
C THR C 88 -0.45 4.60 33.42
N PRO C 89 -1.38 4.75 34.38
CA PRO C 89 -2.39 5.81 34.21
C PRO C 89 -1.80 7.20 34.50
N ALA C 90 -2.53 8.27 34.18
CA ALA C 90 -2.01 9.61 34.46
C ALA C 90 -1.76 9.79 35.96
N ASP C 93 -0.02 14.96 38.55
CA ASP C 93 0.65 16.08 37.89
C ASP C 93 0.60 16.01 36.35
N GLY C 94 0.14 14.87 35.83
CA GLY C 94 0.04 14.65 34.38
C GLY C 94 1.08 13.68 33.85
N SER C 95 2.20 13.54 34.57
CA SER C 95 3.25 12.58 34.19
C SER C 95 2.73 11.15 34.37
N ALA C 96 3.38 10.19 33.71
CA ALA C 96 2.94 8.80 33.81
C ALA C 96 3.12 8.28 35.25
N ASP C 97 2.09 7.61 35.76
CA ASP C 97 2.17 6.91 37.04
C ASP C 97 2.93 5.59 36.83
N MET C 98 4.11 5.50 37.42
CA MET C 98 5.00 4.34 37.26
C MET C 98 4.94 3.37 38.43
N SER C 99 4.06 3.66 39.41
CA SER C 99 4.00 2.87 40.63
C SER C 99 3.67 1.38 40.42
N TYR C 100 2.79 1.07 39.48
CA TYR C 100 2.45 -0.33 39.18
C TYR C 100 3.58 -1.07 38.49
N VAL C 101 4.22 -0.40 37.54
CA VAL C 101 5.33 -0.97 36.81
C VAL C 101 6.50 -1.26 37.74
N LEU C 102 6.88 -0.28 38.56
CA LEU C 102 7.98 -0.44 39.50
C LEU C 102 7.67 -1.49 40.58
N ASP C 103 6.42 -1.55 41.07
CA ASP C 103 5.98 -2.62 41.99
C ASP C 103 6.27 -4.00 41.39
N ALA C 104 5.88 -4.18 40.12
CA ALA C 104 6.11 -5.42 39.41
C ALA C 104 7.61 -5.70 39.29
N ALA C 105 8.38 -4.64 39.01
CA ALA C 105 9.85 -4.78 38.85
C ALA C 105 10.51 -5.29 40.15
N ARG C 106 10.13 -4.69 41.28
CA ARG C 106 10.65 -5.06 42.59
C ARG C 106 10.30 -6.50 42.94
N SER C 107 9.07 -6.90 42.66
CA SER C 107 8.65 -8.29 42.87
C SER C 107 9.47 -9.29 42.07
N ILE C 108 9.77 -8.94 40.82
CA ILE C 108 10.59 -9.78 39.96
C ILE C 108 11.99 -9.94 40.57
N GLY C 109 12.54 -8.83 41.06
CA GLY C 109 13.85 -8.81 41.72
C GLY C 109 13.87 -9.66 42.96
N ARG C 110 12.81 -9.56 43.77
CA ARG C 110 12.65 -10.38 44.99
C ARG C 110 12.62 -11.88 44.70
N ALA C 111 12.11 -12.25 43.53
CA ALA C 111 11.83 -13.64 43.17
C ALA C 111 12.87 -14.32 42.28
N MET C 112 13.70 -13.54 41.60
CA MET C 112 14.64 -14.09 40.61
C MET C 112 15.55 -15.16 41.22
N SER C 113 15.71 -16.26 40.51
CA SER C 113 16.60 -17.37 40.94
C SER C 113 17.70 -17.63 39.93
N ARG C 114 17.57 -17.05 38.74
CA ARG C 114 18.42 -17.36 37.58
C ARG C 114 18.18 -16.27 36.53
N TYR C 115 19.01 -16.26 35.48
CA TYR C 115 18.85 -15.30 34.37
C TYR C 115 17.40 -15.29 33.87
N ILE C 116 16.87 -14.09 33.65
CA ILE C 116 15.58 -13.93 33.01
C ILE C 116 15.62 -12.66 32.16
N LEU C 117 14.76 -12.58 31.15
CA LEU C 117 14.59 -11.41 30.32
C LEU C 117 13.29 -10.73 30.77
N ILE C 118 13.36 -9.44 31.13
CA ILE C 118 12.18 -8.68 31.55
C ILE C 118 11.82 -7.79 30.38
N VAL C 119 10.60 -7.96 29.87
CA VAL C 119 10.14 -7.19 28.68
C VAL C 119 9.03 -6.25 29.10
N THR C 120 9.25 -4.93 28.99
CA THR C 120 8.23 -3.95 29.39
C THR C 120 7.32 -3.60 28.22
N LYS C 121 6.06 -4.03 28.34
CA LYS C 121 5.05 -3.83 27.29
C LYS C 121 4.11 -2.68 27.70
N SER C 122 4.11 -2.33 28.99
CA SER C 122 3.43 -1.12 29.47
C SER C 122 3.95 0.11 28.75
N THR C 123 3.06 1.07 28.53
CA THR C 123 3.50 2.34 27.96
C THR C 123 4.21 3.16 29.03
N VAL C 124 5.53 3.27 28.90
CA VAL C 124 6.37 3.96 29.91
C VAL C 124 7.26 5.04 29.25
N PRO C 125 7.45 6.17 29.98
CA PRO C 125 8.23 7.29 29.43
C PRO C 125 9.65 6.89 29.08
N VAL C 126 10.20 7.59 28.11
CA VAL C 126 11.59 7.41 27.76
C VAL C 126 12.51 7.47 28.97
N GLY C 127 13.35 6.45 29.06
CA GLY C 127 14.35 6.28 30.07
C GLY C 127 13.87 5.42 31.21
N SER C 128 12.59 4.98 31.14
CA SER C 128 12.00 4.18 32.24
C SER C 128 12.78 2.87 32.45
N TYR C 129 13.34 2.32 31.37
CA TYR C 129 14.06 1.05 31.43
C TYR C 129 15.25 1.13 32.41
N ARG C 130 15.81 2.33 32.57
CA ARG C 130 16.88 2.56 33.53
C ARG C 130 16.37 2.41 34.96
N LEU C 131 15.21 3.01 35.25
CA LEU C 131 14.57 2.89 36.56
C LEU C 131 14.19 1.45 36.86
N ILE C 132 13.69 0.75 35.84
CA ILE C 132 13.28 -0.63 36.01
C ILE C 132 14.46 -1.55 36.38
N ARG C 133 15.60 -1.35 35.71
CA ARG C 133 16.80 -2.16 35.99
C ARG C 133 17.28 -1.89 37.42
N LYS C 134 17.36 -0.61 37.77
CA LYS C 134 17.79 -0.14 39.08
C LYS C 134 16.90 -0.79 40.17
N ALA C 135 15.58 -0.70 40.01
CA ALA C 135 14.62 -1.37 40.93
C ALA C 135 14.85 -2.88 41.13
N ILE C 136 15.07 -3.61 40.04
CA ILE C 136 15.32 -5.05 40.07
C ILE C 136 16.66 -5.33 40.75
N GLN C 137 17.69 -4.55 40.37
CA GLN C 137 19.04 -4.69 40.94
C GLN C 137 19.10 -4.44 42.47
N GLU C 138 18.46 -3.37 42.94
CA GLU C 138 18.38 -3.08 44.38
C GLU C 138 17.83 -4.27 45.18
N GLU C 139 16.86 -4.98 44.60
CA GLU C 139 16.27 -6.15 45.24
C GLU C 139 17.26 -7.32 45.27
N LEU C 140 17.95 -7.53 44.16
CA LEU C 140 19.01 -8.55 44.07
C LEU C 140 20.13 -8.23 45.05
N ASP C 141 20.45 -6.93 45.17
CA ASP C 141 21.44 -6.43 46.12
C ASP C 141 21.03 -6.68 47.56
N LYS C 142 19.79 -6.32 47.89
CA LYS C 142 19.23 -6.56 49.23
C LYS C 142 19.36 -8.03 49.62
N ARG C 143 19.19 -8.93 48.65
CA ARG C 143 19.29 -10.36 48.86
C ARG C 143 20.73 -10.88 48.84
N GLU C 144 21.67 -10.00 48.50
CA GLU C 144 23.07 -10.37 48.24
C GLU C 144 23.18 -11.56 47.29
N VAL C 145 22.60 -11.44 46.11
CA VAL C 145 22.70 -12.48 45.09
C VAL C 145 23.25 -11.92 43.77
N LEU C 146 24.02 -12.76 43.08
CA LEU C 146 24.63 -12.39 41.83
C LEU C 146 23.88 -13.12 40.72
N ILE C 147 22.88 -12.45 40.14
CA ILE C 147 22.13 -13.03 39.02
C ILE C 147 22.06 -11.98 37.90
N ASP C 148 22.47 -12.36 36.68
CA ASP C 148 22.42 -11.46 35.54
C ASP C 148 21.00 -11.49 35.02
N PHE C 149 20.57 -10.42 34.33
CA PHE C 149 19.31 -10.39 33.64
C PHE C 149 19.39 -9.35 32.54
N ASP C 150 18.46 -9.41 31.59
CA ASP C 150 18.33 -8.35 30.61
C ASP C 150 16.95 -7.75 30.62
N ILE C 151 16.88 -6.52 30.10
CA ILE C 151 15.62 -5.81 30.01
C ILE C 151 15.43 -5.37 28.57
N ALA C 152 14.17 -5.35 28.14
CA ALA C 152 13.82 -4.93 26.82
C ALA C 152 12.52 -4.09 26.87
N SER C 153 12.29 -3.30 25.82
CA SER C 153 11.00 -2.60 25.61
C SER C 153 10.27 -3.28 24.43
N ASN C 154 8.98 -3.57 24.58
CA ASN C 154 8.23 -4.14 23.47
C ASN C 154 6.83 -3.51 23.57
N PRO C 155 6.70 -2.24 23.15
CA PRO C 155 5.42 -1.51 23.31
C PRO C 155 4.27 -2.20 22.63
N GLU C 156 3.07 -1.93 23.14
CA GLU C 156 1.92 -2.55 22.51
CA GLU C 156 1.86 -2.53 22.59
C GLU C 156 1.18 -1.53 21.66
N PHE C 157 0.61 -2.03 20.58
CA PHE C 157 -0.15 -1.19 19.64
C PHE C 157 -1.58 -1.68 19.43
N LEU C 158 -2.13 -2.39 20.41
CA LEU C 158 -3.49 -2.97 20.34
C LEU C 158 -4.53 -1.88 20.56
N LYS C 159 -5.64 -1.96 19.80
CA LYS C 159 -6.85 -1.15 20.03
C LYS C 159 -7.87 -2.00 20.78
N GLU C 160 -8.38 -1.47 21.89
CA GLU C 160 -9.43 -2.09 22.68
C GLU C 160 -10.60 -2.56 21.81
N GLY C 161 -11.02 -3.81 21.96
CA GLY C 161 -12.09 -4.37 21.14
C GLY C 161 -11.78 -4.91 19.75
N ASN C 162 -10.56 -4.65 19.23
CA ASN C 162 -10.02 -5.29 18.00
C ASN C 162 -8.64 -5.84 18.39
N ALA C 163 -8.48 -6.19 19.66
CA ALA C 163 -7.15 -6.50 20.22
C ALA C 163 -6.51 -7.80 19.73
N ILE C 164 -7.31 -8.86 19.58
CA ILE C 164 -6.73 -10.17 19.17
C ILE C 164 -6.17 -10.03 17.75
N ASP C 165 -6.92 -9.36 16.88
CA ASP C 165 -6.50 -9.14 15.49
C ASP C 165 -5.27 -8.26 15.41
N ASP C 166 -5.23 -7.21 16.24
CA ASP C 166 -4.10 -6.30 16.27
C ASP C 166 -2.85 -7.04 16.72
N PHE C 167 -3.00 -7.98 17.66
CA PHE C 167 -1.85 -8.74 18.17
C PHE C 167 -1.36 -9.79 17.17
N MET C 168 -2.29 -10.53 16.59
CA MET C 168 -1.95 -11.66 15.73
C MET C 168 -1.50 -11.22 14.35
N LYS C 169 -2.11 -10.14 13.82
CA LYS C 169 -1.73 -9.57 12.51
C LYS C 169 -1.25 -8.09 12.68
N PRO C 170 -0.10 -7.87 13.37
CA PRO C 170 0.29 -6.46 13.58
C PRO C 170 0.96 -5.83 12.36
N ASP C 171 0.79 -4.52 12.17
CA ASP C 171 1.50 -3.84 11.08
C ASP C 171 3.04 -4.00 11.25
N ARG C 172 3.50 -3.98 12.50
CA ARG C 172 4.92 -4.20 12.84
C ARG C 172 4.99 -4.53 14.34
N VAL C 173 6.11 -5.13 14.74
CA VAL C 173 6.41 -5.34 16.14
C VAL C 173 7.65 -4.49 16.42
N VAL C 174 7.61 -3.74 17.51
CA VAL C 174 8.72 -2.85 17.89
C VAL C 174 9.40 -3.36 19.15
N VAL C 175 10.72 -3.55 19.07
CA VAL C 175 11.52 -4.07 20.19
C VAL C 175 12.79 -3.26 20.46
N GLY C 176 12.92 -2.75 21.68
CA GLY C 176 14.15 -2.09 22.10
C GLY C 176 14.97 -3.05 22.94
N VAL C 177 16.24 -3.21 22.57
CA VAL C 177 17.13 -4.14 23.28
C VAL C 177 18.47 -3.45 23.44
N ASP C 178 19.28 -3.95 24.37
CA ASP C 178 20.65 -3.46 24.61
C ASP C 178 21.58 -4.64 24.83
N SER C 179 21.14 -5.79 24.35
CA SER C 179 21.93 -7.02 24.44
C SER C 179 21.60 -7.99 23.29
N ASP C 180 22.59 -8.77 22.84
CA ASP C 180 22.28 -9.82 21.83
C ASP C 180 21.45 -10.94 22.42
N ARG C 181 21.63 -11.23 23.71
CA ARG C 181 20.85 -12.31 24.34
C ARG C 181 19.35 -11.99 24.30
N ALA C 182 19.00 -10.76 24.66
CA ALA C 182 17.61 -10.30 24.54
C ALA C 182 17.09 -10.38 23.10
N ARG C 183 17.89 -9.90 22.14
CA ARG C 183 17.47 -9.93 20.73
C ARG C 183 17.19 -11.37 20.23
N GLU C 184 18.11 -12.31 20.48
CA GLU C 184 17.87 -13.72 20.12
C GLU C 184 16.63 -14.34 20.77
N LEU C 185 16.42 -14.06 22.05
CA LEU C 185 15.29 -14.59 22.83
C LEU C 185 13.96 -14.04 22.30
N ILE C 186 13.91 -12.72 22.06
CA ILE C 186 12.70 -12.10 21.51
C ILE C 186 12.41 -12.50 20.06
N THR C 187 13.46 -12.64 19.27
CA THR C 187 13.35 -13.09 17.89
C THR C 187 12.78 -14.50 17.83
N SER C 188 13.17 -15.33 18.80
CA SER C 188 12.74 -16.73 18.87
C SER C 188 11.27 -16.85 19.26
N LEU C 189 10.79 -15.87 20.04
CA LEU C 189 9.40 -15.77 20.46
C LEU C 189 8.47 -15.36 19.29
N TYR C 190 8.88 -14.34 18.53
CA TYR C 190 8.03 -13.79 17.47
C TYR C 190 8.12 -14.44 16.08
N LYS C 191 9.24 -15.05 15.75
CA LYS C 191 9.44 -15.56 14.38
C LYS C 191 8.39 -16.60 13.94
N PRO C 192 7.98 -17.54 14.83
CA PRO C 192 6.90 -18.49 14.50
C PRO C 192 5.51 -17.82 14.33
N MET C 193 5.30 -16.66 14.94
CA MET C 193 4.09 -15.88 14.71
C MET C 193 4.28 -15.08 13.43
N ARG C 199 9.04 -8.56 10.30
CA ARG C 199 8.23 -7.35 10.47
C ARG C 199 8.52 -6.76 11.86
N VAL C 200 9.69 -7.11 12.38
CA VAL C 200 10.10 -6.76 13.72
C VAL C 200 11.23 -5.76 13.63
N LEU C 201 11.02 -4.61 14.25
CA LEU C 201 11.97 -3.52 14.16
C LEU C 201 12.71 -3.44 15.45
N PHE C 202 14.00 -3.80 15.42
CA PHE C 202 14.83 -3.75 16.60
C PHE C 202 15.52 -2.42 16.67
N MET C 203 15.52 -1.83 17.85
CA MET C 203 16.20 -0.55 18.07
C MET C 203 16.76 -0.51 19.51
N ASP C 204 17.36 0.59 19.92
CA ASP C 204 17.80 0.71 21.31
C ASP C 204 16.56 0.90 22.19
N ILE C 205 16.72 0.77 23.50
CA ILE C 205 15.54 0.74 24.35
C ILE C 205 14.75 2.06 24.38
N ALA C 206 15.46 3.16 24.51
CA ALA C 206 14.85 4.48 24.58
C ALA C 206 14.07 4.83 23.34
N SER C 207 14.56 4.44 22.16
CA SER C 207 13.89 4.70 20.90
C SER C 207 12.59 3.90 20.79
N ALA C 208 12.58 2.71 21.37
CA ALA C 208 11.36 1.90 21.46
C ALA C 208 10.33 2.59 22.38
N GLU C 209 10.78 3.06 23.56
CA GLU C 209 9.90 3.76 24.47
C GLU C 209 9.35 5.01 23.78
N MET C 210 10.21 5.75 23.09
CA MET C 210 9.72 7.00 22.40
C MET C 210 8.72 6.70 21.28
N THR C 211 9.00 5.64 20.52
CA THR C 211 8.14 5.25 19.40
C THR C 211 6.68 5.12 19.82
N LYS C 212 6.41 4.46 20.94
CA LYS C 212 5.05 4.33 21.44
C LYS C 212 4.37 5.70 21.64
N TYR C 213 5.05 6.60 22.35
CA TYR C 213 4.50 7.97 22.55
C TYR C 213 4.34 8.73 21.26
N ALA C 214 5.33 8.66 20.37
CA ALA C 214 5.24 9.41 19.11
C ALA C 214 4.10 8.90 18.20
N ALA C 215 3.88 7.59 18.24
CA ALA C 215 2.82 6.97 17.46
C ALA C 215 1.46 7.48 17.94
N ASN C 216 1.22 7.35 19.24
CA ASN C 216 -0.09 7.78 19.78
C ASN C 216 -0.26 9.28 19.61
N ALA C 217 0.80 10.04 19.88
CA ALA C 217 0.73 11.50 19.67
C ALA C 217 0.44 11.84 18.21
N MET C 218 1.04 11.14 17.25
CA MET C 218 0.72 11.40 15.82
C MET C 218 -0.75 11.13 15.47
N LEU C 219 -1.28 10.03 16.00
CA LEU C 219 -2.71 9.70 15.79
C LEU C 219 -3.61 10.77 16.36
N ALA C 220 -3.27 11.28 17.54
CA ALA C 220 -4.04 12.36 18.15
C ALA C 220 -3.95 13.61 17.30
N THR C 221 -2.76 13.85 16.77
CA THR C 221 -2.49 15.04 15.94
C THR C 221 -3.32 15.02 14.71
N ARG C 222 -3.45 13.85 14.06
CA ARG C 222 -4.29 13.80 12.89
C ARG C 222 -5.72 14.22 13.22
N ILE C 223 -6.21 13.73 14.37
CA ILE C 223 -7.61 14.00 14.75
C ILE C 223 -7.83 15.48 14.99
N SER C 224 -7.03 16.07 15.88
CA SER C 224 -7.16 17.49 16.18
C SER C 224 -6.92 18.33 14.93
N PHE C 225 -5.95 17.94 14.09
CA PHE C 225 -5.80 18.61 12.78
C PHE C 225 -7.17 18.62 12.01
N MET C 226 -7.81 17.46 11.90
CA MET C 226 -9.06 17.34 11.16
C MET C 226 -10.22 18.06 11.85
N ASN C 227 -10.22 18.10 13.18
CA ASN C 227 -11.25 18.83 13.89
C ASN C 227 -11.13 20.35 13.64
N ASP C 228 -9.91 20.89 13.63
CA ASP C 228 -9.77 22.31 13.27
C ASP C 228 -10.21 22.57 11.82
N VAL C 229 -9.87 21.66 10.90
CA VAL C 229 -10.31 21.78 9.50
C VAL C 229 -11.84 21.68 9.39
N ALA C 230 -12.46 20.75 10.12
CA ALA C 230 -13.94 20.60 10.07
C ALA C 230 -14.62 21.86 10.58
N ASN C 231 -14.16 22.35 11.72
CA ASN C 231 -14.75 23.56 12.29
C ASN C 231 -14.63 24.73 11.35
N LEU C 232 -13.50 24.83 10.63
CA LEU C 232 -13.33 25.87 9.62
C LEU C 232 -14.23 25.67 8.41
N CYS C 233 -14.38 24.41 7.97
CA CYS C 233 -15.26 24.07 6.84
C CYS C 233 -16.66 24.63 7.08
N GLU C 234 -17.14 24.53 8.32
CA GLU C 234 -18.50 24.99 8.64
C GLU C 234 -18.69 26.47 8.37
N ARG C 235 -17.63 27.24 8.58
CA ARG C 235 -17.67 28.69 8.43
C ARG C 235 -17.44 29.18 7.01
N VAL C 236 -16.85 28.35 6.15
CA VAL C 236 -16.58 28.75 4.75
C VAL C 236 -17.36 27.99 3.68
N GLY C 237 -18.24 27.10 4.11
CA GLY C 237 -19.12 26.35 3.20
C GLY C 237 -18.50 25.18 2.44
N ALA C 238 -17.45 24.58 3.00
CA ALA C 238 -16.88 23.35 2.48
C ALA C 238 -17.43 22.14 3.27
N ASP C 239 -17.29 20.95 2.69
CA ASP C 239 -17.81 19.70 3.23
C ASP C 239 -16.62 18.89 3.69
N VAL C 240 -16.43 18.76 5.02
CA VAL C 240 -15.21 18.11 5.53
C VAL C 240 -15.06 16.65 5.15
N SER C 241 -16.17 15.95 4.89
CA SER C 241 -16.08 14.57 4.40
C SER C 241 -15.43 14.51 3.01
N MET C 242 -15.78 15.46 2.14
CA MET C 242 -15.12 15.55 0.83
C MET C 242 -13.65 16.00 0.96
N VAL C 243 -13.38 16.92 1.88
CA VAL C 243 -11.98 17.28 2.16
C VAL C 243 -11.17 16.08 2.69
N ARG C 244 -11.76 15.34 3.64
CA ARG C 244 -11.13 14.12 4.14
C ARG C 244 -10.75 13.15 2.99
N LEU C 245 -11.65 12.94 2.03
CA LEU C 245 -11.39 12.01 0.93
C LEU C 245 -10.31 12.64 0.04
N GLY C 246 -10.37 13.96 -0.09
CA GLY C 246 -9.44 14.69 -0.97
C GLY C 246 -8.00 14.69 -0.45
N ILE C 247 -7.83 14.79 0.85
CA ILE C 247 -6.46 14.74 1.39
C ILE C 247 -5.96 13.36 1.71
N GLY C 248 -6.83 12.45 2.20
CA GLY C 248 -6.37 11.11 2.60
C GLY C 248 -5.99 10.21 1.40
N SER C 249 -6.45 10.62 0.23
CA SER C 249 -6.11 9.93 -1.03
C SER C 249 -4.67 10.24 -1.48
N ASP C 250 -4.01 11.24 -0.87
CA ASP C 250 -2.56 11.42 -1.05
C ASP C 250 -1.87 10.31 -0.24
N SER C 251 -1.04 9.47 -0.90
CA SER C 251 -0.38 8.36 -0.16
C SER C 251 0.56 8.82 0.94
N ARG C 252 0.96 10.09 0.91
CA ARG C 252 1.80 10.64 1.94
C ARG C 252 1.00 10.87 3.23
N ILE C 253 -0.31 10.91 3.09
CA ILE C 253 -1.19 11.23 4.23
C ILE C 253 -1.94 9.98 4.68
N GLY C 254 -2.54 9.25 3.73
CA GLY C 254 -3.28 8.06 4.11
C GLY C 254 -4.70 8.35 4.53
N SER C 255 -5.60 7.38 4.33
CA SER C 255 -7.04 7.63 4.47
C SER C 255 -7.57 7.20 5.84
N LYS C 256 -6.75 6.51 6.60
CA LYS C 256 -7.21 6.04 7.91
C LYS C 256 -7.00 7.10 9.00
N PHE C 257 -7.87 7.06 10.01
CA PHE C 257 -7.68 7.89 11.20
C PHE C 257 -7.63 9.39 10.85
N LEU C 258 -8.60 9.81 10.02
CA LEU C 258 -8.73 11.19 9.56
C LEU C 258 -10.14 11.69 9.82
N TYR C 259 -10.86 11.03 10.73
CA TYR C 259 -12.30 11.34 10.90
C TYR C 259 -12.56 12.42 11.96
N PRO C 260 -13.05 13.60 11.53
CA PRO C 260 -13.39 14.59 12.52
C PRO C 260 -14.66 14.16 13.28
N GLY C 261 -14.91 14.77 14.44
CA GLY C 261 -16.14 14.47 15.20
C GLY C 261 -16.09 15.20 16.51
N CYS C 262 -16.65 14.60 17.56
CA CYS C 262 -16.74 15.28 18.85
C CYS C 262 -15.53 15.05 19.76
N GLY C 263 -14.43 14.57 19.15
CA GLY C 263 -13.15 14.50 19.87
C GLY C 263 -12.70 13.06 20.07
N TYR C 264 -11.43 12.90 20.46
CA TYR C 264 -10.93 11.60 20.87
C TYR C 264 -11.03 11.50 22.39
N GLY C 265 -11.28 10.28 22.84
CA GLY C 265 -11.22 10.00 24.27
C GLY C 265 -10.45 8.71 24.51
N GLY C 266 -10.79 8.06 25.63
CA GLY C 266 -10.18 6.79 26.04
C GLY C 266 -9.09 7.05 27.07
N SER C 267 -8.54 5.98 27.61
CA SER C 267 -7.42 6.24 28.53
C SER C 267 -6.17 6.69 27.75
N CYS C 268 -5.90 6.00 26.65
CA CYS C 268 -4.59 6.05 25.96
C CYS C 268 -4.17 7.42 25.41
N PHE C 269 -4.87 7.95 24.42
CA PHE C 269 -4.39 9.20 23.81
C PHE C 269 -4.27 10.39 24.79
N PRO C 270 -5.36 10.69 25.56
CA PRO C 270 -5.28 11.77 26.53
C PRO C 270 -4.08 11.62 27.47
N LYS C 271 -3.90 10.46 28.10
CA LYS C 271 -2.82 10.33 29.08
C LYS C 271 -1.42 10.32 28.46
N ASP C 272 -1.28 9.72 27.27
CA ASP C 272 0.03 9.57 26.59
C ASP C 272 0.51 10.88 25.98
N VAL C 273 -0.42 11.66 25.41
CA VAL C 273 -0.10 13.01 24.94
C VAL C 273 0.37 13.87 26.12
N LYS C 274 -0.37 13.82 27.22
CA LYS C 274 0.01 14.58 28.42
C LYS C 274 1.38 14.16 28.97
N ALA C 275 1.61 12.86 29.05
CA ALA C 275 2.88 12.31 29.57
C ALA C 275 4.07 12.72 28.72
N LEU C 276 3.89 12.70 27.40
CA LEU C 276 4.92 13.13 26.48
C LEU C 276 5.19 14.63 26.65
N ILE C 277 4.13 15.41 26.76
CA ILE C 277 4.27 16.87 27.00
C ILE C 277 5.07 17.13 28.28
N ARG C 278 4.77 16.36 29.34
CA ARG C 278 5.46 16.44 30.62
C ARG C 278 6.94 15.99 30.57
N THR C 279 7.22 14.86 29.91
CA THR C 279 8.61 14.42 29.65
C THR C 279 9.39 15.57 28.98
N ALA C 280 8.75 16.27 28.05
CA ALA C 280 9.44 17.32 27.32
C ALA C 280 9.77 18.50 28.24
N GLU C 281 8.79 18.95 29.03
CA GLU C 281 8.96 20.00 30.06
C GLU C 281 10.07 19.71 31.07
N ASP C 282 10.11 18.46 31.53
CA ASP C 282 11.15 18.00 32.45
C ASP C 282 12.53 18.12 31.82
N ASN C 283 12.56 18.11 30.48
CA ASN C 283 13.80 18.24 29.72
C ASN C 283 14.02 19.61 29.14
N GLY C 284 13.28 20.59 29.64
CA GLY C 284 13.43 21.97 29.21
C GLY C 284 12.96 22.23 27.78
N TYR C 285 12.11 21.37 27.22
CA TYR C 285 11.56 21.56 25.85
C TYR C 285 10.02 21.68 25.83
N ARG C 286 9.47 22.57 25.02
CA ARG C 286 7.99 22.70 24.92
C ARG C 286 7.54 22.04 23.62
N MET C 287 6.62 21.07 23.71
CA MET C 287 6.07 20.42 22.48
C MET C 287 4.87 21.25 21.97
N GLU C 288 5.16 22.26 21.14
CA GLU C 288 4.10 23.21 20.77
C GLU C 288 3.01 22.55 19.93
N VAL C 289 3.38 21.65 19.03
CA VAL C 289 2.35 21.01 18.22
C VAL C 289 1.39 20.18 19.08
N LEU C 290 1.96 19.29 19.91
CA LEU C 290 1.12 18.50 20.82
C LEU C 290 0.31 19.34 21.83
N GLU C 291 0.85 20.45 22.32
CA GLU C 291 0.06 21.23 23.28
C GLU C 291 -1.18 21.79 22.61
N ALA C 292 -1.02 22.17 21.35
CA ALA C 292 -2.15 22.67 20.54
C ALA C 292 -3.15 21.55 20.22
N VAL C 293 -2.65 20.37 19.93
CA VAL C 293 -3.50 19.21 19.69
C VAL C 293 -4.39 18.91 20.89
N GLU C 294 -3.82 18.99 22.07
CA GLU C 294 -4.51 18.74 23.31
C GLU C 294 -5.59 19.79 23.56
N ARG C 295 -5.24 21.06 23.34
CA ARG C 295 -6.18 22.18 23.52
C ARG C 295 -7.39 22.06 22.60
N VAL C 296 -7.11 21.78 21.32
CA VAL C 296 -8.16 21.58 20.32
C VAL C 296 -9.11 20.46 20.77
N ASN C 297 -8.56 19.32 21.22
CA ASN C 297 -9.42 18.24 21.56
C ASN C 297 -10.32 18.53 22.78
N GLU C 298 -9.78 19.25 23.76
CA GLU C 298 -10.58 19.60 24.93
C GLU C 298 -11.76 20.48 24.48
N LYS C 299 -11.48 21.49 23.67
CA LYS C 299 -12.55 22.35 23.16
C LYS C 299 -13.55 21.57 22.29
N GLN C 300 -13.07 20.56 21.57
CA GLN C 300 -13.96 19.84 20.65
C GLN C 300 -15.06 19.10 21.36
N LYS C 301 -14.82 18.74 22.62
CA LYS C 301 -15.77 17.93 23.35
C LYS C 301 -16.95 18.78 23.83
N SER C 302 -16.86 20.09 23.70
CA SER C 302 -17.99 21.02 23.95
C SER C 302 -18.87 21.30 22.74
N ILE C 303 -18.43 20.87 21.55
CA ILE C 303 -19.09 21.26 20.28
C ILE C 303 -20.55 20.79 20.19
N LEU C 304 -20.80 19.53 20.55
CA LEU C 304 -22.18 19.01 20.51
C LEU C 304 -23.15 19.83 21.35
N PHE C 305 -22.79 20.05 22.61
CA PHE C 305 -23.69 20.82 23.45
C PHE C 305 -23.91 22.21 22.86
N ASP C 306 -22.83 22.86 22.43
CA ASP C 306 -22.93 24.22 21.92
C ASP C 306 -23.82 24.29 20.67
N LYS C 307 -23.78 23.24 19.84
CA LYS C 307 -24.65 23.18 18.65
C LYS C 307 -26.13 23.09 19.03
N PHE C 308 -26.40 22.28 20.05
CA PHE C 308 -27.72 22.15 20.66
C PHE C 308 -28.22 23.47 21.26
N SER C 309 -27.40 24.10 22.10
CA SER C 309 -27.78 25.37 22.72
C SER C 309 -28.01 26.49 21.69
N THR C 310 -27.08 26.65 20.76
CA THR C 310 -27.23 27.62 19.65
C THR C 310 -28.51 27.36 18.82
N TYR C 311 -28.79 26.09 18.54
CA TYR C 311 -30.00 25.73 17.78
C TYR C 311 -31.27 26.23 18.49
N TYR C 312 -31.28 26.04 19.81
CA TYR C 312 -32.46 26.43 20.60
C TYR C 312 -32.33 27.84 21.19
N LYS C 313 -31.41 28.64 20.63
CA LYS C 313 -31.17 30.04 21.04
C LYS C 313 -30.97 30.24 22.55
N GLY C 314 -30.20 29.35 23.17
CA GLY C 314 -29.88 29.47 24.59
C GLY C 314 -30.97 29.01 25.53
N ASN C 315 -32.13 28.66 24.99
CA ASN C 315 -33.28 28.31 25.81
C ASN C 315 -33.42 26.80 25.84
N VAL C 316 -32.84 26.20 26.86
CA VAL C 316 -32.67 24.75 26.89
C VAL C 316 -33.13 24.13 28.20
N GLN C 317 -33.29 24.94 29.24
CA GLN C 317 -33.68 24.43 30.55
C GLN C 317 -34.92 23.54 30.48
N GLY C 318 -34.83 22.37 31.11
CA GLY C 318 -35.94 21.43 31.15
C GLY C 318 -36.21 20.59 29.90
N ARG C 319 -35.52 20.85 28.81
CA ARG C 319 -35.77 20.07 27.59
C ARG C 319 -35.26 18.64 27.79
N CYS C 320 -35.95 17.68 27.19
CA CYS C 320 -35.55 16.26 27.21
C CYS C 320 -34.66 16.01 25.99
N VAL C 321 -33.53 15.32 26.17
CA VAL C 321 -32.65 14.96 25.04
C VAL C 321 -32.30 13.47 25.09
N ALA C 322 -31.84 12.87 23.97
CA ALA C 322 -31.45 11.48 23.98
C ALA C 322 -30.00 11.39 23.49
N ILE C 323 -29.25 10.45 24.04
CA ILE C 323 -27.87 10.18 23.57
C ILE C 323 -27.73 8.74 23.11
N TRP C 324 -27.27 8.58 21.85
CA TRP C 324 -26.89 7.26 21.33
C TRP C 324 -25.38 7.16 21.41
N GLY C 325 -24.91 6.34 22.35
CA GLY C 325 -23.46 6.00 22.47
C GLY C 325 -22.84 6.77 23.61
N LEU C 326 -22.16 6.02 24.50
CA LEU C 326 -21.58 6.54 25.75
C LEU C 326 -20.10 6.20 25.82
N SER C 327 -19.74 4.99 25.35
CA SER C 327 -18.33 4.55 25.39
C SER C 327 -17.45 5.51 24.57
N PHE C 328 -16.14 5.53 24.81
CA PHE C 328 -15.31 6.54 24.14
C PHE C 328 -15.18 6.23 22.67
N LYS C 329 -15.38 4.95 22.34
CA LYS C 329 -15.37 4.47 20.95
CA LYS C 329 -15.40 4.49 20.95
C LYS C 329 -16.30 3.25 20.86
N PRO C 330 -16.72 2.88 19.63
CA PRO C 330 -17.47 1.61 19.54
C PRO C 330 -16.61 0.38 19.95
N GLY C 331 -17.28 -0.71 20.36
CA GLY C 331 -16.61 -1.99 20.66
C GLY C 331 -16.01 -2.14 22.06
N THR C 332 -16.45 -1.31 22.99
CA THR C 332 -15.90 -1.36 24.37
C THR C 332 -16.90 -0.80 25.36
N ASP C 333 -16.70 -1.13 26.63
CA ASP C 333 -17.50 -0.51 27.71
C ASP C 333 -16.76 0.69 28.34
N ASP C 334 -15.54 0.95 27.87
CA ASP C 334 -14.65 1.95 28.45
C ASP C 334 -15.20 3.35 28.26
N MET C 335 -15.29 4.13 29.35
CA MET C 335 -15.82 5.50 29.25
C MET C 335 -14.78 6.56 29.68
N ARG C 336 -13.53 6.13 29.85
CA ARG C 336 -12.51 7.08 30.31
C ARG C 336 -12.33 8.22 29.33
N GLU C 337 -12.33 9.47 29.81
CA GLU C 337 -12.21 10.64 28.92
C GLU C 337 -13.22 10.67 27.71
N ALA C 338 -14.39 10.02 27.87
CA ALA C 338 -15.35 9.93 26.77
C ALA C 338 -15.97 11.30 26.49
N PRO C 339 -16.06 11.68 25.19
CA PRO C 339 -16.77 12.90 24.86
C PRO C 339 -18.21 12.93 25.42
N SER C 340 -18.87 11.79 25.54
CA SER C 340 -20.24 11.75 26.04
C SER C 340 -20.35 12.36 27.45
N LEU C 341 -19.33 12.14 28.26
CA LEU C 341 -19.33 12.69 29.63
C LEU C 341 -19.30 14.22 29.69
N VAL C 342 -18.54 14.87 28.79
CA VAL C 342 -18.54 16.34 28.70
C VAL C 342 -19.90 16.84 28.23
N LEU C 343 -20.50 16.12 27.27
CA LEU C 343 -21.83 16.49 26.80
C LEU C 343 -22.87 16.37 27.93
N ILE C 344 -22.84 15.24 28.62
CA ILE C 344 -23.83 14.94 29.68
C ILE C 344 -23.72 15.92 30.85
N GLU C 345 -22.50 16.20 31.28
CA GLU C 345 -22.28 17.12 32.40
C GLU C 345 -22.83 18.51 32.12
N LYS C 346 -22.61 18.99 30.89
CA LYS C 346 -23.09 20.31 30.53
C LYS C 346 -24.63 20.30 30.40
N LEU C 347 -25.18 19.24 29.82
CA LEU C 347 -26.65 19.08 29.73
C LEU C 347 -27.28 19.13 31.11
N LEU C 348 -26.64 18.46 32.07
CA LEU C 348 -27.20 18.45 33.43
C LEU C 348 -27.08 19.80 34.10
N GLU C 349 -26.01 20.52 33.81
CA GLU C 349 -25.80 21.86 34.40
C GLU C 349 -26.90 22.84 34.05
N VAL C 350 -27.32 22.83 32.80
CA VAL C 350 -28.32 23.78 32.32
C VAL C 350 -29.73 23.18 32.50
N GLY C 351 -29.81 22.09 33.24
CA GLY C 351 -31.09 21.50 33.64
C GLY C 351 -31.86 20.76 32.56
N CYS C 352 -31.17 20.16 31.58
CA CYS C 352 -31.82 19.25 30.66
C CYS C 352 -32.06 17.87 31.28
N ARG C 353 -33.05 17.15 30.73
CA ARG C 353 -33.40 15.78 31.14
C ARG C 353 -32.82 14.83 30.10
N VAL C 354 -31.96 13.92 30.54
CA VAL C 354 -31.10 13.18 29.59
C VAL C 354 -31.45 11.68 29.56
N ARG C 355 -31.76 11.16 28.38
CA ARG C 355 -32.02 9.75 28.22
C ARG C 355 -30.83 9.15 27.49
N VAL C 356 -30.30 8.03 27.96
CA VAL C 356 -29.10 7.46 27.27
C VAL C 356 -29.31 6.01 26.82
N TYR C 357 -28.65 5.64 25.71
CA TYR C 357 -28.55 4.26 25.27
C TYR C 357 -27.14 3.95 24.74
N ASP C 358 -26.53 2.88 25.24
CA ASP C 358 -25.32 2.29 24.67
C ASP C 358 -25.49 0.76 24.78
N PRO C 359 -25.14 0.03 23.71
CA PRO C 359 -25.38 -1.42 23.75
C PRO C 359 -24.51 -2.22 24.76
N VAL C 360 -23.43 -1.59 25.27
CA VAL C 360 -22.45 -2.24 26.15
C VAL C 360 -22.07 -1.43 27.41
N ALA C 361 -21.97 -0.11 27.31
CA ALA C 361 -21.38 0.73 28.35
C ALA C 361 -22.33 1.26 29.42
N MET C 362 -23.58 0.83 29.46
CA MET C 362 -24.53 1.43 30.41
C MET C 362 -24.22 1.17 31.90
N LYS C 363 -23.66 -0.01 32.24
CA LYS C 363 -23.22 -0.26 33.63
C LYS C 363 -22.05 0.65 34.03
N GLU C 364 -21.11 0.88 33.11
CA GLU C 364 -20.01 1.79 33.37
C GLU C 364 -20.51 3.21 33.52
N ALA C 365 -21.50 3.58 32.70
CA ALA C 365 -22.07 4.91 32.77
C ALA C 365 -22.74 5.13 34.12
N GLN C 366 -23.43 4.12 34.61
CA GLN C 366 -24.13 4.19 35.89
C GLN C 366 -23.17 4.38 37.07
N LYS C 367 -22.00 3.75 36.98
CA LYS C 367 -20.93 3.97 37.95
C LYS C 367 -20.53 5.46 38.01
N ARG C 368 -20.48 6.12 36.85
CA ARG C 368 -20.07 7.50 36.79
C ARG C 368 -21.23 8.50 36.99
N LEU C 369 -22.45 8.11 36.62
CA LEU C 369 -23.58 9.07 36.54
C LEU C 369 -24.71 8.80 37.53
N GLY C 370 -24.80 7.57 38.04
CA GLY C 370 -25.89 7.20 38.94
C GLY C 370 -27.26 7.45 38.33
N ASP C 371 -28.14 8.10 39.10
CA ASP C 371 -29.52 8.36 38.73
C ASP C 371 -29.70 9.70 37.99
N LYS C 372 -28.59 10.31 37.56
CA LYS C 372 -28.64 11.66 36.99
C LYS C 372 -29.20 11.61 35.57
N VAL C 373 -29.06 10.43 34.96
CA VAL C 373 -29.61 10.20 33.62
C VAL C 373 -30.56 9.02 33.64
N GLU C 374 -31.43 8.98 32.64
CA GLU C 374 -32.33 7.84 32.44
C GLU C 374 -31.71 6.82 31.50
N TYR C 375 -31.59 5.55 31.95
CA TYR C 375 -31.06 4.46 31.13
C TYR C 375 -32.21 3.79 30.39
N THR C 376 -32.02 3.53 29.10
CA THR C 376 -33.09 3.02 28.25
C THR C 376 -32.72 1.70 27.63
N THR C 377 -33.69 1.03 26.98
CA THR C 377 -33.53 -0.38 26.63
C THR C 377 -32.95 -0.64 25.21
N ASP C 378 -33.08 0.36 24.34
CA ASP C 378 -32.67 0.28 22.94
C ASP C 378 -32.71 1.68 22.33
N MET C 379 -32.27 1.82 21.09
CA MET C 379 -32.12 3.14 20.48
C MET C 379 -33.44 3.87 20.34
N TYR C 380 -34.50 3.11 20.12
CA TYR C 380 -35.82 3.73 19.96
C TYR C 380 -36.43 4.17 21.29
N ASP C 381 -36.22 3.38 22.31
CA ASP C 381 -36.69 3.71 23.66
C ASP C 381 -36.01 5.01 24.13
N ALA C 382 -34.72 5.17 23.79
CA ALA C 382 -33.97 6.36 24.19
C ALA C 382 -34.61 7.66 23.69
N VAL C 383 -35.12 7.66 22.45
CA VAL C 383 -35.58 8.92 21.84
C VAL C 383 -37.01 9.34 22.23
N ARG C 384 -37.72 8.52 22.99
CA ARG C 384 -39.12 8.84 23.40
C ARG C 384 -39.25 10.22 24.07
N GLY C 385 -39.98 11.13 23.42
CA GLY C 385 -40.12 12.53 23.89
C GLY C 385 -38.91 13.44 23.85
N ALA C 386 -37.87 12.97 23.14
CA ALA C 386 -36.62 13.72 23.02
C ALA C 386 -36.74 14.93 22.08
N GLU C 387 -36.10 16.04 22.44
CA GLU C 387 -36.14 17.25 21.58
C GLU C 387 -34.84 17.44 20.78
N ALA C 388 -33.90 16.52 21.00
CA ALA C 388 -32.60 16.48 20.32
C ALA C 388 -32.12 15.06 20.54
N LEU C 389 -31.53 14.48 19.48
CA LEU C 389 -30.86 13.20 19.58
C LEU C 389 -29.40 13.46 19.26
N PHE C 390 -28.50 13.02 20.15
CA PHE C 390 -27.05 13.20 19.92
C PHE C 390 -26.48 11.84 19.59
N HIS C 391 -25.83 11.71 18.42
CA HIS C 391 -25.12 10.48 18.06
C HIS C 391 -23.66 10.70 18.37
N VAL C 392 -23.16 10.03 19.42
CA VAL C 392 -21.85 10.35 19.97
C VAL C 392 -20.83 9.25 19.71
N THR C 393 -21.30 8.01 19.65
CA THR C 393 -20.40 6.87 19.45
C THR C 393 -20.97 5.95 18.40
N GLU C 394 -20.18 5.69 17.33
CA GLU C 394 -20.73 5.12 16.10
C GLU C 394 -20.87 3.58 16.09
N TRP C 395 -21.49 3.06 17.15
CA TRP C 395 -21.86 1.66 17.19
C TRP C 395 -22.68 1.31 15.93
N LYS C 396 -22.41 0.13 15.38
CA LYS C 396 -23.02 -0.30 14.13
C LYS C 396 -24.54 -0.37 14.14
N GLU C 397 -25.17 -0.65 15.29
CA GLU C 397 -26.64 -0.81 15.28
C GLU C 397 -27.38 0.50 15.00
N PHE C 398 -26.70 1.63 15.21
CA PHE C 398 -27.26 2.96 14.92
C PHE C 398 -27.19 3.37 13.44
N ARG C 399 -26.68 2.52 12.56
CA ARG C 399 -26.33 3.02 11.22
C ARG C 399 -27.46 3.17 10.21
N MET C 400 -28.55 2.41 10.35
CA MET C 400 -29.67 2.55 9.42
C MET C 400 -30.95 2.79 10.21
N PRO C 401 -31.10 3.97 10.84
CA PRO C 401 -32.31 4.15 11.65
C PRO C 401 -33.58 4.29 10.81
N ASP C 402 -34.71 3.83 11.36
CA ASP C 402 -36.02 4.12 10.80
C ASP C 402 -36.43 5.57 11.13
N TRP C 403 -36.19 6.48 10.20
CA TRP C 403 -36.39 7.90 10.44
C TRP C 403 -37.86 8.24 10.70
N SER C 404 -38.80 7.52 10.07
CA SER C 404 -40.24 7.65 10.41
C SER C 404 -40.50 7.33 11.88
N ALA C 405 -39.96 6.19 12.32
CA ALA C 405 -40.14 5.72 13.68
C ALA C 405 -39.54 6.75 14.63
N LEU C 406 -38.36 7.27 14.29
CA LEU C 406 -37.76 8.32 15.11
C LEU C 406 -38.66 9.55 15.21
N SER C 407 -39.13 10.01 14.06
CA SER C 407 -40.04 11.17 13.95
C SER C 407 -41.23 11.03 14.90
N GLN C 408 -41.87 9.86 14.85
CA GLN C 408 -43.06 9.65 15.64
C GLN C 408 -42.81 9.59 17.14
N ALA C 409 -41.64 9.09 17.53
CA ALA C 409 -41.33 8.93 18.94
C ALA C 409 -40.81 10.21 19.62
N MET C 410 -40.13 11.06 18.86
CA MET C 410 -39.48 12.29 19.40
C MET C 410 -40.46 13.44 19.52
N ALA C 411 -40.15 14.37 20.42
CA ALA C 411 -40.88 15.61 20.50
C ALA C 411 -40.46 16.59 19.41
N ALA C 412 -39.23 16.46 18.90
CA ALA C 412 -38.73 17.33 17.81
C ALA C 412 -37.70 16.55 17.01
N SER C 413 -37.81 16.66 15.70
CA SER C 413 -37.01 15.85 14.79
C SER C 413 -35.66 16.53 14.52
N LEU C 414 -34.82 16.57 15.56
CA LEU C 414 -33.50 17.15 15.51
C LEU C 414 -32.44 16.08 15.86
N VAL C 415 -31.51 15.84 14.94
CA VAL C 415 -30.38 14.91 15.19
C VAL C 415 -29.07 15.72 15.09
N ILE C 416 -28.20 15.55 16.09
CA ILE C 416 -26.94 16.27 16.17
C ILE C 416 -25.86 15.19 16.18
N ASP C 417 -25.16 15.05 15.08
CA ASP C 417 -24.28 13.90 14.84
C ASP C 417 -22.83 14.28 15.05
N GLY C 418 -22.23 13.68 16.07
CA GLY C 418 -20.85 13.96 16.45
C GLY C 418 -19.88 13.03 15.75
N ARG C 419 -20.38 12.16 14.85
CA ARG C 419 -19.49 11.26 14.12
C ARG C 419 -19.68 11.24 12.60
N ASN C 420 -20.51 12.16 12.07
CA ASN C 420 -20.70 12.35 10.63
C ASN C 420 -20.96 11.03 9.91
N VAL C 421 -21.94 10.29 10.41
CA VAL C 421 -22.34 9.02 9.77
C VAL C 421 -23.63 9.17 8.95
N TYR C 422 -24.52 10.10 9.33
CA TYR C 422 -25.86 10.20 8.73
C TYR C 422 -25.98 11.14 7.53
N GLU C 423 -26.73 10.70 6.51
CA GLU C 423 -27.30 11.61 5.51
C GLU C 423 -28.81 11.43 5.55
N LEU C 424 -29.56 12.52 5.60
CA LEU C 424 -31.04 12.39 5.70
C LEU C 424 -31.68 11.90 4.40
N PRO C 425 -32.74 11.05 4.48
CA PRO C 425 -33.45 10.65 3.26
C PRO C 425 -34.22 11.83 2.64
N ASP C 429 -38.07 15.40 6.82
CA ASP C 429 -38.66 15.88 8.09
C ASP C 429 -37.62 16.41 9.11
N PHE C 430 -36.48 15.73 9.19
CA PHE C 430 -35.47 16.00 10.19
C PHE C 430 -34.60 17.21 9.88
N THR C 431 -34.12 17.85 10.95
CA THR C 431 -32.97 18.76 10.87
C THR C 431 -31.75 17.98 11.36
N LEU C 432 -30.69 17.94 10.57
CA LEU C 432 -29.41 17.26 10.94
C LEU C 432 -28.33 18.31 11.13
N LEU C 433 -27.66 18.29 12.27
CA LEU C 433 -26.50 19.15 12.50
C LEU C 433 -25.34 18.19 12.64
N ASN C 434 -24.19 18.57 12.12
CA ASN C 434 -23.02 17.68 12.30
C ASN C 434 -21.75 18.49 12.37
N ILE C 435 -20.61 17.81 12.34
CA ILE C 435 -19.34 18.50 12.59
C ILE C 435 -18.67 18.76 11.22
N GLY C 436 -18.65 20.00 10.72
CA GLY C 436 -18.00 20.31 9.44
C GLY C 436 -18.80 19.99 8.18
N LEU D 3 -9.16 16.83 -27.59
CA LEU D 3 -9.58 18.11 -26.96
C LEU D 3 -8.69 19.26 -27.34
N ASP D 4 -9.28 20.44 -27.46
CA ASP D 4 -8.51 21.65 -27.58
C ASP D 4 -8.50 22.28 -26.20
N ILE D 5 -7.31 22.45 -25.65
CA ILE D 5 -7.15 22.95 -24.25
C ILE D 5 -6.32 24.21 -24.23
N ALA D 6 -6.74 25.20 -23.43
CA ALA D 6 -5.90 26.38 -23.16
C ALA D 6 -5.48 26.35 -21.69
N VAL D 7 -4.25 26.81 -21.42
CA VAL D 7 -3.77 26.92 -20.04
C VAL D 7 -3.17 28.31 -19.90
N VAL D 8 -3.65 29.07 -18.91
CA VAL D 8 -3.07 30.37 -18.64
C VAL D 8 -2.10 30.27 -17.48
N GLY D 9 -0.84 30.62 -17.72
CA GLY D 9 0.19 30.65 -16.69
C GLY D 9 1.37 29.78 -17.09
N ILE D 10 2.58 30.26 -16.80
CA ILE D 10 3.81 29.54 -17.19
C ILE D 10 4.74 29.24 -16.01
N GLY D 11 4.18 29.30 -14.80
CA GLY D 11 4.80 28.73 -13.61
C GLY D 11 4.79 27.21 -13.66
N TYR D 12 5.28 26.59 -12.59
CA TYR D 12 5.39 25.10 -12.52
C TYR D 12 4.14 24.41 -12.99
N VAL D 13 3.03 24.83 -12.39
CA VAL D 13 1.74 24.18 -12.51
C VAL D 13 1.21 24.37 -13.93
N GLY D 14 1.24 25.61 -14.40
CA GLY D 14 0.76 25.89 -15.77
C GLY D 14 1.57 25.19 -16.83
N LEU D 15 2.90 25.33 -16.74
CA LEU D 15 3.77 24.76 -17.74
C LEU D 15 3.70 23.22 -17.76
N VAL D 16 3.71 22.61 -16.57
CA VAL D 16 3.68 21.15 -16.50
C VAL D 16 2.34 20.60 -17.01
N SER D 17 1.22 21.19 -16.58
CA SER D 17 -0.09 20.72 -17.05
CA SER D 17 -0.11 20.76 -17.05
C SER D 17 -0.24 20.85 -18.57
N ALA D 18 0.12 22.01 -19.11
CA ALA D 18 0.01 22.25 -20.55
C ALA D 18 0.79 21.21 -21.35
N THR D 19 2.03 21.00 -20.92
CA THR D 19 2.99 20.16 -21.62
C THR D 19 2.54 18.71 -21.54
N CYS D 20 2.07 18.30 -20.36
CA CYS D 20 1.62 16.90 -20.19
C CYS D 20 0.35 16.63 -21.00
N PHE D 21 -0.57 17.59 -21.05
CA PHE D 21 -1.73 17.42 -21.89
C PHE D 21 -1.34 17.28 -23.36
N ALA D 22 -0.34 18.05 -23.82
CA ALA D 22 0.08 17.93 -25.23
C ALA D 22 0.77 16.59 -25.51
N GLU D 23 1.58 16.12 -24.54
CA GLU D 23 2.22 14.81 -24.59
C GLU D 23 1.20 13.66 -24.73
N LEU D 24 0.01 13.88 -24.16
CA LEU D 24 -1.10 12.92 -24.24
C LEU D 24 -1.95 13.05 -25.51
N GLY D 25 -1.54 13.95 -26.39
CA GLY D 25 -2.13 14.07 -27.72
C GLY D 25 -3.14 15.21 -27.86
N ALA D 26 -3.36 16.01 -26.81
CA ALA D 26 -4.31 17.14 -26.97
C ALA D 26 -3.60 18.29 -27.70
N ASN D 27 -4.40 19.16 -28.30
CA ASN D 27 -3.88 20.42 -28.86
CA ASN D 27 -3.92 20.44 -28.86
C ASN D 27 -3.98 21.47 -27.77
N VAL D 28 -2.84 22.06 -27.42
CA VAL D 28 -2.75 22.92 -26.26
C VAL D 28 -2.12 24.26 -26.60
N ARG D 29 -2.79 25.34 -26.19
CA ARG D 29 -2.24 26.70 -26.24
C ARG D 29 -1.93 27.13 -24.78
N CYS D 30 -0.72 27.57 -24.53
CA CYS D 30 -0.35 27.98 -23.17
C CYS D 30 -0.02 29.48 -23.21
N ILE D 31 -0.66 30.27 -22.33
CA ILE D 31 -0.67 31.73 -22.45
C ILE D 31 -0.07 32.41 -21.23
N ASP D 32 0.75 33.43 -21.45
CA ASP D 32 1.22 34.28 -20.35
C ASP D 32 1.55 35.68 -20.90
N THR D 33 1.44 36.69 -20.04
CA THR D 33 1.75 38.08 -20.42
C THR D 33 3.23 38.31 -20.77
N ASP D 34 4.12 37.58 -20.10
CA ASP D 34 5.57 37.74 -20.27
C ASP D 34 6.06 37.29 -21.67
N ARG D 35 6.11 38.25 -22.60
CA ARG D 35 6.41 37.98 -24.01
C ARG D 35 7.82 37.41 -24.23
N ASN D 36 8.77 37.86 -23.41
CA ASN D 36 10.14 37.37 -23.47
C ASN D 36 10.20 35.88 -23.16
N LYS D 37 9.63 35.49 -22.02
CA LYS D 37 9.63 34.09 -21.59
C LYS D 37 8.81 33.19 -22.53
N ILE D 38 7.67 33.69 -23.01
CA ILE D 38 6.87 32.99 -24.04
C ILE D 38 7.69 32.70 -25.32
N GLU D 39 8.45 33.69 -25.79
CA GLU D 39 9.36 33.48 -26.94
C GLU D 39 10.39 32.36 -26.71
N GLN D 40 10.98 32.34 -25.51
CA GLN D 40 12.01 31.38 -25.16
C GLN D 40 11.42 29.98 -24.98
N LEU D 41 10.16 29.91 -24.54
CA LEU D 41 9.49 28.63 -24.42
C LEU D 41 9.16 28.06 -25.80
N ASN D 42 8.64 28.87 -26.71
CA ASN D 42 8.38 28.42 -28.10
C ASN D 42 9.66 28.02 -28.84
N SER D 43 10.79 28.66 -28.50
CA SER D 43 12.06 28.44 -29.20
C SER D 43 12.90 27.37 -28.54
N GLY D 44 12.55 27.03 -27.29
CA GLY D 44 13.34 26.09 -26.52
C GLY D 44 14.68 26.67 -26.10
N THR D 45 14.66 27.90 -25.57
CA THR D 45 15.87 28.61 -25.16
C THR D 45 15.95 29.11 -23.68
N ILE D 46 15.04 28.66 -22.81
CA ILE D 46 15.14 29.02 -21.37
C ILE D 46 15.58 27.80 -20.55
N PRO D 47 16.62 27.95 -19.69
CA PRO D 47 17.05 26.75 -18.94
C PRO D 47 15.90 26.30 -18.04
N ILE D 48 15.69 24.99 -17.96
CA ILE D 48 14.70 24.40 -17.07
C ILE D 48 15.28 23.21 -16.30
N TYR D 49 15.33 23.32 -14.96
CA TYR D 49 15.85 22.32 -14.06
CA TYR D 49 15.85 22.18 -14.18
C TYR D 49 14.77 21.34 -13.55
N GLU D 50 13.54 21.48 -14.03
CA GLU D 50 12.55 20.47 -13.72
C GLU D 50 12.86 19.23 -14.57
N PRO D 51 13.22 18.08 -13.94
CA PRO D 51 13.58 16.84 -14.67
C PRO D 51 12.61 16.49 -15.81
N GLY D 52 13.14 16.45 -17.03
CA GLY D 52 12.36 16.00 -18.20
C GLY D 52 11.56 17.07 -18.93
N LEU D 53 11.36 18.22 -18.28
CA LEU D 53 10.40 19.22 -18.74
C LEU D 53 10.89 19.92 -20.00
N GLU D 54 12.15 20.37 -20.00
CA GLU D 54 12.66 21.05 -21.19
C GLU D 54 12.50 20.22 -22.47
N LYS D 55 12.86 18.94 -22.40
CA LYS D 55 12.77 18.04 -23.55
C LYS D 55 11.30 17.79 -23.99
N MET D 56 10.41 17.61 -23.00
CA MET D 56 8.99 17.35 -23.31
C MET D 56 8.30 18.56 -23.98
N ILE D 57 8.62 19.78 -23.50
CA ILE D 57 8.13 21.00 -24.14
C ILE D 57 8.58 21.03 -25.59
N ALA D 58 9.89 20.82 -25.80
CA ALA D 58 10.47 20.95 -27.14
C ALA D 58 9.83 19.99 -28.13
N ARG D 59 9.62 18.73 -27.73
CA ARG D 59 9.07 17.76 -28.67
CA ARG D 59 9.06 17.72 -28.63
C ARG D 59 7.61 18.04 -29.02
N ASN D 60 6.86 18.56 -28.06
CA ASN D 60 5.45 18.88 -28.25
C ASN D 60 5.22 20.16 -29.05
N VAL D 61 6.11 21.13 -28.85
CA VAL D 61 6.19 22.28 -29.76
C VAL D 61 6.51 21.86 -31.21
N LYS D 62 7.52 21.02 -31.37
CA LYS D 62 7.96 20.60 -32.69
C LYS D 62 6.85 19.81 -33.38
N ALA D 63 6.11 19.02 -32.59
CA ALA D 63 5.05 18.15 -33.07
C ALA D 63 3.79 18.96 -33.39
N GLY D 64 3.76 20.20 -32.94
CA GLY D 64 2.64 21.05 -33.25
C GLY D 64 1.46 20.88 -32.32
N ARG D 65 1.62 20.12 -31.23
CA ARG D 65 0.57 19.99 -30.19
C ARG D 65 0.61 21.06 -29.09
N LEU D 66 1.72 21.77 -28.98
CA LEU D 66 1.88 22.76 -27.92
C LEU D 66 2.33 24.06 -28.58
N ARG D 67 1.63 25.16 -28.30
CA ARG D 67 2.02 26.49 -28.77
C ARG D 67 1.88 27.47 -27.62
N PHE D 68 2.87 28.34 -27.46
CA PHE D 68 2.82 29.40 -26.45
C PHE D 68 2.42 30.72 -27.10
N GLY D 69 1.63 31.50 -26.36
CA GLY D 69 1.11 32.79 -26.83
C GLY D 69 0.97 33.80 -25.69
N THR D 70 0.63 35.04 -26.04
CA THR D 70 0.55 36.11 -25.05
C THR D 70 -0.88 36.64 -24.93
N GLU D 71 -1.77 36.17 -25.80
CA GLU D 71 -3.13 36.70 -25.80
C GLU D 71 -4.15 35.63 -25.46
N ILE D 72 -4.74 35.73 -24.25
CA ILE D 72 -5.79 34.78 -23.85
C ILE D 72 -6.93 34.83 -24.84
N GLU D 73 -7.23 36.04 -25.31
CA GLU D 73 -8.42 36.25 -26.13
C GLU D 73 -8.30 35.53 -27.48
N GLN D 74 -7.06 35.25 -27.89
CA GLN D 74 -6.73 34.47 -29.09
C GLN D 74 -7.10 33.00 -28.92
N ALA D 75 -6.83 32.45 -27.74
CA ALA D 75 -6.97 31.00 -27.45
C ALA D 75 -8.39 30.56 -27.06
N VAL D 76 -9.17 31.47 -26.49
CA VAL D 76 -10.50 31.13 -25.99
C VAL D 76 -11.46 30.57 -27.06
N PRO D 77 -11.65 31.27 -28.19
CA PRO D 77 -12.60 30.70 -29.19
C PRO D 77 -12.20 29.29 -29.72
N GLU D 78 -10.92 28.94 -29.61
CA GLU D 78 -10.44 27.64 -30.05
C GLU D 78 -10.42 26.55 -28.96
N ALA D 79 -10.75 26.88 -27.71
CA ALA D 79 -10.58 25.93 -26.58
C ALA D 79 -11.88 25.23 -26.17
N ASP D 80 -11.80 23.94 -25.83
CA ASP D 80 -12.91 23.25 -25.21
C ASP D 80 -12.89 23.42 -23.70
N ILE D 81 -11.68 23.43 -23.14
CA ILE D 81 -11.49 23.64 -21.70
C ILE D 81 -10.35 24.63 -21.59
N ILE D 82 -10.51 25.59 -20.66
CA ILE D 82 -9.43 26.49 -20.30
C ILE D 82 -9.08 26.41 -18.81
N PHE D 83 -7.81 26.20 -18.53
CA PHE D 83 -7.31 26.12 -17.15
C PHE D 83 -6.70 27.46 -16.77
N ILE D 84 -7.12 27.97 -15.61
CA ILE D 84 -6.46 29.13 -14.98
C ILE D 84 -5.41 28.60 -14.00
N ALA D 85 -4.12 28.85 -14.33
CA ALA D 85 -3.00 28.38 -13.51
C ALA D 85 -2.02 29.53 -13.30
N VAL D 86 -2.55 30.73 -13.14
CA VAL D 86 -1.69 31.89 -12.86
C VAL D 86 -1.34 31.95 -11.37
N GLY D 87 -0.41 32.86 -11.05
CA GLY D 87 0.04 33.07 -9.69
C GLY D 87 -1.01 33.67 -8.79
N THR D 88 -1.03 33.19 -7.55
CA THR D 88 -1.86 33.76 -6.51
C THR D 88 -0.91 33.94 -5.33
N PRO D 89 -0.05 34.98 -5.41
CA PRO D 89 0.97 35.13 -4.37
C PRO D 89 0.35 35.56 -3.03
N GLY D 94 -2.17 37.16 5.81
CA GLY D 94 -1.85 36.16 4.79
C GLY D 94 -2.92 36.10 3.69
N SER D 95 -3.16 37.28 3.11
CA SER D 95 -4.22 37.51 2.15
C SER D 95 -3.78 37.21 0.72
N ALA D 96 -4.63 36.54 -0.05
CA ALA D 96 -4.32 36.18 -1.44
C ALA D 96 -4.58 37.33 -2.39
N ASP D 97 -3.65 37.59 -3.32
CA ASP D 97 -3.87 38.52 -4.41
C ASP D 97 -4.55 37.77 -5.52
N MET D 98 -5.83 38.10 -5.74
CA MET D 98 -6.64 37.42 -6.74
C MET D 98 -6.71 38.18 -8.06
N SER D 99 -5.92 39.25 -8.18
CA SER D 99 -6.04 40.13 -9.36
C SER D 99 -5.64 39.39 -10.64
N TYR D 100 -4.63 38.52 -10.57
CA TYR D 100 -4.18 37.74 -11.72
C TYR D 100 -5.23 36.73 -12.21
N VAL D 101 -5.81 35.98 -11.27
CA VAL D 101 -6.90 35.05 -11.60
C VAL D 101 -8.14 35.79 -12.19
N LEU D 102 -8.54 36.89 -11.57
CA LEU D 102 -9.71 37.60 -12.03
C LEU D 102 -9.47 38.30 -13.37
N ASP D 103 -8.23 38.79 -13.58
CA ASP D 103 -7.81 39.35 -14.88
C ASP D 103 -7.96 38.32 -15.99
N ALA D 104 -7.50 37.08 -15.72
CA ALA D 104 -7.67 35.98 -16.68
C ALA D 104 -9.16 35.71 -16.91
N ALA D 105 -9.93 35.67 -15.82
CA ALA D 105 -11.36 35.42 -15.89
C ALA D 105 -12.07 36.47 -16.77
N ARG D 106 -11.82 37.76 -16.52
CA ARG D 106 -12.38 38.80 -17.38
C ARG D 106 -12.01 38.65 -18.87
N SER D 107 -10.76 38.29 -19.14
CA SER D 107 -10.31 38.11 -20.53
C SER D 107 -11.04 36.99 -21.23
N ILE D 108 -11.29 35.92 -20.47
CA ILE D 108 -12.09 34.80 -20.94
C ILE D 108 -13.50 35.28 -21.26
N GLY D 109 -14.11 36.04 -20.35
CA GLY D 109 -15.44 36.59 -20.59
C GLY D 109 -15.52 37.46 -21.86
N ARG D 110 -14.47 38.21 -22.17
CA ARG D 110 -14.48 39.09 -23.34
C ARG D 110 -14.29 38.36 -24.66
N ALA D 111 -13.69 37.17 -24.59
CA ALA D 111 -13.44 36.41 -25.79
C ALA D 111 -14.39 35.26 -26.04
N MET D 112 -15.13 34.81 -25.03
CA MET D 112 -16.03 33.65 -25.20
C MET D 112 -16.96 33.76 -26.41
N SER D 113 -16.91 32.77 -27.31
CA SER D 113 -17.88 32.69 -28.43
C SER D 113 -18.96 31.61 -28.25
N ARG D 114 -18.72 30.64 -27.36
CA ARG D 114 -19.57 29.46 -27.24
C ARG D 114 -19.34 28.87 -25.85
N TYR D 115 -20.09 27.84 -25.50
CA TYR D 115 -19.88 27.18 -24.20
C TYR D 115 -18.42 26.79 -24.04
N ILE D 116 -17.88 27.00 -22.84
CA ILE D 116 -16.53 26.59 -22.46
C ILE D 116 -16.54 26.21 -20.98
N LEU D 117 -15.68 25.27 -20.59
CA LEU D 117 -15.47 24.93 -19.18
C LEU D 117 -14.21 25.64 -18.72
N ILE D 118 -14.33 26.45 -17.67
CA ILE D 118 -13.19 27.15 -17.06
C ILE D 118 -12.79 26.41 -15.77
N VAL D 119 -11.56 25.93 -15.71
CA VAL D 119 -11.13 25.12 -14.57
C VAL D 119 -10.01 25.89 -13.85
N THR D 120 -10.20 26.17 -12.59
CA THR D 120 -9.17 26.84 -11.81
C THR D 120 -8.25 25.83 -11.15
N LYS D 121 -6.99 25.84 -11.60
CA LYS D 121 -5.94 25.01 -11.06
C LYS D 121 -5.05 25.78 -10.04
N SER D 122 -4.99 27.10 -10.15
CA SER D 122 -4.36 27.97 -9.15
C SER D 122 -4.89 27.68 -7.74
N THR D 123 -4.03 27.80 -6.75
CA THR D 123 -4.46 27.73 -5.33
C THR D 123 -5.17 29.04 -4.96
N VAL D 124 -6.47 28.94 -4.73
CA VAL D 124 -7.31 30.12 -4.52
C VAL D 124 -8.11 29.96 -3.24
N PRO D 125 -8.42 31.09 -2.58
CA PRO D 125 -9.26 30.96 -1.36
C PRO D 125 -10.60 30.25 -1.60
N VAL D 126 -11.10 29.58 -0.58
CA VAL D 126 -12.40 28.92 -0.63
C VAL D 126 -13.49 29.94 -0.97
N GLY D 127 -14.33 29.61 -1.96
CA GLY D 127 -15.40 30.49 -2.44
C GLY D 127 -15.00 31.33 -3.65
N SER D 128 -13.74 31.25 -4.05
CA SER D 128 -13.25 31.99 -5.25
C SER D 128 -14.02 31.69 -6.52
N TYR D 129 -14.50 30.46 -6.68
CA TYR D 129 -15.24 30.09 -7.88
C TYR D 129 -16.42 31.07 -8.08
N ARG D 130 -17.03 31.52 -6.98
CA ARG D 130 -18.18 32.44 -7.13
C ARG D 130 -17.79 33.79 -7.73
N LEU D 131 -16.63 34.31 -7.34
CA LEU D 131 -16.12 35.55 -7.90
C LEU D 131 -15.68 35.41 -9.34
N ILE D 132 -15.07 34.27 -9.67
CA ILE D 132 -14.67 33.95 -11.04
C ILE D 132 -15.88 33.89 -12.01
N ARG D 133 -16.95 33.20 -11.60
CA ARG D 133 -18.16 33.16 -12.41
C ARG D 133 -18.75 34.57 -12.58
N LYS D 134 -18.81 35.31 -11.50
CA LYS D 134 -19.37 36.67 -11.55
C LYS D 134 -18.55 37.56 -12.52
N ALA D 135 -17.21 37.48 -12.47
CA ALA D 135 -16.33 38.27 -13.36
C ALA D 135 -16.55 37.93 -14.85
N ILE D 136 -16.65 36.64 -15.13
CA ILE D 136 -16.87 36.21 -16.49
C ILE D 136 -18.23 36.71 -16.96
N GLN D 137 -19.25 36.51 -16.13
CA GLN D 137 -20.60 36.93 -16.50
C GLN D 137 -20.72 38.44 -16.77
N GLU D 138 -20.02 39.26 -16.00
CA GLU D 138 -20.06 40.70 -16.25
C GLU D 138 -19.61 41.04 -17.68
N GLU D 139 -18.58 40.36 -18.17
CA GLU D 139 -18.03 40.63 -19.49
C GLU D 139 -18.98 40.16 -20.60
N LEU D 140 -19.65 39.03 -20.37
CA LEU D 140 -20.69 38.54 -21.28
C LEU D 140 -21.84 39.56 -21.35
N ASP D 141 -22.23 40.09 -20.19
CA ASP D 141 -23.36 41.03 -20.08
C ASP D 141 -23.08 42.32 -20.82
N LYS D 142 -21.87 42.84 -20.64
CA LYS D 142 -21.38 44.03 -21.30
C LYS D 142 -21.38 43.84 -22.82
N ARG D 143 -21.17 42.61 -23.26
CA ARG D 143 -21.11 42.30 -24.69
C ARG D 143 -22.50 42.00 -25.25
N GLU D 144 -23.49 41.91 -24.36
CA GLU D 144 -24.86 41.61 -24.75
C GLU D 144 -24.94 40.23 -25.44
N VAL D 145 -24.11 39.29 -24.99
CA VAL D 145 -24.18 37.90 -25.46
C VAL D 145 -24.75 36.96 -24.37
N LEU D 146 -25.54 35.99 -24.81
CA LEU D 146 -26.11 34.95 -23.94
C LEU D 146 -25.41 33.63 -24.24
N ILE D 147 -24.43 33.30 -23.40
CA ILE D 147 -23.62 32.10 -23.61
C ILE D 147 -23.49 31.40 -22.26
N ASP D 148 -23.86 30.12 -22.23
CA ASP D 148 -23.70 29.27 -21.04
C ASP D 148 -22.23 28.88 -20.88
N PHE D 149 -21.78 28.73 -19.64
CA PHE D 149 -20.44 28.17 -19.40
C PHE D 149 -20.45 27.48 -18.05
N ASP D 150 -19.44 26.63 -17.80
CA ASP D 150 -19.25 26.09 -16.44
C ASP D 150 -17.91 26.48 -15.85
N ILE D 151 -17.84 26.44 -14.52
CA ILE D 151 -16.59 26.65 -13.77
C ILE D 151 -16.30 25.41 -12.90
N ALA D 152 -15.02 25.08 -12.78
CA ALA D 152 -14.63 23.96 -11.93
C ALA D 152 -13.36 24.31 -11.16
N SER D 153 -13.06 23.46 -10.14
CA SER D 153 -11.83 23.55 -9.39
C SER D 153 -11.06 22.26 -9.62
N ASN D 154 -9.79 22.37 -9.96
CA ASN D 154 -8.97 21.18 -10.13
C ASN D 154 -7.59 21.51 -9.60
N PRO D 155 -7.44 21.47 -8.27
CA PRO D 155 -6.14 21.92 -7.70
C PRO D 155 -5.03 20.98 -8.13
N GLU D 156 -3.81 21.48 -8.08
CA GLU D 156 -2.68 20.69 -8.47
C GLU D 156 -1.91 20.27 -7.24
N PHE D 157 -1.38 19.05 -7.27
CA PHE D 157 -0.67 18.47 -6.15
C PHE D 157 0.78 18.09 -6.45
N LEU D 158 1.28 18.46 -7.61
CA LEU D 158 2.67 18.11 -7.93
C LEU D 158 3.67 18.86 -7.04
N LYS D 159 4.83 18.26 -6.81
CA LYS D 159 5.93 18.91 -6.08
C LYS D 159 7.01 19.30 -7.06
N GLU D 160 7.68 20.42 -6.77
CA GLU D 160 8.85 20.75 -7.60
C GLU D 160 9.90 19.62 -7.53
N GLY D 161 10.57 19.33 -8.65
CA GLY D 161 11.58 18.28 -8.70
C GLY D 161 11.04 16.93 -9.13
N ASN D 162 9.72 16.73 -8.99
CA ASN D 162 9.08 15.53 -9.51
C ASN D 162 7.78 15.87 -10.25
N ALA D 163 7.75 17.00 -10.97
CA ALA D 163 6.46 17.53 -11.41
C ALA D 163 5.83 16.64 -12.45
N ILE D 164 6.61 16.20 -13.43
CA ILE D 164 6.02 15.40 -14.53
C ILE D 164 5.47 14.05 -14.03
N ASP D 165 6.27 13.32 -13.26
CA ASP D 165 5.81 12.05 -12.74
C ASP D 165 4.56 12.25 -11.88
N ASP D 166 4.59 13.30 -11.04
CA ASP D 166 3.45 13.62 -10.16
C ASP D 166 2.19 13.89 -10.96
N PHE D 167 2.32 14.55 -12.11
CA PHE D 167 1.17 14.90 -12.93
C PHE D 167 0.69 13.69 -13.74
N MET D 168 1.63 12.89 -14.29
CA MET D 168 1.28 11.79 -15.22
C MET D 168 0.77 10.55 -14.48
N LYS D 169 1.26 10.37 -13.26
CA LYS D 169 0.84 9.25 -12.43
C LYS D 169 0.45 9.71 -11.03
N PRO D 170 -0.62 10.53 -10.91
CA PRO D 170 -0.97 11.09 -9.58
C PRO D 170 -1.66 10.09 -8.68
N ASP D 171 -1.46 10.20 -7.37
CA ASP D 171 -2.22 9.35 -6.44
C ASP D 171 -3.75 9.54 -6.64
N ARG D 172 -4.16 10.78 -6.90
CA ARG D 172 -5.53 11.06 -7.27
C ARG D 172 -5.67 12.35 -8.03
N VAL D 173 -6.81 12.53 -8.66
CA VAL D 173 -7.13 13.84 -9.26
C VAL D 173 -8.33 14.36 -8.53
N VAL D 174 -8.23 15.57 -7.96
CA VAL D 174 -9.36 16.18 -7.27
C VAL D 174 -10.10 17.17 -8.14
N VAL D 175 -11.42 16.99 -8.33
CA VAL D 175 -12.17 17.94 -9.14
C VAL D 175 -13.43 18.38 -8.43
N GLY D 176 -13.56 19.70 -8.23
CA GLY D 176 -14.84 20.33 -7.74
C GLY D 176 -15.69 20.77 -8.95
N VAL D 177 -16.93 20.31 -9.01
CA VAL D 177 -17.86 20.63 -10.11
C VAL D 177 -19.23 20.90 -9.50
N ASP D 178 -20.08 21.63 -10.26
CA ASP D 178 -21.50 21.83 -9.92
C ASP D 178 -22.45 21.52 -11.10
N SER D 179 -21.97 20.77 -12.08
CA SER D 179 -22.79 20.44 -13.25
C SER D 179 -22.38 19.11 -13.84
N ASP D 180 -23.35 18.41 -14.41
CA ASP D 180 -23.08 17.12 -15.02
C ASP D 180 -22.24 17.32 -16.28
N ARG D 181 -22.51 18.42 -16.99
CA ARG D 181 -21.79 18.72 -18.23
C ARG D 181 -20.28 18.87 -17.95
N ALA D 182 -19.95 19.57 -16.87
CA ALA D 182 -18.56 19.73 -16.47
C ALA D 182 -17.94 18.40 -16.02
N ARG D 183 -18.70 17.60 -15.27
CA ARG D 183 -18.17 16.30 -14.82
C ARG D 183 -17.84 15.40 -16.01
N GLU D 184 -18.73 15.40 -17.00
CA GLU D 184 -18.58 14.54 -18.20
C GLU D 184 -17.37 14.97 -18.99
N LEU D 185 -17.21 16.29 -19.14
CA LEU D 185 -16.10 16.86 -19.88
C LEU D 185 -14.75 16.58 -19.19
N ILE D 186 -14.69 16.77 -17.87
CA ILE D 186 -13.47 16.48 -17.12
C ILE D 186 -13.09 14.98 -17.12
N THR D 187 -14.12 14.14 -17.03
CA THR D 187 -13.95 12.69 -17.13
C THR D 187 -13.33 12.33 -18.48
N SER D 188 -13.85 12.89 -19.56
CA SER D 188 -13.30 12.63 -20.88
C SER D 188 -11.82 13.03 -21.04
N LEU D 189 -11.39 14.09 -20.35
CA LEU D 189 -10.00 14.52 -20.34
C LEU D 189 -9.10 13.52 -19.59
N TYR D 190 -9.50 13.14 -18.38
CA TYR D 190 -8.59 12.36 -17.54
C TYR D 190 -8.68 10.85 -17.75
N LYS D 191 -9.83 10.36 -18.25
CA LYS D 191 -10.00 8.91 -18.34
C LYS D 191 -8.87 8.24 -19.12
N PRO D 192 -8.50 8.79 -20.29
CA PRO D 192 -7.42 8.20 -21.10
C PRO D 192 -6.05 8.18 -20.44
N MET D 193 -5.78 9.14 -19.53
CA MET D 193 -4.51 9.22 -18.79
C MET D 193 -4.42 8.14 -17.71
N LEU D 194 -5.51 7.91 -17.01
CA LEU D 194 -5.44 7.17 -15.75
C LEU D 194 -5.65 5.67 -15.97
N LEU D 195 -4.78 5.06 -16.77
CA LEU D 195 -4.96 3.68 -17.24
C LEU D 195 -5.08 2.65 -16.13
N ASN D 196 -4.43 2.89 -14.98
CA ASN D 196 -4.44 1.87 -13.93
C ASN D 196 -5.80 1.71 -13.23
N ASN D 197 -6.46 2.85 -13.04
CA ASN D 197 -7.80 2.93 -12.47
C ASN D 197 -8.18 4.40 -12.48
N PHE D 198 -9.46 4.65 -12.65
CA PHE D 198 -10.01 5.99 -12.65
C PHE D 198 -10.12 6.54 -11.21
N ARG D 199 -9.12 7.29 -10.79
CA ARG D 199 -9.13 7.83 -9.44
C ARG D 199 -9.34 9.34 -9.50
N VAL D 200 -10.41 9.75 -10.18
CA VAL D 200 -10.84 11.15 -10.11
C VAL D 200 -11.92 11.22 -9.06
N LEU D 201 -11.72 12.13 -8.11
CA LEU D 201 -12.61 12.31 -6.97
C LEU D 201 -13.40 13.58 -7.24
N PHE D 202 -14.69 13.41 -7.51
CA PHE D 202 -15.56 14.55 -7.79
C PHE D 202 -16.21 15.00 -6.49
N MET D 203 -16.25 16.30 -6.27
CA MET D 203 -16.85 16.88 -5.08
C MET D 203 -17.42 18.26 -5.46
N ASP D 204 -18.03 18.97 -4.52
CA ASP D 204 -18.43 20.37 -4.76
C ASP D 204 -17.23 21.33 -4.85
N ILE D 205 -17.41 22.47 -5.51
CA ILE D 205 -16.29 23.33 -5.84
C ILE D 205 -15.57 23.87 -4.60
N ALA D 206 -16.32 24.34 -3.58
CA ALA D 206 -15.71 24.86 -2.33
C ALA D 206 -14.82 23.81 -1.62
N SER D 207 -15.28 22.54 -1.59
CA SER D 207 -14.53 21.45 -0.95
C SER D 207 -13.23 21.15 -1.69
N ALA D 208 -13.24 21.27 -3.02
CA ALA D 208 -11.99 21.10 -3.79
C ALA D 208 -10.98 22.23 -3.48
N GLU D 209 -11.45 23.49 -3.46
CA GLU D 209 -10.61 24.62 -3.03
C GLU D 209 -10.01 24.37 -1.64
N MET D 210 -10.83 23.95 -0.68
CA MET D 210 -10.36 23.72 0.71
C MET D 210 -9.36 22.54 0.75
N THR D 211 -9.60 21.51 -0.06
CA THR D 211 -8.73 20.33 -0.08
C THR D 211 -7.27 20.68 -0.39
N LYS D 212 -7.06 21.57 -1.35
CA LYS D 212 -5.71 22.00 -1.68
C LYS D 212 -4.97 22.55 -0.45
N TYR D 213 -5.59 23.47 0.28
CA TYR D 213 -4.90 24.03 1.45
C TYR D 213 -4.71 23.00 2.54
N ALA D 214 -5.76 22.20 2.78
CA ALA D 214 -5.74 21.23 3.88
C ALA D 214 -4.68 20.16 3.61
N ALA D 215 -4.51 19.70 2.36
CA ALA D 215 -3.45 18.71 2.08
C ALA D 215 -2.06 19.26 2.42
N ASN D 216 -1.75 20.48 1.96
CA ASN D 216 -0.42 21.06 2.18
C ASN D 216 -0.23 21.32 3.66
N ALA D 217 -1.29 21.78 4.31
CA ALA D 217 -1.23 22.00 5.76
C ALA D 217 -0.96 20.70 6.56
N MET D 218 -1.62 19.58 6.17
CA MET D 218 -1.30 18.30 6.81
C MET D 218 0.16 17.87 6.61
N LEU D 219 0.71 18.09 5.43
CA LEU D 219 2.11 17.75 5.16
C LEU D 219 3.06 18.59 6.04
N ALA D 220 2.78 19.89 6.15
CA ALA D 220 3.52 20.78 7.02
C ALA D 220 3.40 20.32 8.46
N THR D 221 2.20 19.90 8.85
CA THR D 221 1.93 19.40 10.22
C THR D 221 2.79 18.16 10.55
N ARG D 222 2.87 17.20 9.62
CA ARG D 222 3.76 16.00 9.82
C ARG D 222 5.19 16.42 10.06
N ILE D 223 5.66 17.36 9.27
CA ILE D 223 7.06 17.82 9.40
C ILE D 223 7.31 18.51 10.75
N SER D 224 6.48 19.49 11.12
CA SER D 224 6.71 20.17 12.40
C SER D 224 6.52 19.21 13.56
N PHE D 225 5.55 18.29 13.45
CA PHE D 225 5.41 17.24 14.45
C PHE D 225 6.73 16.48 14.63
N MET D 226 7.34 16.03 13.52
CA MET D 226 8.55 15.21 13.61
C MET D 226 9.74 16.06 14.07
N ASN D 227 9.73 17.34 13.75
CA ASN D 227 10.80 18.22 14.23
C ASN D 227 10.76 18.40 15.77
N ASP D 228 9.56 18.52 16.33
CA ASP D 228 9.43 18.60 17.80
C ASP D 228 9.90 17.26 18.40
N VAL D 229 9.48 16.14 17.80
CA VAL D 229 9.93 14.84 18.29
C VAL D 229 11.46 14.71 18.17
N ALA D 230 12.04 15.13 17.03
CA ALA D 230 13.51 15.05 16.89
C ALA D 230 14.22 15.88 17.94
N ASN D 231 13.71 17.07 18.21
CA ASN D 231 14.39 17.97 19.17
C ASN D 231 14.33 17.40 20.60
N LEU D 232 13.20 16.73 20.91
CA LEU D 232 13.05 16.03 22.20
C LEU D 232 13.98 14.82 22.24
N CYS D 233 14.03 14.06 21.15
CA CYS D 233 14.95 12.91 21.05
C CYS D 233 16.40 13.25 21.46
N GLU D 234 16.92 14.42 21.04
CA GLU D 234 18.28 14.86 21.41
C GLU D 234 18.48 14.98 22.92
N ARG D 235 17.40 15.36 23.59
CA ARG D 235 17.47 15.65 25.02
C ARG D 235 17.30 14.41 25.87
N VAL D 236 16.61 13.41 25.34
CA VAL D 236 16.36 12.20 26.10
C VAL D 236 17.15 10.98 25.62
N GLY D 237 17.98 11.17 24.59
CA GLY D 237 18.86 10.10 24.18
C GLY D 237 18.20 9.05 23.31
N ALA D 238 17.13 9.42 22.59
CA ALA D 238 16.54 8.53 21.62
C ALA D 238 16.99 8.91 20.19
N ASP D 239 16.84 7.96 19.26
CA ASP D 239 17.25 8.09 17.87
C ASP D 239 16.01 8.32 16.99
N VAL D 240 15.88 9.57 16.52
CA VAL D 240 14.69 9.96 15.76
C VAL D 240 14.55 9.15 14.45
N SER D 241 15.64 8.65 13.88
CA SER D 241 15.51 7.82 12.69
C SER D 241 14.83 6.49 13.02
N MET D 242 15.16 5.93 14.20
CA MET D 242 14.49 4.73 14.67
C MET D 242 13.04 5.01 15.02
N VAL D 243 12.80 6.18 15.59
CA VAL D 243 11.40 6.60 15.90
C VAL D 243 10.55 6.73 14.62
N ARG D 244 11.10 7.34 13.58
CA ARG D 244 10.41 7.53 12.30
C ARG D 244 9.97 6.17 11.70
N LEU D 245 10.90 5.20 11.74
CA LEU D 245 10.62 3.85 11.27
C LEU D 245 9.54 3.19 12.14
N GLY D 246 9.61 3.47 13.44
CA GLY D 246 8.73 2.91 14.40
C GLY D 246 7.32 3.42 14.22
N ILE D 247 7.16 4.71 13.88
CA ILE D 247 5.79 5.20 13.72
C ILE D 247 5.27 5.08 12.29
N GLY D 248 6.16 5.29 11.33
CA GLY D 248 5.77 5.28 9.91
C GLY D 248 5.30 3.92 9.43
N SER D 249 5.73 2.86 10.13
CA SER D 249 5.29 1.49 9.87
C SER D 249 3.85 1.17 10.32
N ASP D 250 3.22 2.09 11.07
CA ASP D 250 1.79 1.99 11.36
C ASP D 250 1.08 2.46 10.09
N SER D 251 0.27 1.59 9.47
CA SER D 251 -0.38 1.94 8.17
C SER D 251 -1.32 3.13 8.27
N ARG D 252 -1.76 3.46 9.48
CA ARG D 252 -2.63 4.63 9.70
C ARG D 252 -1.82 5.94 9.60
N ILE D 253 -0.51 5.82 9.78
CA ILE D 253 0.40 6.98 9.71
C ILE D 253 1.15 7.05 8.36
N GLY D 254 1.80 5.98 7.96
CA GLY D 254 2.49 5.93 6.67
C GLY D 254 3.92 6.44 6.81
N SER D 255 4.79 6.04 5.89
CA SER D 255 6.22 6.29 6.02
C SER D 255 6.75 7.52 5.30
N LYS D 256 5.90 8.23 4.55
CA LYS D 256 6.34 9.38 3.74
C LYS D 256 6.21 10.71 4.48
N PHE D 257 7.03 11.70 4.10
CA PHE D 257 6.96 13.05 4.69
C PHE D 257 6.96 13.04 6.22
N LEU D 258 7.92 12.29 6.79
CA LEU D 258 8.15 12.23 8.26
C LEU D 258 9.61 12.62 8.59
N TYR D 259 10.31 13.21 7.64
CA TYR D 259 11.75 13.41 7.86
C TYR D 259 11.99 14.71 8.59
N PRO D 260 12.49 14.61 9.82
CA PRO D 260 12.83 15.87 10.48
C PRO D 260 14.10 16.49 9.85
N GLY D 261 14.37 17.75 10.17
CA GLY D 261 15.47 18.42 9.51
C GLY D 261 15.52 19.84 9.95
N CYS D 262 16.04 20.69 9.07
CA CYS D 262 16.22 22.11 9.33
C CYS D 262 15.01 22.94 8.92
N GLY D 263 13.89 22.23 8.74
CA GLY D 263 12.59 22.88 8.46
C GLY D 263 12.13 22.73 7.02
N TYR D 264 10.85 23.05 6.79
CA TYR D 264 10.36 23.10 5.41
C TYR D 264 10.46 24.53 4.86
N GLY D 265 10.79 24.59 3.57
CA GLY D 265 10.70 25.83 2.81
C GLY D 265 9.84 25.67 1.58
N GLY D 266 10.11 26.51 0.57
CA GLY D 266 9.29 26.61 -0.61
C GLY D 266 8.25 27.70 -0.37
N SER D 267 7.64 28.17 -1.44
CA SER D 267 6.57 29.16 -1.29
C SER D 267 5.28 28.51 -0.74
N CYS D 268 5.03 27.25 -1.14
CA CYS D 268 3.70 26.64 -0.92
C CYS D 268 3.27 26.28 0.50
N PHE D 269 4.06 25.47 1.21
CA PHE D 269 3.72 25.16 2.60
C PHE D 269 3.52 26.40 3.50
N PRO D 270 4.48 27.35 3.52
CA PRO D 270 4.29 28.53 4.37
C PRO D 270 3.07 29.35 3.94
N LYS D 271 2.94 29.55 2.65
CA LYS D 271 1.82 30.27 2.08
C LYS D 271 0.47 29.68 2.48
N ASP D 272 0.33 28.36 2.31
CA ASP D 272 -0.94 27.69 2.49
C ASP D 272 -1.32 27.48 3.96
N VAL D 273 -0.31 27.23 4.80
CA VAL D 273 -0.52 27.18 6.27
C VAL D 273 -1.03 28.55 6.70
N LYS D 274 -0.33 29.62 6.28
CA LYS D 274 -0.72 30.98 6.63
C LYS D 274 -2.11 31.36 6.07
N ALA D 275 -2.45 30.88 4.87
CA ALA D 275 -3.73 31.16 4.23
C ALA D 275 -4.88 30.61 5.07
N LEU D 276 -4.72 29.41 5.60
CA LEU D 276 -5.71 28.81 6.49
C LEU D 276 -5.77 29.53 7.83
N ILE D 277 -4.63 29.93 8.35
CA ILE D 277 -4.59 30.68 9.61
C ILE D 277 -5.44 31.95 9.42
N ARG D 278 -5.18 32.65 8.32
CA ARG D 278 -5.87 33.91 8.05
C ARG D 278 -7.36 33.69 7.73
N THR D 279 -7.69 32.66 6.95
CA THR D 279 -9.08 32.33 6.68
C THR D 279 -9.85 32.14 8.01
N ALA D 280 -9.23 31.39 8.92
CA ALA D 280 -9.81 31.20 10.24
C ALA D 280 -10.04 32.54 10.95
N GLU D 281 -9.03 33.38 10.99
CA GLU D 281 -9.13 34.68 11.67
C GLU D 281 -10.25 35.53 11.07
N ASP D 282 -10.37 35.53 9.74
CA ASP D 282 -11.47 36.19 9.02
C ASP D 282 -12.86 35.68 9.41
N ASN D 283 -12.95 34.52 10.04
CA ASN D 283 -14.25 33.95 10.39
C ASN D 283 -14.41 33.71 11.87
N GLY D 284 -13.62 34.44 12.67
CA GLY D 284 -13.66 34.34 14.13
C GLY D 284 -13.17 33.03 14.73
N TYR D 285 -12.35 32.30 13.99
CA TYR D 285 -11.87 30.99 14.41
C TYR D 285 -10.37 31.08 14.57
N ARG D 286 -9.73 30.00 15.02
CA ARG D 286 -8.29 30.01 15.15
C ARG D 286 -7.81 28.61 14.87
N MET D 287 -6.82 28.49 13.97
CA MET D 287 -6.24 27.18 13.64
C MET D 287 -5.09 26.91 14.61
N GLU D 288 -5.42 26.44 15.82
CA GLU D 288 -4.36 26.30 16.86
C GLU D 288 -3.26 25.33 16.46
N VAL D 289 -3.63 24.22 15.83
CA VAL D 289 -2.59 23.25 15.44
C VAL D 289 -1.66 23.89 14.40
N LEU D 290 -2.24 24.54 13.40
CA LEU D 290 -1.44 25.16 12.33
C LEU D 290 -0.58 26.33 12.82
N GLU D 291 -1.10 27.11 13.79
CA GLU D 291 -0.29 28.19 14.37
C GLU D 291 0.95 27.61 15.05
N ALA D 292 0.78 26.46 15.73
CA ALA D 292 1.92 25.80 16.38
C ALA D 292 2.90 25.23 15.35
N VAL D 293 2.35 24.62 14.31
CA VAL D 293 3.15 24.07 13.19
C VAL D 293 4.06 25.16 12.57
N GLU D 294 3.49 26.33 12.33
CA GLU D 294 4.25 27.46 11.82
C GLU D 294 5.32 27.96 12.82
N ARG D 295 4.98 28.04 14.12
CA ARG D 295 5.99 28.47 15.15
C ARG D 295 7.17 27.53 15.22
N VAL D 296 6.85 26.25 15.14
CA VAL D 296 7.88 25.20 15.22
C VAL D 296 8.79 25.27 14.01
N ASN D 297 8.21 25.47 12.82
CA ASN D 297 9.03 25.59 11.62
C ASN D 297 9.95 26.81 11.62
N GLU D 298 9.43 27.97 12.04
CA GLU D 298 10.27 29.17 12.20
C GLU D 298 11.46 28.93 13.09
N LYS D 299 11.24 28.39 14.29
CA LYS D 299 12.35 28.03 15.17
C LYS D 299 13.30 27.00 14.57
N GLN D 300 12.79 26.01 13.81
CA GLN D 300 13.64 24.94 13.30
C GLN D 300 14.69 25.49 12.32
N LYS D 301 14.34 26.56 11.62
CA LYS D 301 15.26 27.15 10.66
C LYS D 301 16.45 27.85 11.33
N SER D 302 16.39 28.04 12.66
CA SER D 302 17.54 28.57 13.44
C SER D 302 18.45 27.45 13.98
N ILE D 303 18.02 26.20 13.90
CA ILE D 303 18.73 25.11 14.60
C ILE D 303 20.17 24.87 14.14
N LEU D 304 20.39 24.97 12.82
CA LEU D 304 21.75 24.67 12.34
C LEU D 304 22.76 25.70 12.90
N PHE D 305 22.39 26.97 12.81
CA PHE D 305 23.23 28.01 13.36
C PHE D 305 23.44 27.83 14.85
N ASP D 306 22.36 27.53 15.57
CA ASP D 306 22.47 27.36 17.00
C ASP D 306 23.43 26.22 17.40
N LYS D 307 23.41 25.13 16.66
CA LYS D 307 24.31 23.99 16.91
C LYS D 307 25.78 24.42 16.68
N PHE D 308 25.99 25.19 15.61
CA PHE D 308 27.32 25.70 15.25
C PHE D 308 27.84 26.62 16.37
N SER D 309 27.04 27.60 16.77
CA SER D 309 27.42 28.53 17.84
C SER D 309 27.73 27.81 19.15
N THR D 310 26.83 26.91 19.54
CA THR D 310 26.98 26.14 20.78
C THR D 310 28.28 25.34 20.75
N TYR D 311 28.57 24.73 19.61
CA TYR D 311 29.75 23.91 19.46
C TYR D 311 31.02 24.75 19.69
N TYR D 312 31.02 25.97 19.16
CA TYR D 312 32.15 26.90 19.35
C TYR D 312 31.97 27.82 20.54
N LYS D 313 31.06 27.44 21.43
CA LYS D 313 30.87 28.09 22.73
C LYS D 313 30.58 29.57 22.53
N GLY D 314 29.83 29.86 21.47
CA GLY D 314 29.36 31.21 21.17
C GLY D 314 30.34 32.17 20.51
N ASN D 315 31.56 31.69 20.28
CA ASN D 315 32.63 32.49 19.72
C ASN D 315 32.83 32.08 18.27
N VAL D 316 32.12 32.78 17.39
CA VAL D 316 32.10 32.38 16.01
C VAL D 316 32.47 33.47 15.02
N GLN D 317 32.57 34.73 15.50
CA GLN D 317 32.84 35.82 14.58
C GLN D 317 34.18 35.61 13.85
N GLY D 318 34.17 35.80 12.53
CA GLY D 318 35.40 35.71 11.74
C GLY D 318 35.75 34.30 11.29
N ARG D 319 35.00 33.30 11.74
CA ARG D 319 35.19 31.93 11.25
C ARG D 319 34.62 31.76 9.86
N CYS D 320 35.32 31.01 9.03
CA CYS D 320 34.85 30.65 7.71
C CYS D 320 33.98 29.39 7.81
N VAL D 321 32.86 29.41 7.09
CA VAL D 321 31.99 28.23 7.01
C VAL D 321 31.60 27.92 5.55
N ALA D 322 31.20 26.69 5.30
CA ALA D 322 30.79 26.28 3.96
C ALA D 322 29.35 25.71 4.05
N ILE D 323 28.57 25.94 3.01
CA ILE D 323 27.17 25.45 2.95
C ILE D 323 27.01 24.65 1.67
N TRP D 324 26.55 23.40 1.82
CA TRP D 324 26.15 22.55 0.67
C TRP D 324 24.64 22.58 0.62
N GLY D 325 24.10 23.21 -0.43
CA GLY D 325 22.67 23.22 -0.68
C GLY D 325 22.09 24.57 -0.39
N LEU D 326 21.44 25.14 -1.40
CA LEU D 326 20.79 26.46 -1.23
C LEU D 326 19.30 26.47 -1.55
N SER D 327 18.91 25.71 -2.57
CA SER D 327 17.50 25.65 -2.95
C SER D 327 16.70 25.09 -1.75
N PHE D 328 15.38 25.30 -1.76
CA PHE D 328 14.55 24.88 -0.62
C PHE D 328 14.44 23.36 -0.53
N LYS D 329 14.67 22.66 -1.65
CA LYS D 329 14.72 21.20 -1.70
C LYS D 329 15.56 20.82 -2.93
N PRO D 330 15.97 19.55 -3.04
CA PRO D 330 16.76 19.18 -4.22
C PRO D 330 15.88 19.18 -5.50
N GLY D 331 16.48 19.45 -6.65
CA GLY D 331 15.79 19.36 -7.92
C GLY D 331 15.17 20.64 -8.44
N THR D 332 15.58 21.78 -7.86
CA THR D 332 15.06 23.07 -8.32
C THR D 332 16.06 24.18 -7.99
N ASP D 333 15.92 25.34 -8.66
CA ASP D 333 16.72 26.54 -8.31
C ASP D 333 15.96 27.45 -7.33
N ASP D 334 14.75 27.04 -6.99
CA ASP D 334 13.80 27.81 -6.21
C ASP D 334 14.29 27.90 -4.76
N MET D 335 14.51 29.14 -4.29
CA MET D 335 14.96 29.40 -2.93
C MET D 335 13.89 30.09 -2.05
N ARG D 336 12.64 30.11 -2.49
CA ARG D 336 11.62 30.86 -1.73
C ARG D 336 11.45 30.24 -0.38
N GLU D 337 11.52 31.06 0.68
CA GLU D 337 11.48 30.56 2.07
C GLU D 337 12.48 29.43 2.41
N ALA D 338 13.62 29.38 1.70
CA ALA D 338 14.61 28.33 1.94
C ALA D 338 15.23 28.43 3.34
N PRO D 339 15.36 27.28 4.04
CA PRO D 339 16.14 27.28 5.30
C PRO D 339 17.58 27.80 5.15
N SER D 340 18.18 27.64 3.97
CA SER D 340 19.52 28.18 3.69
C SER D 340 19.63 29.68 3.99
N LEU D 341 18.57 30.44 3.68
CA LEU D 341 18.64 31.90 3.74
C LEU D 341 18.61 32.38 5.21
N VAL D 342 17.92 31.60 6.02
CA VAL D 342 17.82 31.91 7.45
C VAL D 342 19.18 31.66 8.09
N LEU D 343 19.78 30.51 7.78
CA LEU D 343 21.19 30.22 8.13
C LEU D 343 22.18 31.31 7.67
N ILE D 344 22.17 31.62 6.40
CA ILE D 344 23.09 32.66 5.83
C ILE D 344 22.91 34.02 6.52
N GLU D 345 21.66 34.47 6.67
CA GLU D 345 21.39 35.73 7.39
C GLU D 345 22.02 35.76 8.78
N LYS D 346 21.83 34.71 9.57
CA LYS D 346 22.37 34.69 10.92
C LYS D 346 23.89 34.65 10.90
N LEU D 347 24.47 33.88 9.96
CA LEU D 347 25.93 33.84 9.80
C LEU D 347 26.49 35.24 9.51
N LEU D 348 25.82 35.97 8.63
CA LEU D 348 26.26 37.31 8.27
C LEU D 348 26.04 38.29 9.43
N GLU D 349 24.97 38.07 10.18
CA GLU D 349 24.70 38.91 11.36
C GLU D 349 25.75 38.80 12.46
N VAL D 350 26.43 37.64 12.57
CA VAL D 350 27.50 37.49 13.54
C VAL D 350 28.90 37.62 12.93
N GLY D 351 28.97 37.94 11.63
CA GLY D 351 30.25 38.18 10.98
C GLY D 351 31.06 36.94 10.63
N CYS D 352 30.40 35.84 10.26
CA CYS D 352 31.13 34.72 9.65
C CYS D 352 31.33 34.90 8.13
N ARG D 353 32.41 34.32 7.61
CA ARG D 353 32.68 34.30 6.18
C ARG D 353 31.97 33.09 5.61
N VAL D 354 31.13 33.30 4.60
CA VAL D 354 30.29 32.20 4.07
C VAL D 354 30.62 31.80 2.63
N ARG D 355 31.03 30.56 2.45
CA ARG D 355 31.22 29.96 1.11
C ARG D 355 30.05 29.04 0.81
N VAL D 356 29.49 29.14 -0.38
CA VAL D 356 28.28 28.34 -0.71
C VAL D 356 28.48 27.54 -2.00
N TYR D 357 27.81 26.39 -2.09
CA TYR D 357 27.73 25.63 -3.35
C TYR D 357 26.35 24.96 -3.41
N ASP D 358 25.77 24.97 -4.61
CA ASP D 358 24.55 24.28 -4.92
C ASP D 358 24.67 23.96 -6.40
N PRO D 359 24.33 22.72 -6.81
CA PRO D 359 24.50 22.31 -8.24
C PRO D 359 23.71 23.15 -9.25
N VAL D 360 22.63 23.79 -8.78
CA VAL D 360 21.69 24.41 -9.69
C VAL D 360 21.31 25.86 -9.29
N ALA D 361 21.29 26.15 -7.98
CA ALA D 361 20.67 27.37 -7.44
C ALA D 361 21.57 28.61 -7.27
N MET D 362 22.83 28.52 -7.68
CA MET D 362 23.77 29.62 -7.39
C MET D 362 23.46 30.91 -8.14
N LYS D 363 22.94 30.83 -9.38
CA LYS D 363 22.49 32.04 -10.07
C LYS D 363 21.35 32.76 -9.33
N GLU D 364 20.39 31.98 -8.82
CA GLU D 364 19.36 32.52 -7.97
C GLU D 364 19.89 33.10 -6.65
N ALA D 365 20.89 32.42 -6.05
CA ALA D 365 21.47 32.87 -4.78
C ALA D 365 22.18 34.20 -4.98
N GLN D 366 22.84 34.35 -6.13
CA GLN D 366 23.56 35.61 -6.42
C GLN D 366 22.57 36.73 -6.64
N LYS D 367 21.43 36.46 -7.29
CA LYS D 367 20.40 37.47 -7.40
C LYS D 367 19.95 37.94 -5.99
N ARG D 368 19.86 37.00 -5.06
CA ARG D 368 19.36 37.29 -3.72
C ARG D 368 20.43 37.88 -2.79
N LEU D 369 21.68 37.43 -2.91
CA LEU D 369 22.70 37.75 -1.93
C LEU D 369 23.83 38.63 -2.45
N GLY D 370 23.98 38.74 -3.77
CA GLY D 370 25.09 39.53 -4.31
C GLY D 370 26.43 39.08 -3.77
N ASP D 371 27.25 40.03 -3.33
CA ASP D 371 28.61 39.70 -2.91
C ASP D 371 28.72 39.31 -1.43
N LYS D 372 27.58 38.98 -0.79
CA LYS D 372 27.55 38.72 0.68
C LYS D 372 28.23 37.39 1.04
N VAL D 373 28.15 36.44 0.11
CA VAL D 373 28.72 35.11 0.25
C VAL D 373 29.64 34.85 -0.95
N GLU D 374 30.52 33.86 -0.79
CA GLU D 374 31.39 33.46 -1.88
C GLU D 374 30.79 32.25 -2.58
N TYR D 375 30.63 32.34 -3.91
CA TYR D 375 30.11 31.22 -4.73
C TYR D 375 31.28 30.36 -5.17
N THR D 376 31.15 29.04 -5.08
CA THR D 376 32.29 28.15 -5.32
C THR D 376 31.92 27.18 -6.45
N THR D 377 32.92 26.47 -6.98
CA THR D 377 32.74 25.75 -8.26
C THR D 377 32.18 24.34 -8.10
N ASP D 378 32.38 23.74 -6.94
CA ASP D 378 31.89 22.40 -6.64
C ASP D 378 31.93 22.19 -5.14
N MET D 379 31.44 21.05 -4.66
CA MET D 379 31.35 20.78 -3.20
C MET D 379 32.68 20.84 -2.45
N TYR D 380 33.76 20.35 -3.08
CA TYR D 380 35.10 20.34 -2.48
C TYR D 380 35.74 21.73 -2.46
N ASP D 381 35.56 22.50 -3.53
CA ASP D 381 35.98 23.90 -3.51
C ASP D 381 35.32 24.69 -2.35
N ALA D 382 34.05 24.41 -2.12
CA ALA D 382 33.28 25.10 -1.06
C ALA D 382 33.93 25.04 0.32
N VAL D 383 34.49 23.90 0.68
CA VAL D 383 34.96 23.63 2.04
C VAL D 383 36.37 24.13 2.34
N ARG D 384 37.08 24.64 1.32
CA ARG D 384 38.48 25.08 1.53
C ARG D 384 38.55 26.14 2.64
N GLY D 385 39.23 25.80 3.72
CA GLY D 385 39.42 26.68 4.86
C GLY D 385 38.25 26.82 5.83
N ALA D 386 37.19 26.06 5.59
CA ALA D 386 35.97 26.14 6.43
C ALA D 386 36.16 25.49 7.81
N GLU D 387 35.61 26.11 8.85
CA GLU D 387 35.56 25.56 10.22
C GLU D 387 34.27 24.81 10.58
N ALA D 388 33.32 24.80 9.63
CA ALA D 388 32.08 24.01 9.72
C ALA D 388 31.56 23.86 8.33
N LEU D 389 30.94 22.71 8.08
CA LEU D 389 30.23 22.42 6.83
C LEU D 389 28.77 22.18 7.22
N PHE D 390 27.83 22.93 6.64
CA PHE D 390 26.41 22.70 6.81
C PHE D 390 25.84 22.04 5.56
N HIS D 391 25.14 20.94 5.77
CA HIS D 391 24.49 20.24 4.68
C HIS D 391 22.99 20.54 4.83
N VAL D 392 22.52 21.42 3.96
CA VAL D 392 21.17 22.01 4.13
C VAL D 392 20.14 21.39 3.18
N THR D 393 20.56 20.99 1.98
CA THR D 393 19.64 20.53 0.93
C THR D 393 20.25 19.31 0.30
N GLU D 394 19.54 18.19 0.46
CA GLU D 394 20.14 16.87 0.20
C GLU D 394 20.22 16.48 -1.29
N TRP D 395 20.80 17.36 -2.11
CA TRP D 395 21.17 17.02 -3.48
C TRP D 395 21.98 15.72 -3.50
N LYS D 396 21.75 14.90 -4.51
CA LYS D 396 22.40 13.58 -4.50
C LYS D 396 23.92 13.57 -4.55
N GLU D 397 24.54 14.54 -5.25
CA GLU D 397 26.00 14.52 -5.35
C GLU D 397 26.70 14.68 -4.00
N PHE D 398 25.98 15.22 -3.00
CA PHE D 398 26.50 15.31 -1.64
C PHE D 398 26.48 14.02 -0.81
N ARG D 399 25.89 12.95 -1.34
CA ARG D 399 25.52 11.82 -0.51
C ARG D 399 26.68 10.95 -0.03
N MET D 400 27.67 10.76 -0.91
CA MET D 400 28.84 9.89 -0.67
C MET D 400 30.12 10.71 -0.80
N PRO D 401 30.41 11.55 0.22
CA PRO D 401 31.59 12.42 0.11
C PRO D 401 32.89 11.71 0.46
N ASP D 402 33.98 12.16 -0.16
CA ASP D 402 35.35 11.76 0.15
C ASP D 402 35.78 12.51 1.41
N TRP D 403 35.57 11.87 2.55
CA TRP D 403 35.80 12.51 3.83
C TRP D 403 37.24 12.89 4.06
N SER D 404 38.18 12.08 3.55
CA SER D 404 39.59 12.43 3.69
C SER D 404 39.92 13.72 2.97
N ALA D 405 39.39 13.88 1.76
CA ALA D 405 39.58 15.09 0.98
C ALA D 405 39.00 16.28 1.72
N LEU D 406 37.78 16.13 2.24
CA LEU D 406 37.17 17.18 3.08
C LEU D 406 38.05 17.51 4.28
N SER D 407 38.57 16.48 4.96
CA SER D 407 39.42 16.69 6.11
C SER D 407 40.67 17.52 5.74
N GLN D 408 41.29 17.17 4.62
CA GLN D 408 42.49 17.88 4.18
C GLN D 408 42.19 19.33 3.80
N ALA D 409 41.03 19.59 3.18
CA ALA D 409 40.68 20.93 2.67
C ALA D 409 40.16 21.88 3.74
N MET D 410 39.47 21.33 4.74
CA MET D 410 38.85 22.11 5.82
C MET D 410 39.86 22.54 6.89
N ALA D 411 39.56 23.67 7.54
CA ALA D 411 40.33 24.12 8.71
C ALA D 411 39.95 23.35 9.97
N ALA D 412 38.70 22.87 10.05
CA ALA D 412 38.27 21.95 11.10
C ALA D 412 37.24 20.99 10.54
N SER D 413 37.32 19.73 10.98
CA SER D 413 36.52 18.65 10.44
C SER D 413 35.21 18.57 11.23
N LEU D 414 34.31 19.50 10.93
CA LEU D 414 33.01 19.57 11.62
C LEU D 414 31.93 19.66 10.55
N VAL D 415 31.00 18.71 10.59
CA VAL D 415 29.87 18.68 9.67
C VAL D 415 28.56 18.78 10.46
N ILE D 416 27.69 19.67 10.01
CA ILE D 416 26.42 19.91 10.69
C ILE D 416 25.34 19.60 9.64
N ASP D 417 24.61 18.51 9.87
CA ASP D 417 23.75 17.92 8.83
C ASP D 417 22.27 18.21 9.13
N GLY D 418 21.67 19.10 8.34
CA GLY D 418 20.30 19.51 8.53
C GLY D 418 19.29 18.60 7.86
N ARG D 419 19.79 17.50 7.27
CA ARG D 419 18.87 16.55 6.58
C ARG D 419 19.07 15.08 6.98
N ASN D 420 19.88 14.85 8.02
CA ASN D 420 20.09 13.47 8.57
C ASN D 420 20.35 12.39 7.50
N VAL D 421 21.35 12.67 6.64
CA VAL D 421 21.76 11.70 5.57
C VAL D 421 23.06 10.99 5.91
N TYR D 422 23.90 11.59 6.75
CA TYR D 422 25.26 11.05 6.96
C TYR D 422 25.42 10.20 8.20
N GLU D 423 26.28 9.18 8.02
CA GLU D 423 26.85 8.40 9.12
C GLU D 423 28.33 8.42 8.82
N LEU D 424 29.13 8.71 9.83
CA LEU D 424 30.58 8.81 9.65
C LEU D 424 31.18 7.41 9.53
N PRO D 425 32.23 7.25 8.68
CA PRO D 425 33.08 6.05 8.58
C PRO D 425 33.61 5.68 9.97
N ASP D 429 37.78 11.01 12.16
CA ASP D 429 38.35 12.36 12.31
C ASP D 429 37.28 13.47 12.37
N PHE D 430 36.12 13.23 11.79
CA PHE D 430 35.04 14.23 11.83
C PHE D 430 34.21 14.19 13.08
N THR D 431 33.64 15.34 13.42
CA THR D 431 32.54 15.45 14.35
C THR D 431 31.29 15.76 13.54
N LEU D 432 30.24 15.01 13.80
CA LEU D 432 28.98 15.16 13.07
C LEU D 432 27.90 15.60 14.03
N LEU D 433 27.26 16.71 13.73
CA LEU D 433 26.09 17.19 14.45
C LEU D 433 24.89 17.02 13.54
N ASN D 434 23.78 16.49 14.05
CA ASN D 434 22.58 16.44 13.24
C ASN D 434 21.30 16.70 14.03
N ILE D 435 20.14 16.49 13.41
CA ILE D 435 18.87 16.82 14.02
C ILE D 435 18.33 15.57 14.71
N GLY D 436 18.33 15.54 16.04
CA GLY D 436 17.79 14.38 16.73
C GLY D 436 18.54 13.03 16.67
#